data_3ZQA
#
_entry.id   3ZQA
#
_cell.length_a   151.439
_cell.length_b   151.439
_cell.length_c   241.752
_cell.angle_alpha   90.00
_cell.angle_beta   90.00
_cell.angle_gamma   120.00
#
_symmetry.space_group_name_H-M   'P 32 2 1'
#
loop_
_entity.id
_entity.type
_entity.pdbx_description
1 polymer 'BETAINE ALDEHYDE DEHYDROGENASE'
2 non-polymer GLYCEROL
3 non-polymer 'TETRAETHYLENE GLYCOL'
4 non-polymer 1,2-ETHANEDIOL
5 non-polymer 'NADPH DIHYDRO-NICOTINAMIDE-ADENINE-DINUCLEOTIDE PHOSPHATE'
6 non-polymer 'POTASSIUM ION'
7 non-polymer 2-[2-(2-METHOXY-ETHOXY)-ETHOXY]-ETHOXYL
8 water water
#
_entity_poly.entity_id   1
_entity_poly.type   'polypeptide(L)'
_entity_poly.pdbx_seq_one_letter_code
;MARFEEQKLYIGGRYVEASSGATFETINPANGEVLAKVQRASREDVERAVQSAVEGQKVWAAMTAMQRSRILRRAVDILR
ERNDELAALETLDTGKPLAETRSVDIVTGADVLEYYAGLVPAIEGEQIPLRETSFVYTRREPLGVVAGIGAWNYPVQIAL
WKSAPALAAGNAMIFKPSEVTPLTALKLAEIYTEAGVPDGVFNVLTGSGREVGQWLTEHPLIEKISFTGGTSTGKKVMAS
ASSSSLKEVTMELGGKSPLIIFPDADLDRAADIAVMANFFSSGQVATNGTRVFIHRSQQARFEAKVLERVQRIRLGDPQD
ENTNFGPLVSFPHMESVLGYIESGKAQKARLLCGGERVTDGAFGKGAYVAPTVFTDCRDDMTIVREEIFGPVMSILVYDD
EDEAIRRANDTEYGLAAGVVTQDLARAHRAIHRLEAGICWINTWGESPAEMPVGGYKQSGVGRENGLTTLAHYTRIKSVQ
VELGDYASVF
;
_entity_poly.pdbx_strand_id   A,B,C,D
#
loop_
_chem_comp.id
_chem_comp.type
_chem_comp.name
_chem_comp.formula
EDO non-polymer 1,2-ETHANEDIOL 'C2 H6 O2'
GOL non-polymer GLYCEROL 'C3 H8 O3'
K non-polymer 'POTASSIUM ION' 'K 1'
NDP non-polymer 'NADPH DIHYDRO-NICOTINAMIDE-ADENINE-DINUCLEOTIDE PHOSPHATE' 'C21 H30 N7 O17 P3'
PG4 non-polymer 'TETRAETHYLENE GLYCOL' 'C8 H18 O5'
TOE non-polymer 2-[2-(2-METHOXY-ETHOXY)-ETHOXY]-ETHOXYL 'C7 H16 O4'
#
# COMPACT_ATOMS: atom_id res chain seq x y z
N ALA A 2 -37.62 -26.98 -27.32
CA ALA A 2 -36.56 -26.02 -26.97
C ALA A 2 -35.68 -25.63 -28.15
N ARG A 3 -35.21 -24.39 -28.11
CA ARG A 3 -34.34 -23.88 -29.15
C ARG A 3 -32.98 -24.59 -29.14
N PHE A 4 -32.39 -24.74 -27.97
CA PHE A 4 -31.08 -25.35 -27.87
C PHE A 4 -31.18 -26.74 -27.25
N GLU A 5 -30.12 -27.53 -27.42
CA GLU A 5 -30.08 -28.87 -26.87
C GLU A 5 -30.02 -28.72 -25.36
N GLU A 6 -30.17 -29.84 -24.65
CA GLU A 6 -30.23 -29.82 -23.19
C GLU A 6 -28.92 -29.36 -22.56
N GLN A 7 -29.02 -28.51 -21.55
CA GLN A 7 -27.85 -27.95 -20.85
C GLN A 7 -27.47 -28.78 -19.63
N LYS A 8 -26.23 -29.24 -19.61
CA LYS A 8 -25.74 -30.11 -18.53
C LYS A 8 -24.83 -29.37 -17.56
N LEU A 9 -24.44 -30.06 -16.49
CA LEU A 9 -23.53 -29.47 -15.53
C LEU A 9 -22.15 -29.34 -16.17
N TYR A 10 -21.34 -28.42 -15.63
CA TYR A 10 -19.97 -28.29 -16.10
C TYR A 10 -19.00 -28.52 -14.93
N ILE A 11 -18.36 -29.70 -14.92
CA ILE A 11 -17.44 -30.05 -13.84
C ILE A 11 -16.15 -30.69 -14.36
N GLY A 12 -15.01 -30.13 -13.99
CA GLY A 12 -13.73 -30.68 -14.40
C GLY A 12 -13.45 -30.56 -15.89
N GLY A 13 -13.70 -29.39 -16.46
CA GLY A 13 -13.26 -29.11 -17.81
C GLY A 13 -14.14 -29.70 -18.91
N ARG A 14 -15.37 -30.07 -18.54
CA ARG A 14 -16.27 -30.72 -19.48
C ARG A 14 -17.68 -30.71 -18.93
N TYR A 15 -18.66 -30.97 -19.78
CA TYR A 15 -20.04 -31.17 -19.33
C TYR A 15 -20.25 -32.56 -18.76
N VAL A 16 -20.91 -32.65 -17.62
CA VAL A 16 -21.26 -33.94 -17.03
C VAL A 16 -22.76 -34.03 -16.72
N GLU A 17 -23.31 -35.24 -16.73
CA GLU A 17 -24.71 -35.49 -16.41
C GLU A 17 -25.00 -35.23 -14.95
N ALA A 18 -26.06 -34.46 -14.70
CA ALA A 18 -26.50 -34.22 -13.33
C ALA A 18 -27.00 -35.56 -12.81
N SER A 19 -27.17 -35.70 -11.52
CA SER A 19 -27.66 -36.95 -10.97
C SER A 19 -28.90 -36.71 -10.11
N SER A 20 -29.77 -35.80 -10.54
CA SER A 20 -30.91 -35.41 -9.72
C SER A 20 -32.19 -36.01 -10.29
N GLY A 21 -32.13 -36.34 -11.58
CA GLY A 21 -33.31 -36.80 -12.31
C GLY A 21 -34.19 -35.66 -12.78
N ALA A 22 -33.80 -34.42 -12.48
CA ALA A 22 -34.65 -33.27 -12.75
C ALA A 22 -34.03 -32.20 -13.67
N THR A 23 -34.90 -31.45 -14.32
CA THR A 23 -34.51 -30.31 -15.14
C THR A 23 -35.46 -29.14 -14.95
N PHE A 24 -35.07 -27.98 -15.46
CA PHE A 24 -35.97 -26.81 -15.53
C PHE A 24 -35.82 -26.20 -16.92
N GLU A 25 -36.71 -25.28 -17.28
CA GLU A 25 -36.59 -24.62 -18.58
C GLU A 25 -36.18 -23.17 -18.38
N THR A 26 -35.44 -22.64 -19.34
CA THR A 26 -35.18 -21.22 -19.37
C THR A 26 -35.86 -20.62 -20.60
N ILE A 27 -36.44 -19.44 -20.40
CA ILE A 27 -37.41 -18.86 -21.33
C ILE A 27 -36.94 -17.54 -21.94
N ASN A 28 -37.16 -17.32 -23.21
CA ASN A 28 -36.91 -16.01 -23.76
C ASN A 28 -38.09 -15.09 -23.42
N PRO A 29 -37.86 -14.08 -22.56
CA PRO A 29 -38.95 -13.24 -22.03
C PRO A 29 -39.53 -12.30 -23.09
N ALA A 30 -38.88 -12.15 -24.21
CA ALA A 30 -39.41 -11.33 -25.29
C ALA A 30 -40.61 -11.99 -25.96
N ASN A 31 -40.63 -13.33 -26.01
CA ASN A 31 -41.69 -14.06 -26.72
C ASN A 31 -42.17 -15.34 -26.01
N GLY A 32 -41.62 -15.60 -24.82
CA GLY A 32 -41.95 -16.77 -24.04
C GLY A 32 -41.40 -18.09 -24.55
N GLU A 33 -40.63 -18.01 -25.63
CA GLU A 33 -39.97 -19.19 -26.21
C GLU A 33 -39.19 -20.01 -25.18
N VAL A 34 -39.24 -21.35 -25.30
CA VAL A 34 -38.41 -22.19 -24.44
C VAL A 34 -37.02 -22.36 -25.08
N LEU A 35 -36.00 -21.81 -24.42
CA LEU A 35 -34.64 -21.83 -24.97
C LEU A 35 -33.93 -23.15 -24.70
N ALA A 36 -34.08 -23.68 -23.49
CA ALA A 36 -33.41 -24.92 -23.14
C ALA A 36 -33.96 -25.60 -21.90
N LYS A 37 -33.80 -26.91 -21.88
CA LYS A 37 -33.99 -27.77 -20.75
CA LYS A 37 -34.00 -27.76 -20.74
C LYS A 37 -32.66 -27.67 -20.04
N VAL A 38 -32.63 -27.50 -18.74
CA VAL A 38 -31.35 -27.34 -18.05
C VAL A 38 -31.39 -28.26 -16.83
N GLN A 39 -30.27 -28.90 -16.54
CA GLN A 39 -30.26 -29.91 -15.49
C GLN A 39 -30.15 -29.31 -14.09
N ARG A 40 -30.74 -29.98 -13.12
CA ARG A 40 -30.69 -29.54 -11.74
C ARG A 40 -29.61 -30.32 -11.06
N ALA A 41 -28.69 -29.63 -10.40
CA ALA A 41 -27.59 -30.32 -9.76
C ALA A 41 -28.11 -30.96 -8.49
N SER A 42 -27.77 -32.22 -8.27
CA SER A 42 -28.16 -32.89 -7.03
C SER A 42 -27.21 -32.49 -5.91
N ARG A 43 -27.59 -32.82 -4.69
CA ARG A 43 -26.70 -32.63 -3.57
C ARG A 43 -25.36 -33.37 -3.79
N GLU A 44 -25.39 -34.53 -4.44
N GLU A 44 -25.40 -34.52 -4.44
CA GLU A 44 -24.17 -35.28 -4.71
CA GLU A 44 -24.16 -35.25 -4.68
C GLU A 44 -23.35 -34.62 -5.82
C GLU A 44 -23.34 -34.63 -5.82
N ASP A 45 -24.03 -33.93 -6.74
CA ASP A 45 -23.35 -33.20 -7.81
C ASP A 45 -22.53 -32.07 -7.23
N VAL A 46 -23.04 -31.47 -6.15
CA VAL A 46 -22.32 -30.42 -5.45
C VAL A 46 -21.04 -30.98 -4.86
N GLU A 47 -21.16 -32.13 -4.20
CA GLU A 47 -20.00 -32.85 -3.69
C GLU A 47 -19.02 -33.13 -4.83
N ARG A 48 -19.52 -33.61 -5.95
CA ARG A 48 -18.63 -33.91 -7.06
C ARG A 48 -17.86 -32.65 -7.47
N ALA A 49 -18.59 -31.54 -7.62
CA ALA A 49 -17.99 -30.26 -8.04
C ALA A 49 -16.98 -29.73 -7.02
N VAL A 50 -17.25 -29.92 -5.73
CA VAL A 50 -16.32 -29.48 -4.70
C VAL A 50 -15.02 -30.27 -4.77
N GLN A 51 -15.12 -31.59 -4.89
CA GLN A 51 -13.92 -32.42 -5.00
C GLN A 51 -13.14 -32.09 -6.26
N SER A 52 -13.85 -31.82 -7.36
CA SER A 52 -13.20 -31.40 -8.60
C SER A 52 -12.44 -30.11 -8.39
N ALA A 53 -13.08 -29.16 -7.71
CA ALA A 53 -12.48 -27.84 -7.44
C ALA A 53 -11.29 -27.96 -6.50
N VAL A 54 -11.39 -28.83 -5.50
CA VAL A 54 -10.31 -28.98 -4.56
C VAL A 54 -9.06 -29.38 -5.32
N GLU A 55 -9.16 -30.43 -6.14
CA GLU A 55 -8.02 -30.89 -6.91
C GLU A 55 -7.53 -29.90 -7.99
N GLY A 56 -8.46 -29.22 -8.65
CA GLY A 56 -8.09 -28.25 -9.67
C GLY A 56 -7.39 -27.06 -9.05
N GLN A 57 -7.80 -26.68 -7.84
CA GLN A 57 -7.21 -25.52 -7.18
C GLN A 57 -5.74 -25.76 -6.89
N LYS A 58 -5.37 -27.01 -6.61
CA LYS A 58 -3.98 -27.33 -6.34
C LYS A 58 -3.14 -27.17 -7.59
N VAL A 59 -3.68 -27.59 -8.72
CA VAL A 59 -2.95 -27.46 -9.97
C VAL A 59 -2.74 -25.99 -10.29
N TRP A 60 -3.78 -25.20 -10.04
CA TRP A 60 -3.83 -23.79 -10.42
C TRP A 60 -2.88 -22.98 -9.54
N ALA A 61 -2.87 -23.31 -8.25
CA ALA A 61 -2.02 -22.60 -7.31
C ALA A 61 -0.54 -22.95 -7.51
N ALA A 62 -0.26 -24.12 -8.08
CA ALA A 62 1.12 -24.57 -8.21
C ALA A 62 1.80 -23.86 -9.36
N MET A 63 1.01 -23.38 -10.31
CA MET A 63 1.57 -22.54 -11.38
C MET A 63 2.25 -21.31 -10.78
N THR A 64 3.00 -20.59 -11.62
CA THR A 64 3.55 -19.31 -11.23
C THR A 64 2.51 -18.23 -11.45
N ALA A 65 2.67 -17.14 -10.70
CA ALA A 65 1.84 -15.96 -10.88
C ALA A 65 1.65 -15.59 -12.35
N MET A 66 2.72 -15.54 -13.14
CA MET A 66 2.62 -15.09 -14.53
C MET A 66 1.95 -16.14 -15.42
N GLN A 67 2.09 -17.41 -15.07
CA GLN A 67 1.38 -18.48 -15.76
C GLN A 67 -0.15 -18.37 -15.66
N ARG A 68 -0.63 -18.11 -14.45
CA ARG A 68 -2.03 -17.80 -14.21
C ARG A 68 -2.47 -16.53 -14.99
N SER A 69 -1.65 -15.48 -14.92
CA SER A 69 -1.94 -14.23 -15.61
C SER A 69 -2.11 -14.42 -17.13
N ARG A 70 -1.18 -15.15 -17.76
CA ARG A 70 -1.31 -15.43 -19.19
C ARG A 70 -2.58 -16.21 -19.53
N ILE A 71 -2.93 -17.18 -18.69
CA ILE A 71 -4.12 -17.97 -18.93
C ILE A 71 -5.39 -17.09 -18.87
N LEU A 72 -5.50 -16.26 -17.83
CA LEU A 72 -6.63 -15.34 -17.75
C LEU A 72 -6.67 -14.35 -18.91
N ARG A 73 -5.49 -13.91 -19.39
CA ARG A 73 -5.42 -12.93 -20.49
C ARG A 73 -5.92 -13.53 -21.81
N ARG A 74 -5.61 -14.81 -21.99
CA ARG A 74 -6.09 -15.59 -23.12
C ARG A 74 -7.63 -15.74 -23.05
N ALA A 75 -8.15 -15.96 -21.85
CA ALA A 75 -9.58 -15.99 -21.62
C ALA A 75 -10.20 -14.63 -22.01
N VAL A 76 -9.52 -13.56 -21.62
CA VAL A 76 -9.92 -12.23 -22.05
C VAL A 76 -9.92 -12.15 -23.58
N ASP A 77 -8.88 -12.68 -24.22
CA ASP A 77 -8.80 -12.61 -25.69
C ASP A 77 -9.97 -13.32 -26.40
N ILE A 78 -10.35 -14.49 -25.89
CA ILE A 78 -11.46 -15.24 -26.45
C ILE A 78 -12.77 -14.47 -26.27
N LEU A 79 -12.93 -13.86 -25.10
CA LEU A 79 -14.11 -13.03 -24.83
C LEU A 79 -14.26 -11.88 -25.84
N ARG A 80 -13.16 -11.22 -26.18
CA ARG A 80 -13.23 -10.13 -27.14
C ARG A 80 -13.69 -10.67 -28.49
N GLU A 81 -13.11 -11.80 -28.90
CA GLU A 81 -13.48 -12.45 -30.16
C GLU A 81 -15.00 -12.74 -30.16
N ARG A 82 -15.47 -13.32 -29.06
CA ARG A 82 -16.82 -13.85 -29.05
C ARG A 82 -17.84 -12.92 -28.42
N ASN A 83 -17.42 -11.67 -28.18
CA ASN A 83 -18.30 -10.65 -27.63
C ASN A 83 -19.72 -10.68 -28.22
N ASP A 84 -19.82 -10.60 -29.54
CA ASP A 84 -21.11 -10.47 -30.21
C ASP A 84 -21.95 -11.74 -30.08
N GLU A 85 -21.29 -12.88 -30.27
CA GLU A 85 -21.93 -14.18 -30.14
C GLU A 85 -22.47 -14.32 -28.72
N LEU A 86 -21.64 -13.98 -27.73
CA LEU A 86 -22.05 -14.05 -26.34
C LEU A 86 -23.18 -13.06 -26.04
N ALA A 87 -23.07 -11.85 -26.60
CA ALA A 87 -24.14 -10.87 -26.44
C ALA A 87 -25.48 -11.40 -26.98
N ALA A 88 -25.47 -11.97 -28.18
CA ALA A 88 -26.68 -12.54 -28.77
C ALA A 88 -27.32 -13.51 -27.80
N LEU A 89 -26.52 -14.42 -27.25
CA LEU A 89 -27.02 -15.41 -26.30
C LEU A 89 -27.59 -14.75 -25.03
N GLU A 90 -26.87 -13.78 -24.47
CA GLU A 90 -27.34 -13.08 -23.26
C GLU A 90 -28.67 -12.36 -23.50
N THR A 91 -28.81 -11.76 -24.69
CA THR A 91 -30.05 -11.13 -25.06
C THR A 91 -31.23 -12.13 -25.04
N LEU A 92 -31.06 -13.31 -25.63
CA LEU A 92 -32.14 -14.29 -25.66
C LEU A 92 -32.56 -14.61 -24.23
N ASP A 93 -31.56 -14.77 -23.39
CA ASP A 93 -31.77 -15.28 -22.05
C ASP A 93 -32.25 -14.18 -21.10
N THR A 94 -32.02 -12.91 -21.39
CA THR A 94 -32.41 -11.90 -20.41
C THR A 94 -33.47 -10.97 -20.92
N GLY A 95 -33.66 -10.91 -22.24
CA GLY A 95 -34.53 -9.90 -22.83
C GLY A 95 -33.86 -8.54 -23.05
N LYS A 96 -32.67 -8.33 -22.51
CA LYS A 96 -31.98 -7.04 -22.67
C LYS A 96 -31.58 -6.78 -24.12
N PRO A 97 -31.73 -5.54 -24.58
CA PRO A 97 -31.40 -5.23 -25.98
C PRO A 97 -29.95 -5.57 -26.41
N LEU A 98 -29.84 -6.03 -27.66
CA LEU A 98 -28.56 -6.27 -28.28
C LEU A 98 -27.66 -5.06 -28.07
N ALA A 99 -28.25 -3.87 -28.19
CA ALA A 99 -27.49 -2.62 -28.11
C ALA A 99 -26.79 -2.51 -26.75
N GLU A 100 -27.37 -3.10 -25.71
CA GLU A 100 -26.70 -3.12 -24.41
C GLU A 100 -25.75 -4.29 -24.28
N THR A 101 -26.23 -5.50 -24.58
CA THR A 101 -25.40 -6.69 -24.36
C THR A 101 -24.14 -6.69 -25.24
N ARG A 102 -24.21 -6.06 -26.40
CA ARG A 102 -23.04 -5.99 -27.29
C ARG A 102 -21.97 -5.00 -26.85
N SER A 103 -22.35 -4.04 -26.01
N SER A 103 -22.36 -4.04 -26.01
CA SER A 103 -21.44 -2.95 -25.67
CA SER A 103 -21.47 -2.93 -25.67
C SER A 103 -21.14 -2.85 -24.17
C SER A 103 -21.14 -2.86 -24.19
N VAL A 104 -21.91 -3.56 -23.37
CA VAL A 104 -21.76 -3.48 -21.91
C VAL A 104 -21.34 -4.79 -21.23
N ASP A 105 -22.23 -5.79 -21.29
CA ASP A 105 -22.10 -7.03 -20.53
C ASP A 105 -20.79 -7.79 -20.67
N ILE A 106 -20.41 -8.15 -21.89
CA ILE A 106 -19.16 -8.86 -22.08
C ILE A 106 -17.97 -7.88 -22.06
N VAL A 107 -18.09 -6.75 -22.76
CA VAL A 107 -17.07 -5.70 -22.68
C VAL A 107 -16.56 -5.48 -21.25
N THR A 108 -17.48 -5.20 -20.34
CA THR A 108 -17.11 -4.83 -18.96
C THR A 108 -16.89 -6.04 -18.05
N GLY A 109 -17.42 -7.19 -18.44
CA GLY A 109 -17.15 -8.40 -17.68
C GLY A 109 -15.69 -8.73 -17.94
N ALA A 110 -15.33 -8.69 -19.22
CA ALA A 110 -13.96 -8.91 -19.64
C ALA A 110 -13.02 -7.81 -19.13
N ASP A 111 -13.47 -6.57 -19.09
CA ASP A 111 -12.62 -5.49 -18.57
C ASP A 111 -12.11 -5.88 -17.19
N VAL A 112 -12.98 -6.46 -16.38
CA VAL A 112 -12.61 -6.79 -15.00
C VAL A 112 -11.68 -8.00 -14.94
N LEU A 113 -11.90 -8.98 -15.80
CA LEU A 113 -11.04 -10.15 -15.84
C LEU A 113 -9.65 -9.68 -16.26
N GLU A 114 -9.62 -8.84 -17.29
CA GLU A 114 -8.39 -8.26 -17.83
C GLU A 114 -7.61 -7.46 -16.78
N TYR A 115 -8.33 -6.60 -16.05
CA TYR A 115 -7.77 -5.89 -14.89
C TYR A 115 -7.09 -6.86 -13.92
N TYR A 116 -7.81 -7.88 -13.46
CA TYR A 116 -7.24 -8.78 -12.50
C TYR A 116 -6.15 -9.68 -13.10
N ALA A 117 -6.28 -10.04 -14.37
CA ALA A 117 -5.24 -10.84 -15.02
C ALA A 117 -3.88 -10.16 -14.82
N GLY A 118 -3.83 -8.87 -15.13
CA GLY A 118 -2.61 -8.09 -14.95
C GLY A 118 -2.06 -8.02 -13.54
N LEU A 119 -2.92 -8.18 -12.54
CA LEU A 119 -2.49 -7.98 -11.16
C LEU A 119 -2.05 -9.25 -10.43
N VAL A 120 -2.16 -10.40 -11.08
CA VAL A 120 -1.76 -11.64 -10.40
C VAL A 120 -0.37 -11.57 -9.77
N PRO A 121 0.62 -11.09 -10.51
CA PRO A 121 1.98 -11.05 -9.95
C PRO A 121 2.15 -10.02 -8.84
N ALA A 122 1.16 -9.15 -8.64
CA ALA A 122 1.31 -8.05 -7.69
C ALA A 122 0.80 -8.38 -6.29
N ILE A 123 0.25 -9.59 -6.10
CA ILE A 123 -0.24 -9.97 -4.78
C ILE A 123 0.89 -10.32 -3.81
N GLU A 124 1.04 -9.55 -2.75
CA GLU A 124 2.20 -9.69 -1.89
C GLU A 124 1.82 -9.66 -0.43
N GLY A 125 2.65 -10.27 0.41
CA GLY A 125 2.49 -10.13 1.84
C GLY A 125 3.35 -9.00 2.35
N GLU A 126 3.48 -8.90 3.67
CA GLU A 126 4.28 -7.86 4.33
C GLU A 126 5.47 -8.45 5.09
N GLN A 127 6.41 -7.59 5.46
CA GLN A 127 7.52 -8.03 6.28
C GLN A 127 7.75 -7.02 7.39
N ILE A 128 7.81 -7.50 8.62
CA ILE A 128 8.01 -6.62 9.75
C ILE A 128 9.11 -7.11 10.67
N PRO A 129 10.16 -6.31 10.83
CA PRO A 129 11.22 -6.60 11.78
C PRO A 129 10.70 -6.37 13.19
N LEU A 130 10.96 -7.29 14.11
CA LEU A 130 10.57 -7.10 15.51
C LEU A 130 11.78 -6.64 16.34
N ARG A 131 12.93 -7.24 16.05
CA ARG A 131 14.16 -6.99 16.78
C ARG A 131 15.26 -7.72 16.03
N GLU A 132 16.51 -7.44 16.37
CA GLU A 132 17.62 -8.07 15.66
C GLU A 132 17.42 -9.58 15.47
N THR A 133 16.81 -10.22 16.46
CA THR A 133 16.71 -11.68 16.46
C THR A 133 15.36 -12.26 16.04
N SER A 134 14.43 -11.42 15.60
CA SER A 134 13.14 -11.93 15.11
C SER A 134 12.40 -10.98 14.16
N PHE A 135 11.85 -11.56 13.10
CA PHE A 135 10.99 -10.81 12.18
C PHE A 135 9.77 -11.62 11.80
N VAL A 136 8.78 -10.96 11.20
CA VAL A 136 7.63 -11.68 10.63
C VAL A 136 7.40 -11.30 9.17
N TYR A 137 6.94 -12.28 8.41
CA TYR A 137 6.42 -12.02 7.08
C TYR A 137 5.04 -12.65 7.00
N THR A 138 4.17 -12.03 6.20
CA THR A 138 2.84 -12.58 5.99
C THR A 138 2.81 -13.16 4.59
N ARG A 139 1.96 -14.17 4.40
CA ARG A 139 1.62 -14.66 3.09
C ARG A 139 0.14 -14.44 2.81
N ARG A 140 -0.18 -14.07 1.57
CA ARG A 140 -1.57 -14.04 1.16
C ARG A 140 -1.84 -15.31 0.38
N GLU A 141 -2.33 -16.33 1.09
CA GLU A 141 -2.60 -17.63 0.50
C GLU A 141 -4.00 -17.67 -0.10
N PRO A 142 -4.18 -18.47 -1.15
CA PRO A 142 -5.52 -18.62 -1.69
C PRO A 142 -6.45 -19.20 -0.61
N LEU A 143 -7.72 -18.82 -0.65
CA LEU A 143 -8.71 -19.40 0.26
C LEU A 143 -8.87 -20.89 0.00
N GLY A 144 -8.82 -21.27 -1.27
CA GLY A 144 -9.04 -22.63 -1.71
C GLY A 144 -10.23 -22.67 -2.67
N VAL A 145 -11.31 -23.29 -2.23
CA VAL A 145 -12.51 -23.39 -3.05
C VAL A 145 -13.52 -22.34 -2.60
N VAL A 146 -14.03 -21.59 -3.57
CA VAL A 146 -15.02 -20.57 -3.24
C VAL A 146 -16.24 -20.73 -4.13
N ALA A 147 -17.37 -20.21 -3.66
CA ALA A 147 -18.61 -20.27 -4.42
C ALA A 147 -19.13 -18.89 -4.78
N GLY A 148 -19.56 -18.77 -6.04
CA GLY A 148 -20.25 -17.59 -6.53
C GLY A 148 -21.71 -17.90 -6.84
N ILE A 149 -22.61 -17.03 -6.40
CA ILE A 149 -24.04 -17.21 -6.66
C ILE A 149 -24.49 -15.94 -7.36
N GLY A 150 -24.96 -16.09 -8.59
CA GLY A 150 -25.24 -14.93 -9.43
C GLY A 150 -26.70 -14.53 -9.55
N ALA A 151 -26.92 -13.41 -10.24
CA ALA A 151 -28.26 -12.84 -10.44
C ALA A 151 -28.62 -12.81 -11.92
N TRP A 152 -29.88 -12.54 -12.25
CA TRP A 152 -30.34 -12.69 -13.63
C TRP A 152 -30.16 -11.46 -14.55
N ASN A 153 -29.89 -10.30 -13.96
CA ASN A 153 -29.91 -9.07 -14.74
C ASN A 153 -28.64 -8.83 -15.57
N TYR A 154 -27.48 -9.20 -15.03
CA TYR A 154 -26.25 -9.21 -15.83
C TYR A 154 -25.55 -10.54 -15.66
N PRO A 155 -26.10 -11.61 -16.27
CA PRO A 155 -25.67 -12.97 -15.92
C PRO A 155 -24.18 -13.18 -16.15
N VAL A 156 -23.69 -12.98 -17.37
CA VAL A 156 -22.29 -13.29 -17.61
C VAL A 156 -21.33 -12.27 -16.96
N GLN A 157 -21.73 -11.00 -16.95
CA GLN A 157 -20.89 -9.96 -16.33
C GLN A 157 -20.70 -10.27 -14.85
N ILE A 158 -21.75 -10.74 -14.17
CA ILE A 158 -21.61 -11.09 -12.75
C ILE A 158 -20.69 -12.32 -12.56
N ALA A 159 -20.82 -13.31 -13.43
CA ALA A 159 -19.93 -14.48 -13.33
C ALA A 159 -18.46 -14.04 -13.50
N LEU A 160 -18.21 -13.12 -14.41
CA LEU A 160 -16.87 -12.58 -14.61
C LEU A 160 -16.41 -11.72 -13.42
N TRP A 161 -17.24 -10.80 -12.95
CA TRP A 161 -16.82 -9.94 -11.82
C TRP A 161 -16.52 -10.76 -10.57
N LYS A 162 -17.12 -11.94 -10.46
CA LYS A 162 -16.90 -12.82 -9.31
C LYS A 162 -15.76 -13.80 -9.56
N SER A 163 -15.72 -14.38 -10.75
CA SER A 163 -14.68 -15.37 -11.06
C SER A 163 -13.30 -14.75 -11.26
N ALA A 164 -13.24 -13.54 -11.80
CA ALA A 164 -11.94 -12.88 -12.02
C ALA A 164 -11.07 -12.73 -10.75
N PRO A 165 -11.56 -12.01 -9.72
CA PRO A 165 -10.69 -11.91 -8.54
C PRO A 165 -10.44 -13.28 -7.87
N ALA A 166 -11.46 -14.14 -7.83
CA ALA A 166 -11.29 -15.46 -7.22
C ALA A 166 -10.15 -16.24 -7.87
N LEU A 167 -10.20 -16.35 -9.20
CA LEU A 167 -9.17 -17.07 -9.95
C LEU A 167 -7.83 -16.34 -9.92
N ALA A 168 -7.84 -15.02 -10.03
CA ALA A 168 -6.62 -14.25 -10.04
C ALA A 168 -5.86 -14.45 -8.72
N ALA A 169 -6.57 -14.73 -7.65
CA ALA A 169 -5.95 -14.92 -6.33
C ALA A 169 -5.66 -16.38 -6.03
N GLY A 170 -5.74 -17.24 -7.03
CA GLY A 170 -5.32 -18.63 -6.87
C GLY A 170 -6.38 -19.59 -6.41
N ASN A 171 -7.65 -19.17 -6.45
CA ASN A 171 -8.75 -20.00 -5.98
C ASN A 171 -9.39 -20.82 -7.08
N ALA A 172 -10.20 -21.80 -6.70
CA ALA A 172 -11.16 -22.36 -7.64
C ALA A 172 -12.52 -21.80 -7.29
N MET A 173 -13.36 -21.57 -8.29
CA MET A 173 -14.73 -21.16 -8.00
C MET A 173 -15.82 -22.06 -8.57
N ILE A 174 -16.75 -22.46 -7.71
CA ILE A 174 -17.98 -23.10 -8.15
C ILE A 174 -19.06 -22.03 -8.26
N PHE A 175 -19.60 -21.87 -9.46
CA PHE A 175 -20.54 -20.78 -9.72
C PHE A 175 -21.94 -21.31 -10.00
N LYS A 176 -22.94 -20.73 -9.34
CA LYS A 176 -24.34 -21.06 -9.61
C LYS A 176 -25.11 -19.88 -10.24
N PRO A 177 -25.36 -19.95 -11.55
CA PRO A 177 -26.10 -18.83 -12.14
C PRO A 177 -27.55 -18.85 -11.67
N SER A 178 -28.24 -17.73 -11.88
CA SER A 178 -29.66 -17.68 -11.57
C SER A 178 -30.36 -18.72 -12.41
N GLU A 179 -31.30 -19.45 -11.80
CA GLU A 179 -32.15 -20.38 -12.55
C GLU A 179 -32.77 -19.61 -13.70
N VAL A 180 -32.96 -18.31 -13.51
CA VAL A 180 -33.64 -17.55 -14.54
C VAL A 180 -32.76 -17.40 -15.76
N THR A 181 -31.43 -17.49 -15.64
CA THR A 181 -30.56 -17.17 -16.79
C THR A 181 -29.24 -17.94 -16.73
N PRO A 182 -29.29 -19.27 -16.91
CA PRO A 182 -28.13 -20.14 -16.73
C PRO A 182 -27.24 -20.21 -17.98
N LEU A 183 -27.70 -19.71 -19.11
CA LEU A 183 -27.02 -20.01 -20.38
C LEU A 183 -25.57 -19.47 -20.53
N THR A 184 -25.34 -18.18 -20.32
CA THR A 184 -23.99 -17.65 -20.61
C THR A 184 -22.94 -18.14 -19.62
N ALA A 185 -23.34 -18.46 -18.40
CA ALA A 185 -22.38 -18.91 -17.42
C ALA A 185 -21.70 -20.21 -17.88
N LEU A 186 -22.43 -21.07 -18.58
CA LEU A 186 -21.84 -22.32 -19.10
C LEU A 186 -20.85 -22.03 -20.21
N LYS A 187 -21.17 -21.05 -21.05
CA LYS A 187 -20.22 -20.62 -22.07
C LYS A 187 -18.92 -20.08 -21.46
N LEU A 188 -19.04 -19.25 -20.43
CA LEU A 188 -17.84 -18.74 -19.75
C LEU A 188 -16.95 -19.91 -19.33
N ALA A 189 -17.57 -20.98 -18.82
CA ALA A 189 -16.82 -22.14 -18.32
C ALA A 189 -16.07 -22.84 -19.45
N GLU A 190 -16.71 -22.93 -20.61
CA GLU A 190 -16.05 -23.46 -21.81
C GLU A 190 -14.85 -22.60 -22.13
N ILE A 191 -15.04 -21.29 -22.12
CA ILE A 191 -14.00 -20.34 -22.50
C ILE A 191 -12.80 -20.42 -21.56
N TYR A 192 -13.08 -20.58 -20.28
CA TYR A 192 -12.00 -20.72 -19.30
C TYR A 192 -11.13 -21.95 -19.61
N THR A 193 -11.79 -23.09 -19.75
CA THR A 193 -11.13 -24.34 -20.12
C THR A 193 -10.29 -24.17 -21.39
N GLU A 194 -10.88 -23.60 -22.42
CA GLU A 194 -10.18 -23.37 -23.67
C GLU A 194 -8.99 -22.40 -23.52
N ALA A 195 -9.03 -21.54 -22.52
CA ALA A 195 -7.95 -20.61 -22.31
C ALA A 195 -6.79 -21.24 -21.55
N GLY A 196 -7.01 -22.42 -20.97
CA GLY A 196 -5.97 -23.05 -20.20
C GLY A 196 -6.22 -23.15 -18.71
N VAL A 197 -7.39 -22.72 -18.27
CA VAL A 197 -7.73 -22.83 -16.85
C VAL A 197 -7.83 -24.32 -16.53
N PRO A 198 -7.04 -24.79 -15.55
CA PRO A 198 -7.09 -26.21 -15.16
C PRO A 198 -8.52 -26.73 -14.89
N ASP A 199 -8.76 -27.98 -15.22
CA ASP A 199 -10.04 -28.62 -14.96
C ASP A 199 -10.39 -28.47 -13.49
N GLY A 200 -11.66 -28.17 -13.21
CA GLY A 200 -12.12 -28.05 -11.84
C GLY A 200 -11.98 -26.66 -11.23
N VAL A 201 -11.29 -25.75 -11.90
CA VAL A 201 -11.01 -24.44 -11.31
C VAL A 201 -12.19 -23.49 -11.45
N PHE A 202 -12.92 -23.64 -12.54
CA PHE A 202 -14.21 -22.98 -12.71
C PHE A 202 -15.27 -24.00 -13.10
N ASN A 203 -16.10 -24.40 -12.13
CA ASN A 203 -17.21 -25.32 -12.36
C ASN A 203 -18.53 -24.59 -12.24
N VAL A 204 -19.50 -24.99 -13.06
CA VAL A 204 -20.81 -24.36 -13.03
C VAL A 204 -21.87 -25.40 -12.69
N LEU A 205 -22.67 -25.08 -11.67
CA LEU A 205 -23.79 -25.90 -11.23
C LEU A 205 -25.08 -25.12 -11.46
N THR A 206 -26.02 -25.73 -12.17
CA THR A 206 -27.31 -25.10 -12.39
C THR A 206 -28.39 -25.67 -11.47
N GLY A 207 -29.49 -24.94 -11.36
CA GLY A 207 -30.55 -25.32 -10.45
C GLY A 207 -31.08 -24.14 -9.65
N SER A 208 -31.79 -24.45 -8.56
N SER A 208 -31.80 -24.45 -8.57
CA SER A 208 -32.41 -23.44 -7.74
CA SER A 208 -32.43 -23.42 -7.76
C SER A 208 -31.48 -22.97 -6.63
C SER A 208 -31.53 -22.99 -6.60
N GLY A 209 -31.76 -21.78 -6.11
CA GLY A 209 -30.99 -21.25 -5.00
C GLY A 209 -31.36 -21.93 -3.72
N ARG A 210 -32.64 -22.27 -3.54
CA ARG A 210 -33.03 -22.87 -2.26
C ARG A 210 -32.49 -24.29 -2.16
N GLU A 211 -32.06 -24.86 -3.28
CA GLU A 211 -31.40 -26.16 -3.25
C GLU A 211 -29.88 -26.09 -3.48
N VAL A 212 -29.46 -25.97 -4.73
CA VAL A 212 -28.05 -26.01 -5.02
C VAL A 212 -27.31 -24.84 -4.45
N GLY A 213 -27.91 -23.69 -4.40
CA GLY A 213 -27.32 -22.57 -3.73
C GLY A 213 -27.09 -22.78 -2.26
N GLN A 214 -28.04 -23.36 -1.58
CA GLN A 214 -27.92 -23.64 -0.15
C GLN A 214 -26.93 -24.78 0.10
N TRP A 215 -26.87 -25.75 -0.78
CA TRP A 215 -25.90 -26.81 -0.56
C TRP A 215 -24.51 -26.22 -0.67
N LEU A 216 -24.34 -25.23 -1.55
CA LEU A 216 -23.05 -24.54 -1.67
C LEU A 216 -22.70 -23.75 -0.41
N THR A 217 -23.64 -22.96 0.08
CA THR A 217 -23.39 -22.12 1.25
C THR A 217 -23.14 -22.95 2.51
N GLU A 218 -23.60 -24.19 2.48
CA GLU A 218 -23.48 -25.08 3.65
C GLU A 218 -22.21 -25.91 3.63
N HIS A 219 -21.68 -26.17 2.44
CA HIS A 219 -20.63 -27.17 2.31
C HIS A 219 -19.39 -26.78 3.10
N PRO A 220 -18.82 -27.73 3.85
CA PRO A 220 -17.76 -27.41 4.80
C PRO A 220 -16.38 -27.15 4.17
N LEU A 221 -16.19 -27.58 2.92
CA LEU A 221 -14.92 -27.41 2.23
C LEU A 221 -14.89 -26.12 1.41
N ILE A 222 -15.99 -25.40 1.39
CA ILE A 222 -16.06 -24.15 0.65
C ILE A 222 -15.70 -23.03 1.61
N GLU A 223 -14.69 -22.25 1.26
CA GLU A 223 -14.13 -21.29 2.19
C GLU A 223 -14.74 -19.90 2.11
N LYS A 224 -15.45 -19.61 1.03
CA LYS A 224 -16.03 -18.29 0.82
C LYS A 224 -17.20 -18.30 -0.14
N ILE A 225 -18.21 -17.50 0.19
CA ILE A 225 -19.33 -17.28 -0.70
C ILE A 225 -19.38 -15.80 -1.13
N SER A 226 -19.56 -15.58 -2.42
CA SER A 226 -19.81 -14.26 -2.91
C SER A 226 -21.17 -14.32 -3.60
N PHE A 227 -22.08 -13.48 -3.13
CA PHE A 227 -23.48 -13.53 -3.51
C PHE A 227 -23.93 -12.20 -4.11
N THR A 228 -24.72 -12.28 -5.17
CA THR A 228 -25.36 -11.11 -5.73
C THR A 228 -26.86 -11.40 -5.86
N GLY A 229 -27.69 -10.53 -5.28
CA GLY A 229 -29.13 -10.71 -5.29
C GLY A 229 -29.81 -9.77 -4.30
N GLY A 230 -31.07 -10.07 -3.97
CA GLY A 230 -31.82 -9.25 -3.04
C GLY A 230 -31.36 -9.26 -1.59
N THR A 231 -31.69 -8.18 -0.90
CA THR A 231 -31.30 -8.03 0.50
C THR A 231 -31.92 -9.11 1.37
N SER A 232 -33.19 -9.44 1.12
CA SER A 232 -33.85 -10.48 1.91
C SER A 232 -33.10 -11.79 1.73
N THR A 233 -32.83 -12.14 0.47
CA THR A 233 -32.09 -13.36 0.16
C THR A 233 -30.68 -13.38 0.77
N GLY A 234 -30.00 -12.24 0.72
CA GLY A 234 -28.63 -12.17 1.18
C GLY A 234 -28.54 -12.47 2.65
N LYS A 235 -29.53 -12.02 3.41
CA LYS A 235 -29.55 -12.28 4.84
C LYS A 235 -29.61 -13.77 5.13
N LYS A 236 -30.37 -14.51 4.31
CA LYS A 236 -30.46 -15.95 4.46
C LYS A 236 -29.15 -16.60 4.08
N VAL A 237 -28.67 -16.26 2.90
CA VAL A 237 -27.42 -16.81 2.41
C VAL A 237 -26.30 -16.63 3.43
N MET A 238 -26.23 -15.43 4.01
CA MET A 238 -25.14 -15.10 4.90
C MET A 238 -25.29 -15.80 6.25
N ALA A 239 -26.52 -15.97 6.69
CA ALA A 239 -26.76 -16.78 7.88
C ALA A 239 -26.27 -18.19 7.58
N SER A 240 -26.69 -18.74 6.44
CA SER A 240 -26.28 -20.08 6.08
C SER A 240 -24.74 -20.24 6.00
N ALA A 241 -24.09 -19.30 5.33
CA ALA A 241 -22.64 -19.33 5.20
C ALA A 241 -21.93 -19.26 6.55
N SER A 242 -22.51 -18.54 7.50
CA SER A 242 -21.88 -18.37 8.81
C SER A 242 -22.10 -19.59 9.69
N SER A 243 -23.36 -19.93 9.91
CA SER A 243 -23.71 -20.98 10.84
C SER A 243 -23.10 -22.33 10.41
N SER A 244 -22.94 -22.52 9.11
CA SER A 244 -22.49 -23.82 8.61
C SER A 244 -21.03 -24.11 8.95
N SER A 245 -20.13 -23.20 8.58
CA SER A 245 -18.69 -23.43 8.69
C SER A 245 -17.89 -22.13 8.70
N LEU A 246 -18.53 -21.05 9.12
CA LEU A 246 -17.87 -19.74 9.22
C LEU A 246 -17.17 -19.30 7.94
N LYS A 247 -17.89 -19.20 6.84
CA LYS A 247 -17.27 -18.79 5.58
C LYS A 247 -17.04 -17.28 5.52
N GLU A 248 -16.05 -16.86 4.74
CA GLU A 248 -15.93 -15.46 4.34
C GLU A 248 -17.08 -15.18 3.36
N VAL A 249 -17.62 -13.96 3.37
CA VAL A 249 -18.72 -13.60 2.48
C VAL A 249 -18.54 -12.23 1.81
N THR A 250 -18.96 -12.15 0.56
CA THR A 250 -19.19 -10.88 -0.12
C THR A 250 -20.65 -10.91 -0.55
N MET A 251 -21.34 -9.78 -0.36
CA MET A 251 -22.75 -9.66 -0.71
C MET A 251 -22.96 -8.38 -1.48
N GLU A 252 -23.42 -8.49 -2.71
CA GLU A 252 -23.84 -7.34 -3.48
C GLU A 252 -25.37 -7.35 -3.52
N LEU A 253 -26.02 -6.47 -2.76
CA LEU A 253 -27.47 -6.59 -2.58
C LEU A 253 -28.31 -5.50 -3.24
N GLY A 254 -29.49 -5.21 -2.68
CA GLY A 254 -30.41 -4.30 -3.34
C GLY A 254 -30.12 -2.84 -3.03
N GLY A 255 -30.90 -1.94 -3.61
CA GLY A 255 -30.82 -0.53 -3.25
C GLY A 255 -32.05 0.30 -3.57
N LYS A 256 -32.06 1.50 -3.05
CA LYS A 256 -33.07 2.48 -3.42
C LYS A 256 -32.33 3.81 -3.48
N SER A 257 -31.42 3.88 -4.43
CA SER A 257 -30.40 4.91 -4.43
C SER A 257 -30.93 6.27 -4.85
N PRO A 258 -30.56 7.32 -4.08
CA PRO A 258 -31.01 8.69 -4.35
C PRO A 258 -30.12 9.43 -5.34
N LEU A 259 -30.78 10.23 -6.17
CA LEU A 259 -30.12 11.16 -7.06
C LEU A 259 -30.62 12.56 -6.71
N ILE A 260 -29.76 13.42 -6.16
CA ILE A 260 -30.18 14.75 -5.79
C ILE A 260 -29.78 15.74 -6.88
N ILE A 261 -30.78 16.41 -7.45
CA ILE A 261 -30.57 17.42 -8.46
C ILE A 261 -30.63 18.78 -7.81
N PHE A 262 -29.47 19.38 -7.54
CA PHE A 262 -29.45 20.69 -6.92
C PHE A 262 -29.85 21.79 -7.93
N PRO A 263 -30.34 22.94 -7.44
CA PRO A 263 -30.90 24.05 -8.23
C PRO A 263 -29.94 24.65 -9.28
N ASP A 264 -28.64 24.54 -9.07
CA ASP A 264 -27.68 25.07 -10.04
C ASP A 264 -27.29 24.06 -11.13
N ALA A 265 -28.02 22.94 -11.23
CA ALA A 265 -27.76 21.93 -12.23
C ALA A 265 -28.27 22.35 -13.60
N ASP A 266 -27.53 21.97 -14.63
CA ASP A 266 -28.08 22.05 -15.97
C ASP A 266 -29.18 20.99 -16.03
N LEU A 267 -30.41 21.41 -16.27
CA LEU A 267 -31.53 20.48 -16.24
C LEU A 267 -31.57 19.50 -17.40
N ASP A 268 -30.88 19.79 -18.49
CA ASP A 268 -30.76 18.83 -19.57
C ASP A 268 -29.85 17.69 -19.11
N ARG A 269 -28.70 18.01 -18.53
CA ARG A 269 -27.83 16.97 -18.02
C ARG A 269 -28.54 16.19 -16.92
N ALA A 270 -29.25 16.89 -16.03
CA ALA A 270 -29.93 16.22 -14.92
C ALA A 270 -31.00 15.25 -15.41
N ALA A 271 -31.78 15.65 -16.42
CA ALA A 271 -32.77 14.75 -17.02
C ALA A 271 -32.10 13.56 -17.72
N ASP A 272 -31.03 13.81 -18.49
CA ASP A 272 -30.26 12.74 -19.10
C ASP A 272 -29.79 11.75 -18.03
N ILE A 273 -29.24 12.28 -16.95
CA ILE A 273 -28.72 11.46 -15.86
C ILE A 273 -29.85 10.64 -15.22
N ALA A 274 -30.95 11.30 -14.89
CA ALA A 274 -32.10 10.64 -14.29
C ALA A 274 -32.67 9.48 -15.13
N VAL A 275 -32.82 9.70 -16.43
N VAL A 275 -32.79 9.71 -16.43
CA VAL A 275 -33.33 8.65 -17.28
CA VAL A 275 -33.31 8.70 -17.33
C VAL A 275 -32.34 7.47 -17.36
C VAL A 275 -32.36 7.50 -17.46
N MET A 276 -31.06 7.75 -17.55
CA MET A 276 -30.06 6.68 -17.60
C MET A 276 -30.06 5.91 -16.30
N ALA A 277 -30.34 6.60 -15.20
CA ALA A 277 -30.23 5.98 -13.88
C ALA A 277 -31.50 5.25 -13.51
N ASN A 278 -32.48 5.24 -14.42
CA ASN A 278 -33.76 4.56 -14.18
C ASN A 278 -34.20 3.55 -15.23
N PHE A 279 -33.81 3.77 -16.48
CA PHE A 279 -34.32 2.97 -17.59
C PHE A 279 -33.33 2.11 -18.37
N PHE A 280 -32.06 2.12 -18.00
CA PHE A 280 -31.09 1.22 -18.65
C PHE A 280 -31.40 -0.21 -18.18
N SER A 281 -31.26 -1.17 -19.09
CA SER A 281 -31.64 -2.56 -18.81
C SER A 281 -33.07 -2.67 -18.29
N SER A 282 -33.97 -1.90 -18.91
CA SER A 282 -35.37 -1.85 -18.50
C SER A 282 -35.55 -1.66 -16.98
N GLY A 283 -34.65 -0.87 -16.38
CA GLY A 283 -34.75 -0.57 -14.96
C GLY A 283 -34.28 -1.68 -14.02
N GLN A 284 -33.63 -2.69 -14.59
CA GLN A 284 -33.20 -3.83 -13.79
C GLN A 284 -31.71 -3.73 -13.43
N VAL A 285 -31.35 -2.69 -12.67
CA VAL A 285 -29.99 -2.44 -12.25
C VAL A 285 -30.01 -2.06 -10.78
N ALA A 286 -29.21 -2.75 -9.96
CA ALA A 286 -29.26 -2.55 -8.51
C ALA A 286 -28.93 -1.11 -8.08
N THR A 287 -27.96 -0.49 -8.74
CA THR A 287 -27.51 0.85 -8.38
C THR A 287 -28.38 1.96 -8.99
N ASN A 288 -29.52 1.62 -9.56
CA ASN A 288 -30.36 2.64 -10.19
C ASN A 288 -30.82 3.74 -9.22
N GLY A 289 -30.82 4.98 -9.70
CA GLY A 289 -31.17 6.13 -8.87
C GLY A 289 -32.68 6.31 -8.88
N THR A 290 -33.37 5.49 -8.10
CA THR A 290 -34.81 5.32 -8.27
C THR A 290 -35.63 6.34 -7.46
N ARG A 291 -34.96 7.06 -6.55
CA ARG A 291 -35.54 8.23 -5.89
C ARG A 291 -34.83 9.49 -6.40
N VAL A 292 -35.50 10.26 -7.24
CA VAL A 292 -34.88 11.44 -7.81
C VAL A 292 -35.37 12.69 -7.10
N PHE A 293 -34.47 13.41 -6.44
CA PHE A 293 -34.85 14.60 -5.69
C PHE A 293 -34.68 15.85 -6.55
N ILE A 294 -35.75 16.61 -6.70
CA ILE A 294 -35.69 17.84 -7.47
C ILE A 294 -36.16 18.99 -6.61
N HIS A 295 -35.49 20.12 -6.71
CA HIS A 295 -35.92 21.29 -5.95
C HIS A 295 -37.31 21.77 -6.41
N ARG A 296 -38.14 22.18 -5.47
CA ARG A 296 -39.50 22.61 -5.79
C ARG A 296 -39.55 23.60 -6.95
N SER A 297 -38.61 24.53 -6.95
CA SER A 297 -38.62 25.62 -7.91
C SER A 297 -38.31 25.16 -9.33
N GLN A 298 -37.85 23.91 -9.47
CA GLN A 298 -37.51 23.33 -10.78
C GLN A 298 -38.32 22.07 -11.12
N GLN A 299 -39.30 21.73 -10.29
CA GLN A 299 -40.07 20.50 -10.50
C GLN A 299 -40.71 20.44 -11.90
N ALA A 300 -41.47 21.46 -12.23
CA ALA A 300 -42.22 21.46 -13.49
C ALA A 300 -41.30 21.37 -14.70
N ARG A 301 -40.26 22.21 -14.74
CA ARG A 301 -39.31 22.19 -15.85
C ARG A 301 -38.58 20.86 -16.00
N PHE A 302 -38.18 20.28 -14.87
CA PHE A 302 -37.52 18.98 -14.83
C PHE A 302 -38.45 17.90 -15.36
N GLU A 303 -39.69 17.92 -14.88
CA GLU A 303 -40.68 16.95 -15.31
C GLU A 303 -40.81 16.99 -16.81
N ALA A 304 -40.87 18.19 -17.39
CA ALA A 304 -41.05 18.34 -18.82
C ALA A 304 -39.88 17.74 -19.54
N LYS A 305 -38.67 17.97 -19.02
CA LYS A 305 -37.47 17.39 -19.62
C LYS A 305 -37.45 15.86 -19.56
N VAL A 306 -37.83 15.31 -18.42
CA VAL A 306 -37.86 13.87 -18.26
C VAL A 306 -38.88 13.30 -19.25
N LEU A 307 -40.07 13.86 -19.23
CA LEU A 307 -41.15 13.38 -20.08
C LEU A 307 -40.69 13.32 -21.53
N GLU A 308 -40.02 14.37 -21.96
CA GLU A 308 -39.60 14.45 -23.34
C GLU A 308 -38.66 13.29 -23.69
N ARG A 309 -37.73 13.00 -22.80
CA ARG A 309 -36.79 11.89 -23.03
C ARG A 309 -37.49 10.53 -22.95
N VAL A 310 -38.36 10.33 -21.96
CA VAL A 310 -39.04 9.06 -21.81
C VAL A 310 -39.87 8.77 -23.07
N GLN A 311 -40.48 9.80 -23.62
CA GLN A 311 -41.36 9.59 -24.77
C GLN A 311 -40.61 9.13 -26.01
N ARG A 312 -39.29 9.34 -26.06
CA ARG A 312 -38.55 8.93 -27.22
C ARG A 312 -37.79 7.63 -26.99
N ILE A 313 -38.00 7.02 -25.82
CA ILE A 313 -37.36 5.74 -25.50
C ILE A 313 -37.88 4.68 -26.47
N ARG A 314 -36.98 3.88 -27.04
CA ARG A 314 -37.38 2.95 -28.10
C ARG A 314 -37.59 1.53 -27.56
N LEU A 315 -38.78 1.30 -27.02
CA LEU A 315 -39.18 -0.01 -26.53
C LEU A 315 -39.40 -0.90 -27.72
N GLY A 316 -38.86 -2.12 -27.67
CA GLY A 316 -39.01 -3.03 -28.79
C GLY A 316 -38.32 -4.37 -28.69
N ASP A 317 -38.42 -5.13 -29.76
CA ASP A 317 -37.74 -6.41 -29.91
C ASP A 317 -36.22 -6.23 -29.65
N PRO A 318 -35.69 -6.91 -28.65
CA PRO A 318 -34.28 -6.81 -28.32
C PRO A 318 -33.28 -7.30 -29.36
N GLN A 319 -33.72 -7.96 -30.40
CA GLN A 319 -32.84 -8.31 -31.47
C GLN A 319 -32.72 -7.25 -32.48
N ASP A 320 -33.61 -6.27 -32.43
CA ASP A 320 -33.54 -5.15 -33.30
C ASP A 320 -32.54 -4.21 -32.74
N GLU A 321 -31.58 -3.82 -33.55
CA GLU A 321 -30.46 -3.00 -33.10
C GLU A 321 -30.88 -1.62 -32.63
N ASN A 322 -31.98 -1.14 -33.17
CA ASN A 322 -32.50 0.15 -32.81
CA ASN A 322 -32.46 0.07 -32.86
C ASN A 322 -33.21 0.19 -31.47
N THR A 323 -33.51 -0.97 -30.91
CA THR A 323 -34.12 -1.05 -29.61
C THR A 323 -33.14 -0.59 -28.55
N ASN A 324 -33.59 0.27 -27.63
CA ASN A 324 -32.78 0.58 -26.44
C ASN A 324 -33.53 0.33 -25.16
N PHE A 325 -34.68 -0.32 -25.25
CA PHE A 325 -35.45 -0.66 -24.05
C PHE A 325 -36.27 -1.92 -24.31
N GLY A 326 -35.95 -2.98 -23.56
CA GLY A 326 -36.52 -4.28 -23.83
C GLY A 326 -37.57 -4.74 -22.83
N PRO A 327 -38.01 -6.01 -22.92
CA PRO A 327 -38.97 -6.53 -21.95
C PRO A 327 -38.27 -6.70 -20.62
N LEU A 328 -39.01 -6.97 -19.55
CA LEU A 328 -38.39 -7.36 -18.29
C LEU A 328 -37.86 -8.80 -18.42
N VAL A 329 -37.13 -9.28 -17.40
CA VAL A 329 -36.49 -10.58 -17.48
C VAL A 329 -37.47 -11.78 -17.57
N SER A 330 -38.69 -11.63 -17.05
CA SER A 330 -39.62 -12.75 -16.96
C SER A 330 -41.03 -12.29 -16.63
N PHE A 331 -42.01 -13.14 -16.92
CA PHE A 331 -43.40 -12.86 -16.61
C PHE A 331 -43.68 -12.61 -15.10
N PRO A 332 -43.16 -13.47 -14.22
CA PRO A 332 -43.34 -13.22 -12.79
C PRO A 332 -42.69 -11.93 -12.30
N HIS A 333 -41.60 -11.50 -12.93
CA HIS A 333 -40.99 -10.22 -12.52
C HIS A 333 -41.83 -9.05 -13.02
N MET A 334 -42.39 -9.20 -14.22
CA MET A 334 -43.33 -8.21 -14.70
C MET A 334 -44.50 -8.07 -13.73
N GLU A 335 -45.05 -9.18 -13.30
CA GLU A 335 -46.21 -9.07 -12.42
C GLU A 335 -45.81 -8.35 -11.14
N SER A 336 -44.61 -8.65 -10.65
CA SER A 336 -44.09 -7.96 -9.47
C SER A 336 -44.01 -6.45 -9.72
N VAL A 337 -43.47 -6.06 -10.87
CA VAL A 337 -43.30 -4.65 -11.19
C VAL A 337 -44.66 -3.96 -11.42
N LEU A 338 -45.58 -4.64 -12.11
CA LEU A 338 -46.91 -4.10 -12.34
C LEU A 338 -47.64 -3.84 -11.02
N GLY A 339 -47.47 -4.75 -10.07
CA GLY A 339 -47.97 -4.54 -8.72
C GLY A 339 -47.43 -3.30 -8.05
N TYR A 340 -46.13 -3.03 -8.20
CA TYR A 340 -45.56 -1.82 -7.63
C TYR A 340 -46.22 -0.62 -8.27
N ILE A 341 -46.34 -0.64 -9.58
CA ILE A 341 -47.02 0.39 -10.31
C ILE A 341 -48.46 0.66 -9.83
N GLU A 342 -49.18 -0.39 -9.51
CA GLU A 342 -50.51 -0.28 -9.03
C GLU A 342 -50.52 0.28 -7.63
N SER A 343 -49.53 -0.05 -6.83
CA SER A 343 -49.36 0.55 -5.51
C SER A 343 -49.20 2.05 -5.61
N GLY A 344 -48.42 2.51 -6.59
CA GLY A 344 -48.15 3.93 -6.73
C GLY A 344 -49.39 4.70 -7.14
N LYS A 345 -50.16 4.14 -8.07
CA LYS A 345 -51.45 4.73 -8.42
C LYS A 345 -52.36 4.77 -7.19
N ALA A 346 -52.44 3.65 -6.48
CA ALA A 346 -53.33 3.54 -5.34
C ALA A 346 -52.98 4.52 -4.23
N GLN A 347 -51.70 4.85 -4.09
CA GLN A 347 -51.29 5.75 -3.02
C GLN A 347 -51.18 7.19 -3.51
N LYS A 348 -51.74 7.45 -4.68
CA LYS A 348 -51.94 8.83 -5.16
C LYS A 348 -50.67 9.55 -5.61
N ALA A 349 -49.65 8.80 -6.04
CA ALA A 349 -48.55 9.44 -6.73
C ALA A 349 -49.07 9.86 -8.09
N ARG A 350 -48.56 10.97 -8.61
CA ARG A 350 -49.03 11.43 -9.92
C ARG A 350 -48.26 10.73 -11.05
N LEU A 351 -48.99 10.11 -11.96
CA LEU A 351 -48.36 9.35 -13.04
C LEU A 351 -47.96 10.29 -14.15
N LEU A 352 -46.66 10.50 -14.33
CA LEU A 352 -46.18 11.42 -15.38
C LEU A 352 -46.17 10.74 -16.76
N CYS A 353 -45.79 9.47 -16.79
CA CYS A 353 -45.88 8.71 -18.04
C CYS A 353 -45.73 7.22 -17.76
N GLY A 354 -46.11 6.41 -18.76
CA GLY A 354 -46.05 4.96 -18.62
C GLY A 354 -47.15 4.45 -17.69
N GLY A 355 -46.81 3.47 -16.90
CA GLY A 355 -47.71 2.94 -15.91
C GLY A 355 -48.41 1.67 -16.29
N GLU A 356 -48.09 1.11 -17.44
CA GLU A 356 -48.65 -0.14 -17.82
C GLU A 356 -47.89 -1.04 -18.74
N ARG A 357 -48.33 -2.29 -18.80
CA ARG A 357 -47.80 -3.25 -19.76
C ARG A 357 -48.18 -2.81 -21.19
N VAL A 358 -47.31 -3.17 -22.14
CA VAL A 358 -47.47 -2.86 -23.56
C VAL A 358 -47.69 -4.20 -24.25
N THR A 359 -48.84 -4.37 -24.89
CA THR A 359 -49.19 -5.68 -25.46
C THR A 359 -49.46 -5.61 -26.96
N ASP A 360 -49.27 -4.43 -27.54
CA ASP A 360 -49.60 -4.22 -28.95
C ASP A 360 -48.71 -5.06 -29.83
N GLY A 361 -49.26 -5.55 -30.94
CA GLY A 361 -48.50 -6.36 -31.86
C GLY A 361 -47.81 -7.53 -31.18
N ALA A 362 -46.58 -7.78 -31.55
CA ALA A 362 -45.79 -8.89 -31.03
C ALA A 362 -45.51 -8.81 -29.53
N PHE A 363 -45.72 -7.63 -28.93
CA PHE A 363 -45.35 -7.44 -27.53
C PHE A 363 -46.20 -8.28 -26.59
N GLY A 364 -47.38 -8.69 -27.04
CA GLY A 364 -48.26 -9.49 -26.22
C GLY A 364 -47.67 -10.84 -25.85
N LYS A 365 -46.73 -11.31 -26.65
CA LYS A 365 -46.08 -12.59 -26.40
C LYS A 365 -45.08 -12.49 -25.28
N GLY A 366 -44.67 -11.27 -24.95
CA GLY A 366 -43.56 -11.08 -24.02
C GLY A 366 -43.95 -10.30 -22.79
N ALA A 367 -42.96 -9.99 -21.96
CA ALA A 367 -43.20 -9.26 -20.71
C ALA A 367 -42.74 -7.78 -20.76
N TYR A 368 -43.40 -6.99 -21.59
CA TYR A 368 -43.06 -5.58 -21.77
C TYR A 368 -43.82 -4.62 -20.86
N VAL A 369 -43.08 -3.91 -20.00
CA VAL A 369 -43.62 -2.82 -19.18
C VAL A 369 -43.03 -1.49 -19.64
N ALA A 370 -43.91 -0.54 -19.95
CA ALA A 370 -43.51 0.79 -20.38
C ALA A 370 -42.62 1.51 -19.37
N PRO A 371 -41.68 2.33 -19.85
CA PRO A 371 -40.92 3.14 -18.90
C PRO A 371 -41.88 4.08 -18.17
N THR A 372 -41.83 4.02 -16.85
CA THR A 372 -42.82 4.66 -16.02
C THR A 372 -42.20 5.68 -15.07
N VAL A 373 -42.86 6.83 -14.95
CA VAL A 373 -42.40 7.91 -14.08
C VAL A 373 -43.53 8.38 -13.17
N PHE A 374 -43.31 8.28 -11.87
CA PHE A 374 -44.23 8.82 -10.89
C PHE A 374 -43.63 10.12 -10.33
N THR A 375 -44.47 11.11 -10.10
CA THR A 375 -44.02 12.35 -9.48
C THR A 375 -44.98 12.74 -8.35
N ASP A 376 -44.67 13.83 -7.65
CA ASP A 376 -45.42 14.20 -6.44
C ASP A 376 -45.36 13.06 -5.43
N CYS A 377 -44.25 12.32 -5.42
CA CYS A 377 -44.12 11.19 -4.51
C CYS A 377 -43.86 11.68 -3.09
N ARG A 378 -44.05 10.80 -2.13
CA ARG A 378 -43.67 11.02 -0.81
C ARG A 378 -42.97 9.98 -0.13
N ASP A 379 -42.12 10.28 0.84
CA ASP A 379 -41.20 9.29 1.43
C ASP A 379 -41.84 8.02 1.94
N ASP A 380 -43.09 8.11 2.40
CA ASP A 380 -43.76 6.95 3.00
C ASP A 380 -44.39 5.99 1.98
N MET A 381 -44.45 6.40 0.72
CA MET A 381 -45.01 5.56 -0.33
C MET A 381 -44.21 4.29 -0.56
N THR A 382 -44.92 3.19 -0.79
CA THR A 382 -44.30 1.91 -1.08
C THR A 382 -43.32 1.96 -2.26
N ILE A 383 -43.69 2.67 -3.32
CA ILE A 383 -42.82 2.76 -4.50
C ILE A 383 -41.53 3.51 -4.19
N VAL A 384 -41.56 4.35 -3.16
CA VAL A 384 -40.40 5.16 -2.76
C VAL A 384 -39.52 4.41 -1.75
N ARG A 385 -40.17 3.66 -0.85
CA ARG A 385 -39.48 2.92 0.20
C ARG A 385 -38.84 1.63 -0.28
N GLU A 386 -39.44 1.00 -1.28
CA GLU A 386 -39.12 -0.37 -1.63
C GLU A 386 -38.47 -0.50 -3.00
N GLU A 387 -37.44 -1.34 -3.11
CA GLU A 387 -36.81 -1.56 -4.41
C GLU A 387 -37.81 -2.22 -5.37
N ILE A 388 -37.98 -1.63 -6.55
CA ILE A 388 -38.91 -2.14 -7.55
C ILE A 388 -38.19 -2.99 -8.58
N PHE A 389 -36.98 -2.57 -8.93
CA PHE A 389 -36.15 -3.29 -9.89
C PHE A 389 -36.81 -3.39 -11.26
N GLY A 390 -37.50 -2.33 -11.64
CA GLY A 390 -38.13 -2.25 -12.93
C GLY A 390 -38.10 -0.79 -13.33
N PRO A 391 -38.63 -0.48 -14.50
CA PRO A 391 -38.50 0.88 -15.03
C PRO A 391 -39.50 1.81 -14.34
N VAL A 392 -39.25 2.13 -13.07
CA VAL A 392 -40.13 3.03 -12.32
C VAL A 392 -39.36 4.09 -11.54
N MET A 393 -39.41 5.31 -12.05
CA MET A 393 -38.75 6.43 -11.40
C MET A 393 -39.73 7.13 -10.48
N SER A 394 -39.30 7.43 -9.26
CA SER A 394 -40.06 8.32 -8.36
C SER A 394 -39.39 9.69 -8.20
N ILE A 395 -40.10 10.74 -8.58
CA ILE A 395 -39.63 12.10 -8.41
C ILE A 395 -40.20 12.68 -7.12
N LEU A 396 -39.31 13.28 -6.33
CA LEU A 396 -39.63 13.85 -5.04
C LEU A 396 -39.12 15.27 -4.98
N VAL A 397 -40.01 16.18 -4.60
CA VAL A 397 -39.67 17.59 -4.40
C VAL A 397 -39.02 17.81 -3.04
N TYR A 398 -38.00 18.65 -2.98
CA TYR A 398 -37.43 19.09 -1.70
C TYR A 398 -37.29 20.60 -1.69
N ASP A 399 -37.01 21.16 -0.51
CA ASP A 399 -36.86 22.62 -0.39
C ASP A 399 -35.46 23.12 -0.01
N ASP A 400 -34.71 22.36 0.76
CA ASP A 400 -33.30 22.71 1.00
C ASP A 400 -32.34 21.54 0.98
N GLU A 401 -31.06 21.86 0.87
CA GLU A 401 -30.00 20.88 0.71
C GLU A 401 -29.95 19.84 1.84
N ASP A 402 -29.92 20.31 3.08
CA ASP A 402 -29.86 19.39 4.21
C ASP A 402 -31.07 18.49 4.24
N GLU A 403 -32.24 19.04 3.93
CA GLU A 403 -33.46 18.24 3.89
C GLU A 403 -33.28 17.08 2.89
N ALA A 404 -32.87 17.43 1.67
CA ALA A 404 -32.61 16.44 0.63
C ALA A 404 -31.62 15.35 1.08
N ILE A 405 -30.52 15.75 1.71
CA ILE A 405 -29.53 14.80 2.15
C ILE A 405 -30.10 13.87 3.25
N ARG A 406 -30.82 14.44 4.17
CA ARG A 406 -31.47 13.70 5.26
CA ARG A 406 -31.44 13.70 5.20
C ARG A 406 -32.41 12.67 4.66
N ARG A 407 -33.21 13.05 3.69
CA ARG A 407 -34.15 12.14 3.05
C ARG A 407 -33.45 11.09 2.19
N ALA A 408 -32.43 11.51 1.45
CA ALA A 408 -31.63 10.58 0.67
C ALA A 408 -31.06 9.51 1.57
N ASN A 409 -30.61 9.91 2.76
CA ASN A 409 -30.03 8.96 3.71
C ASN A 409 -31.03 8.08 4.47
N ASP A 410 -32.29 8.48 4.48
CA ASP A 410 -33.32 7.82 5.28
C ASP A 410 -33.83 6.54 4.60
N THR A 411 -33.06 5.47 4.73
CA THR A 411 -33.36 4.23 4.06
C THR A 411 -32.41 3.19 4.65
N GLU A 412 -32.78 1.92 4.55
CA GLU A 412 -31.93 0.86 5.10
C GLU A 412 -30.94 0.45 4.03
N TYR A 413 -31.22 0.87 2.80
CA TYR A 413 -30.31 0.65 1.69
C TYR A 413 -29.13 1.62 1.74
N GLY A 414 -28.18 1.45 0.84
CA GLY A 414 -27.01 2.31 0.80
C GLY A 414 -26.02 1.83 -0.25
N LEU A 415 -26.55 1.50 -1.42
CA LEU A 415 -25.71 0.95 -2.48
C LEU A 415 -25.05 2.09 -3.23
N ALA A 416 -25.86 2.93 -3.86
CA ALA A 416 -25.36 4.03 -4.64
C ALA A 416 -26.05 5.33 -4.27
N ALA A 417 -25.53 6.42 -4.82
CA ALA A 417 -26.02 7.77 -4.58
C ALA A 417 -25.31 8.72 -5.53
N GLY A 418 -25.99 9.78 -5.92
CA GLY A 418 -25.35 10.74 -6.80
C GLY A 418 -25.92 12.13 -6.65
N VAL A 419 -25.13 13.14 -7.00
CA VAL A 419 -25.60 14.50 -7.02
C VAL A 419 -25.29 15.11 -8.39
N VAL A 420 -26.10 16.09 -8.79
CA VAL A 420 -25.87 16.86 -10.00
C VAL A 420 -25.78 18.32 -9.55
N THR A 421 -24.60 18.93 -9.72
CA THR A 421 -24.40 20.32 -9.35
C THR A 421 -23.16 20.86 -10.04
N GLN A 422 -23.13 22.17 -10.35
CA GLN A 422 -21.96 22.77 -10.96
C GLN A 422 -21.04 23.39 -9.93
N ASP A 423 -21.45 23.35 -8.67
CA ASP A 423 -20.70 23.95 -7.59
C ASP A 423 -19.65 23.05 -6.97
N LEU A 424 -18.40 23.51 -6.96
CA LEU A 424 -17.33 22.70 -6.41
C LEU A 424 -17.57 22.27 -4.95
N ALA A 425 -17.85 23.23 -4.07
CA ALA A 425 -18.04 22.87 -2.67
C ALA A 425 -19.26 21.96 -2.44
N ARG A 426 -20.39 22.30 -3.02
CA ARG A 426 -21.61 21.50 -2.83
C ARG A 426 -21.42 20.06 -3.29
N ALA A 427 -20.83 19.89 -4.46
CA ALA A 427 -20.59 18.58 -5.02
C ALA A 427 -19.94 17.66 -3.99
N HIS A 428 -18.82 18.07 -3.41
CA HIS A 428 -18.08 17.18 -2.52
C HIS A 428 -18.69 17.12 -1.12
N ARG A 429 -19.16 18.26 -0.64
N ARG A 429 -19.15 18.23 -0.63
CA ARG A 429 -19.80 18.33 0.67
CA ARG A 429 -19.80 18.29 0.63
C ARG A 429 -20.92 17.30 0.70
C ARG A 429 -20.93 17.33 0.68
N ALA A 430 -21.80 17.38 -0.30
CA ALA A 430 -22.98 16.53 -0.35
C ALA A 430 -22.58 15.07 -0.47
N ILE A 431 -21.72 14.74 -1.44
CA ILE A 431 -21.36 13.35 -1.62
C ILE A 431 -20.76 12.77 -0.33
N HIS A 432 -19.96 13.55 0.38
CA HIS A 432 -19.32 13.04 1.60
C HIS A 432 -20.33 12.71 2.70
N ARG A 433 -21.50 13.33 2.65
CA ARG A 433 -22.52 13.08 3.66
C ARG A 433 -23.52 11.99 3.27
N LEU A 434 -23.49 11.56 2.00
CA LEU A 434 -24.41 10.52 1.53
C LEU A 434 -23.94 9.13 1.92
N GLU A 435 -24.81 8.37 2.59
CA GLU A 435 -24.41 7.09 3.14
C GLU A 435 -24.54 5.97 2.12
N ALA A 436 -23.65 5.97 1.13
CA ALA A 436 -23.69 4.95 0.09
C ALA A 436 -22.28 4.62 -0.37
N GLY A 437 -22.10 3.39 -0.83
CA GLY A 437 -20.80 2.88 -1.20
C GLY A 437 -20.34 3.32 -2.58
N ILE A 438 -21.30 3.57 -3.45
CA ILE A 438 -21.01 3.96 -4.83
C ILE A 438 -21.61 5.34 -5.10
N CYS A 439 -20.75 6.33 -5.28
CA CYS A 439 -21.21 7.72 -5.39
C CYS A 439 -20.78 8.42 -6.67
N TRP A 440 -21.75 9.03 -7.35
CA TRP A 440 -21.50 9.67 -8.63
C TRP A 440 -21.76 11.19 -8.57
N ILE A 441 -20.82 11.96 -9.13
CA ILE A 441 -20.99 13.39 -9.27
C ILE A 441 -21.16 13.77 -10.73
N ASN A 442 -22.34 14.29 -11.07
CA ASN A 442 -22.62 14.76 -12.42
C ASN A 442 -22.58 13.67 -13.46
N THR A 443 -22.79 12.44 -13.00
CA THR A 443 -22.86 11.29 -13.90
C THR A 443 -23.64 10.20 -13.19
N TRP A 444 -23.80 9.06 -13.85
CA TRP A 444 -24.43 7.90 -13.22
C TRP A 444 -24.08 6.64 -13.97
N GLY A 445 -23.79 5.57 -13.23
CA GLY A 445 -23.82 4.25 -13.83
C GLY A 445 -22.48 3.63 -14.19
N GLU A 446 -21.47 4.45 -14.47
CA GLU A 446 -20.18 3.91 -14.82
C GLU A 446 -19.52 3.20 -13.64
N SER A 447 -18.95 2.03 -13.91
CA SER A 447 -18.39 1.22 -12.84
C SER A 447 -17.03 0.66 -13.26
N PRO A 448 -16.02 1.54 -13.36
CA PRO A 448 -14.66 1.21 -13.80
C PRO A 448 -14.08 0.02 -13.04
N ALA A 449 -13.30 -0.82 -13.72
CA ALA A 449 -12.70 -1.97 -13.05
C ALA A 449 -11.87 -1.56 -11.83
N GLU A 450 -11.33 -0.33 -11.87
CA GLU A 450 -10.48 0.14 -10.78
C GLU A 450 -11.29 0.50 -9.52
N MET A 451 -12.60 0.70 -9.69
CA MET A 451 -13.43 1.30 -8.65
C MET A 451 -14.17 0.27 -7.82
N PRO A 452 -13.75 0.09 -6.57
CA PRO A 452 -14.41 -0.78 -5.60
C PRO A 452 -15.87 -0.39 -5.49
N VAL A 453 -16.77 -1.36 -5.63
CA VAL A 453 -18.20 -1.08 -5.55
C VAL A 453 -18.91 -2.08 -4.63
N GLY A 454 -19.90 -1.58 -3.90
CA GLY A 454 -20.60 -2.39 -2.92
C GLY A 454 -21.45 -1.48 -2.04
N GLY A 455 -22.18 -2.07 -1.12
CA GLY A 455 -23.17 -1.32 -0.37
C GLY A 455 -22.81 -0.99 1.07
N TYR A 456 -23.20 0.21 1.48
CA TYR A 456 -23.32 0.56 2.89
C TYR A 456 -24.56 -0.16 3.45
N LYS A 457 -24.63 -0.32 4.77
CA LYS A 457 -25.88 -0.73 5.41
C LYS A 457 -26.40 -2.07 4.87
N GLN A 458 -27.65 -2.10 4.48
CA GLN A 458 -28.24 -3.38 4.09
C GLN A 458 -28.12 -3.63 2.57
N SER A 459 -27.33 -2.80 1.90
CA SER A 459 -27.08 -2.99 0.47
C SER A 459 -25.88 -3.91 0.18
N GLY A 460 -25.18 -4.36 1.21
CA GLY A 460 -24.08 -5.27 0.91
C GLY A 460 -23.10 -5.54 2.02
N VAL A 461 -22.16 -6.42 1.75
CA VAL A 461 -21.08 -6.72 2.68
C VAL A 461 -19.86 -6.92 1.78
N GLY A 462 -18.81 -6.15 2.03
CA GLY A 462 -17.61 -6.23 1.22
C GLY A 462 -17.78 -5.49 -0.10
N ARG A 463 -16.89 -5.74 -1.05
CA ARG A 463 -16.86 -4.97 -2.29
C ARG A 463 -16.48 -5.86 -3.47
N GLU A 464 -16.69 -5.33 -4.68
CA GLU A 464 -16.18 -5.96 -5.89
C GLU A 464 -15.37 -4.95 -6.69
N ASN A 465 -14.43 -5.45 -7.49
CA ASN A 465 -13.57 -4.64 -8.35
C ASN A 465 -12.53 -3.84 -7.55
N GLY A 466 -11.55 -3.25 -8.24
CA GLY A 466 -10.50 -2.51 -7.57
C GLY A 466 -9.46 -3.40 -6.89
N LEU A 467 -8.37 -2.77 -6.47
CA LEU A 467 -7.26 -3.46 -5.81
C LEU A 467 -7.68 -4.17 -4.54
N THR A 468 -8.51 -3.52 -3.74
CA THR A 468 -8.91 -4.06 -2.45
C THR A 468 -9.63 -5.40 -2.56
N THR A 469 -10.49 -5.55 -3.56
CA THR A 469 -11.29 -6.76 -3.69
C THR A 469 -10.39 -7.98 -3.85
N LEU A 470 -9.32 -7.82 -4.62
CA LEU A 470 -8.40 -8.91 -4.91
C LEU A 470 -7.86 -9.47 -3.61
N ALA A 471 -7.57 -8.56 -2.69
CA ALA A 471 -7.04 -8.97 -1.40
C ALA A 471 -8.01 -9.84 -0.64
N HIS A 472 -9.30 -9.55 -0.74
CA HIS A 472 -10.32 -10.27 0.02
C HIS A 472 -10.58 -11.68 -0.51
N TYR A 473 -9.86 -12.06 -1.56
CA TYR A 473 -9.86 -13.45 -2.03
C TYR A 473 -8.63 -14.24 -1.58
N THR A 474 -7.93 -13.74 -0.59
CA THR A 474 -6.82 -14.42 0.02
C THR A 474 -6.98 -14.40 1.51
N ARG A 475 -6.24 -15.24 2.20
CA ARG A 475 -6.21 -15.25 3.64
C ARG A 475 -4.83 -14.92 4.09
N ILE A 476 -4.73 -14.22 5.19
CA ILE A 476 -3.41 -13.83 5.69
C ILE A 476 -2.82 -14.93 6.57
N LYS A 477 -1.61 -15.37 6.24
CA LYS A 477 -0.84 -16.17 7.18
C LYS A 477 0.30 -15.32 7.73
N SER A 478 0.36 -15.20 9.05
CA SER A 478 1.49 -14.52 9.68
C SER A 478 2.50 -15.57 10.10
N VAL A 479 3.76 -15.33 9.76
CA VAL A 479 4.84 -16.25 10.11
C VAL A 479 5.87 -15.50 10.91
N GLN A 480 6.03 -15.87 12.18
CA GLN A 480 7.10 -15.27 12.99
C GLN A 480 8.32 -16.17 12.98
N VAL A 481 9.46 -15.67 12.53
CA VAL A 481 10.70 -16.41 12.62
C VAL A 481 11.47 -15.92 13.85
N GLU A 482 11.79 -16.85 14.75
CA GLU A 482 12.64 -16.54 15.89
C GLU A 482 14.07 -17.01 15.63
N LEU A 483 15.01 -16.07 15.62
CA LEU A 483 16.39 -16.36 15.25
C LEU A 483 17.29 -16.50 16.47
N GLY A 484 16.82 -15.98 17.61
CA GLY A 484 17.58 -16.01 18.84
C GLY A 484 17.10 -17.10 19.77
N ASP A 485 17.19 -16.86 21.07
CA ASP A 485 16.86 -17.87 22.07
C ASP A 485 15.36 -17.86 22.38
N TYR A 486 14.87 -18.94 22.97
CA TYR A 486 13.50 -18.98 23.45
C TYR A 486 13.42 -19.08 24.97
N ALA A 487 12.67 -18.17 25.57
CA ALA A 487 12.53 -18.09 27.02
C ALA A 487 11.23 -18.72 27.53
N SER A 488 11.35 -19.56 28.55
CA SER A 488 10.18 -20.15 29.20
C SER A 488 10.10 -19.70 30.65
N VAL A 489 8.90 -19.41 31.14
CA VAL A 489 8.77 -19.00 32.52
C VAL A 489 8.71 -20.22 33.44
N PHE A 490 8.78 -21.39 32.83
CA PHE A 490 8.54 -22.63 33.57
C PHE A 490 9.81 -23.41 33.86
N ALA B 2 -19.91 -8.41 49.23
CA ALA B 2 -18.96 -8.62 48.15
C ALA B 2 -17.70 -7.77 48.35
N ARG B 3 -16.59 -8.19 47.76
CA ARG B 3 -15.38 -7.41 47.92
C ARG B 3 -15.59 -5.97 47.42
N PHE B 4 -16.19 -5.86 46.24
CA PHE B 4 -16.43 -4.55 45.63
C PHE B 4 -17.90 -4.20 45.61
N GLU B 5 -18.21 -2.91 45.59
CA GLU B 5 -19.58 -2.45 45.42
C GLU B 5 -20.16 -2.95 44.09
N GLU B 6 -21.49 -2.88 43.97
CA GLU B 6 -22.20 -3.34 42.80
C GLU B 6 -21.77 -2.59 41.54
N GLN B 7 -21.38 -3.35 40.51
CA GLN B 7 -20.94 -2.76 39.25
C GLN B 7 -22.11 -2.34 38.38
N LYS B 8 -22.13 -1.07 37.99
CA LYS B 8 -23.21 -0.55 37.18
C LYS B 8 -22.84 -0.54 35.68
N LEU B 9 -23.80 -0.19 34.81
CA LEU B 9 -23.51 -0.07 33.39
C LEU B 9 -22.70 1.21 33.13
N TYR B 10 -21.87 1.19 32.09
CA TYR B 10 -21.15 2.39 31.72
C TYR B 10 -21.60 2.92 30.37
N ILE B 11 -22.35 4.03 30.41
CA ILE B 11 -22.91 4.65 29.21
C ILE B 11 -22.80 6.18 29.24
N GLY B 12 -22.22 6.75 28.21
CA GLY B 12 -22.11 8.20 28.12
C GLY B 12 -21.13 8.82 29.09
N GLY B 13 -19.97 8.20 29.24
CA GLY B 13 -18.90 8.78 30.06
C GLY B 13 -19.11 8.71 31.57
N ARG B 14 -20.03 7.84 32.00
CA ARG B 14 -20.32 7.69 33.42
C ARG B 14 -21.05 6.38 33.64
N TYR B 15 -21.14 5.95 34.90
CA TYR B 15 -21.98 4.82 35.24
C TYR B 15 -23.46 5.22 35.33
N VAL B 16 -24.33 4.36 34.81
CA VAL B 16 -25.77 4.59 34.95
C VAL B 16 -26.42 3.30 35.42
N GLU B 17 -27.61 3.44 36.00
CA GLU B 17 -28.38 2.29 36.48
C GLU B 17 -28.98 1.50 35.35
N ALA B 18 -28.80 0.19 35.38
CA ALA B 18 -29.47 -0.71 34.46
C ALA B 18 -30.96 -0.65 34.72
N SER B 19 -31.77 -1.09 33.77
CA SER B 19 -33.20 -1.10 33.95
C SER B 19 -33.74 -2.51 33.79
N SER B 20 -32.96 -3.48 34.24
CA SER B 20 -33.36 -4.89 34.15
C SER B 20 -33.84 -5.42 35.50
N GLY B 21 -33.41 -4.77 36.57
CA GLY B 21 -33.75 -5.24 37.90
C GLY B 21 -33.14 -6.58 38.23
N ALA B 22 -32.09 -6.95 37.51
CA ALA B 22 -31.36 -8.19 37.76
C ALA B 22 -29.85 -7.95 37.90
N THR B 23 -29.18 -8.85 38.63
CA THR B 23 -27.73 -8.83 38.74
C THR B 23 -27.20 -10.24 38.65
N PHE B 24 -25.89 -10.36 38.48
CA PHE B 24 -25.22 -11.66 38.60
C PHE B 24 -23.95 -11.43 39.39
N GLU B 25 -23.30 -12.52 39.80
CA GLU B 25 -22.08 -12.40 40.56
C GLU B 25 -20.88 -12.80 39.71
N THR B 26 -19.76 -12.15 39.96
CA THR B 26 -18.48 -12.61 39.49
C THR B 26 -17.71 -13.13 40.70
N ILE B 27 -17.05 -14.25 40.50
CA ILE B 27 -16.52 -15.06 41.56
C ILE B 27 -15.03 -15.18 41.43
N ASN B 28 -14.29 -14.97 42.49
CA ASN B 28 -12.86 -15.16 42.42
C ASN B 28 -12.56 -16.63 42.37
N PRO B 29 -11.95 -17.10 41.30
CA PRO B 29 -11.81 -18.55 41.15
C PRO B 29 -10.74 -19.12 42.06
N ALA B 30 -9.98 -18.25 42.73
CA ALA B 30 -8.93 -18.73 43.62
C ALA B 30 -9.47 -19.12 45.00
N ASN B 31 -10.71 -18.75 45.29
CA ASN B 31 -11.28 -19.06 46.59
C ASN B 31 -12.80 -19.11 46.67
N GLY B 32 -13.46 -18.96 45.51
CA GLY B 32 -14.91 -19.08 45.43
C GLY B 32 -15.67 -17.90 46.00
N GLU B 33 -14.96 -16.90 46.50
CA GLU B 33 -15.59 -15.70 47.07
CA GLU B 33 -15.67 -15.78 47.08
C GLU B 33 -16.25 -14.85 46.01
N VAL B 34 -17.25 -14.06 46.40
CA VAL B 34 -17.88 -13.13 45.49
C VAL B 34 -17.10 -11.81 45.42
N LEU B 35 -16.74 -11.40 44.20
CA LEU B 35 -16.02 -10.16 43.98
C LEU B 35 -17.00 -9.01 43.87
N ALA B 36 -18.08 -9.22 43.13
CA ALA B 36 -19.09 -8.18 43.02
C ALA B 36 -20.39 -8.69 42.43
N LYS B 37 -21.44 -7.92 42.68
CA LYS B 37 -22.67 -8.08 41.95
C LYS B 37 -22.68 -7.06 40.80
N VAL B 38 -23.14 -7.51 39.64
CA VAL B 38 -23.00 -6.78 38.40
C VAL B 38 -24.37 -6.68 37.76
N GLN B 39 -24.74 -5.49 37.28
CA GLN B 39 -26.07 -5.33 36.68
C GLN B 39 -26.20 -5.99 35.32
N ARG B 40 -27.38 -6.50 35.02
CA ARG B 40 -27.67 -7.05 33.72
C ARG B 40 -28.29 -5.92 32.90
N ALA B 41 -27.79 -5.71 31.69
CA ALA B 41 -28.39 -4.70 30.84
C ALA B 41 -29.70 -5.23 30.25
N SER B 42 -30.71 -4.36 30.17
CA SER B 42 -31.97 -4.76 29.54
C SER B 42 -31.92 -4.38 28.07
N ARG B 43 -32.89 -4.89 27.31
CA ARG B 43 -33.01 -4.54 25.91
C ARG B 43 -33.04 -3.02 25.75
N GLU B 44 -33.73 -2.33 26.65
CA GLU B 44 -33.81 -0.87 26.53
C GLU B 44 -32.49 -0.21 26.91
N ASP B 45 -31.68 -0.88 27.73
CA ASP B 45 -30.34 -0.39 28.05
C ASP B 45 -29.43 -0.52 26.83
N VAL B 46 -29.59 -1.60 26.06
CA VAL B 46 -28.84 -1.75 24.82
C VAL B 46 -29.19 -0.59 23.88
N GLU B 47 -30.48 -0.31 23.78
CA GLU B 47 -30.97 0.79 22.97
C GLU B 47 -30.44 2.15 23.44
N ARG B 48 -30.24 2.31 24.74
CA ARG B 48 -29.71 3.57 25.29
C ARG B 48 -28.22 3.70 24.95
N ALA B 49 -27.52 2.58 25.00
CA ALA B 49 -26.11 2.55 24.67
C ALA B 49 -25.90 2.85 23.18
N VAL B 50 -26.79 2.36 22.32
CA VAL B 50 -26.63 2.59 20.89
C VAL B 50 -26.83 4.06 20.54
N GLN B 51 -27.87 4.69 21.11
CA GLN B 51 -28.08 6.10 20.82
C GLN B 51 -26.93 6.94 21.41
N SER B 52 -26.47 6.55 22.58
CA SER B 52 -25.31 7.22 23.18
C SER B 52 -24.13 7.17 22.21
N ALA B 53 -23.87 5.99 21.66
CA ALA B 53 -22.76 5.79 20.73
C ALA B 53 -22.96 6.55 19.42
N VAL B 54 -24.18 6.49 18.87
CA VAL B 54 -24.48 7.23 17.67
C VAL B 54 -24.09 8.69 17.81
N GLU B 55 -24.37 9.30 18.96
CA GLU B 55 -24.07 10.72 19.13
C GLU B 55 -22.61 10.96 19.51
N GLY B 56 -22.07 10.08 20.33
CA GLY B 56 -20.67 10.14 20.68
C GLY B 56 -19.79 9.98 19.46
N GLN B 57 -20.16 9.06 18.58
CA GLN B 57 -19.37 8.78 17.39
C GLN B 57 -19.25 10.01 16.52
N LYS B 58 -20.32 10.80 16.48
CA LYS B 58 -20.30 12.00 15.63
C LYS B 58 -19.25 12.98 16.14
N VAL B 59 -19.12 13.06 17.46
CA VAL B 59 -18.16 13.99 18.05
C VAL B 59 -16.75 13.50 17.80
N TRP B 60 -16.52 12.21 18.03
CA TRP B 60 -15.23 11.58 17.80
C TRP B 60 -14.78 11.77 16.34
N ALA B 61 -15.70 11.53 15.41
CA ALA B 61 -15.39 11.61 13.98
C ALA B 61 -15.13 13.04 13.52
N ALA B 62 -15.77 14.01 14.17
CA ALA B 62 -15.62 15.40 13.79
C ALA B 62 -14.25 16.00 14.18
N MET B 63 -13.56 15.37 15.13
CA MET B 63 -12.20 15.80 15.47
C MET B 63 -11.22 15.51 14.32
N THR B 64 -10.04 16.13 14.35
CA THR B 64 -9.01 15.80 13.36
C THR B 64 -8.35 14.47 13.71
N ALA B 65 -7.66 13.88 12.74
CA ALA B 65 -6.96 12.61 12.97
C ALA B 65 -6.05 12.69 14.19
N MET B 66 -5.22 13.72 14.25
CA MET B 66 -4.24 13.87 15.33
C MET B 66 -4.91 14.11 16.70
N GLN B 67 -6.03 14.80 16.70
CA GLN B 67 -6.81 14.92 17.94
C GLN B 67 -7.22 13.55 18.47
N ARG B 68 -7.68 12.66 17.59
CA ARG B 68 -8.06 11.32 18.03
C ARG B 68 -6.81 10.59 18.52
N SER B 69 -5.71 10.78 17.80
CA SER B 69 -4.48 10.09 18.13
C SER B 69 -3.98 10.49 19.51
N ARG B 70 -4.06 11.77 19.81
CA ARG B 70 -3.50 12.29 21.07
C ARG B 70 -4.34 11.75 22.22
N ILE B 71 -5.65 11.72 22.05
CA ILE B 71 -6.53 11.24 23.11
C ILE B 71 -6.21 9.78 23.42
N LEU B 72 -6.01 8.97 22.38
CA LEU B 72 -5.73 7.56 22.59
C LEU B 72 -4.34 7.36 23.21
N ARG B 73 -3.38 8.18 22.81
CA ARG B 73 -2.04 8.12 23.43
C ARG B 73 -2.14 8.45 24.93
N ARG B 74 -3.00 9.40 25.28
CA ARG B 74 -3.25 9.70 26.69
C ARG B 74 -3.77 8.45 27.42
N ALA B 75 -4.74 7.77 26.84
CA ALA B 75 -5.28 6.57 27.44
C ALA B 75 -4.15 5.57 27.68
N VAL B 76 -3.25 5.46 26.69
CA VAL B 76 -2.12 4.57 26.82
C VAL B 76 -1.28 4.99 28.03
N ASP B 77 -1.05 6.28 28.17
CA ASP B 77 -0.26 6.78 29.29
C ASP B 77 -0.88 6.35 30.62
N ILE B 78 -2.19 6.53 30.74
CA ILE B 78 -2.90 6.11 31.94
C ILE B 78 -2.76 4.60 32.15
N LEU B 79 -3.01 3.82 31.11
CA LEU B 79 -2.91 2.37 31.26
C LEU B 79 -1.53 1.95 31.75
N ARG B 80 -0.49 2.62 31.29
CA ARG B 80 0.87 2.37 31.76
C ARG B 80 1.00 2.69 33.26
N GLU B 81 0.54 3.87 33.67
CA GLU B 81 0.59 4.26 35.07
C GLU B 81 -0.02 3.17 35.91
N ARG B 82 -1.20 2.70 35.48
CA ARG B 82 -2.02 1.85 36.33
C ARG B 82 -1.87 0.36 36.07
N ASN B 83 -0.80 0.00 35.36
CA ASN B 83 -0.56 -1.39 35.02
C ASN B 83 -0.70 -2.37 36.19
N ASP B 84 -0.02 -2.10 37.30
CA ASP B 84 -0.05 -3.00 38.45
C ASP B 84 -1.44 -3.15 39.07
N GLU B 85 -2.10 -2.00 39.23
CA GLU B 85 -3.43 -1.92 39.79
C GLU B 85 -4.45 -2.65 38.93
N LEU B 86 -4.33 -2.50 37.62
CA LEU B 86 -5.23 -3.18 36.71
C LEU B 86 -4.87 -4.66 36.68
N ALA B 87 -3.58 -4.97 36.76
CA ALA B 87 -3.18 -6.37 36.77
C ALA B 87 -3.78 -7.06 37.98
N ALA B 88 -3.78 -6.36 39.11
CA ALA B 88 -4.29 -6.92 40.35
C ALA B 88 -5.78 -7.24 40.24
N LEU B 89 -6.54 -6.28 39.72
CA LEU B 89 -7.96 -6.50 39.49
C LEU B 89 -8.17 -7.69 38.57
N GLU B 90 -7.41 -7.76 37.48
CA GLU B 90 -7.55 -8.85 36.53
C GLU B 90 -7.21 -10.21 37.15
N THR B 91 -6.20 -10.24 38.02
CA THR B 91 -5.88 -11.48 38.73
C THR B 91 -7.06 -11.95 39.59
N LEU B 92 -7.66 -11.04 40.33
CA LEU B 92 -8.85 -11.35 41.12
C LEU B 92 -9.94 -11.96 40.25
N ASP B 93 -10.14 -11.39 39.07
CA ASP B 93 -11.27 -11.76 38.24
C ASP B 93 -11.01 -12.99 37.38
N THR B 94 -9.75 -13.32 37.12
CA THR B 94 -9.51 -14.44 36.20
C THR B 94 -8.81 -15.60 36.87
N GLY B 95 -8.15 -15.31 37.99
CA GLY B 95 -7.39 -16.32 38.70
C GLY B 95 -5.97 -16.42 38.17
N LYS B 96 -5.65 -15.62 37.16
CA LYS B 96 -4.34 -15.72 36.54
C LYS B 96 -3.22 -15.15 37.43
N PRO B 97 -2.05 -15.80 37.42
CA PRO B 97 -0.91 -15.41 38.25
C PRO B 97 -0.58 -13.93 38.07
N LEU B 98 -0.36 -13.26 39.19
CA LEU B 98 0.05 -11.86 39.19
C LEU B 98 1.28 -11.67 38.27
N ALA B 99 2.13 -12.69 38.18
CA ALA B 99 3.31 -12.66 37.31
C ALA B 99 2.95 -12.52 35.83
N GLU B 100 1.82 -13.10 35.43
CA GLU B 100 1.32 -12.95 34.07
C GLU B 100 0.64 -11.59 33.88
N THR B 101 -0.35 -11.31 34.72
CA THR B 101 -1.11 -10.07 34.55
C THR B 101 -0.26 -8.80 34.64
N ARG B 102 0.73 -8.79 35.53
CA ARG B 102 1.57 -7.60 35.67
C ARG B 102 2.44 -7.33 34.44
N SER B 103 2.76 -8.37 33.69
CA SER B 103 3.73 -8.22 32.61
C SER B 103 3.14 -8.45 31.21
N VAL B 104 1.96 -9.07 31.16
CA VAL B 104 1.31 -9.39 29.88
C VAL B 104 0.02 -8.60 29.63
N ASP B 105 -1.04 -8.95 30.34
CA ASP B 105 -2.39 -8.47 30.01
C ASP B 105 -2.50 -6.99 29.65
N ILE B 106 -2.09 -6.10 30.56
CA ILE B 106 -2.17 -4.68 30.27
C ILE B 106 -1.05 -4.23 29.31
N VAL B 107 0.17 -4.70 29.55
CA VAL B 107 1.28 -4.37 28.67
C VAL B 107 0.94 -4.54 27.18
N THR B 108 0.51 -5.74 26.78
CA THR B 108 0.22 -6.00 25.38
C THR B 108 -1.12 -5.43 24.93
N GLY B 109 -2.04 -5.26 25.88
CA GLY B 109 -3.26 -4.53 25.62
C GLY B 109 -2.92 -3.11 25.22
N ALA B 110 -2.23 -2.40 26.10
CA ALA B 110 -1.81 -1.03 25.84
C ALA B 110 -0.88 -0.96 24.63
N ASP B 111 -0.13 -2.02 24.39
CA ASP B 111 0.78 -2.03 23.25
C ASP B 111 0.00 -1.82 21.97
N VAL B 112 -1.13 -2.50 21.87
CA VAL B 112 -1.94 -2.49 20.66
C VAL B 112 -2.65 -1.14 20.49
N LEU B 113 -3.20 -0.62 21.59
CA LEU B 113 -3.77 0.71 21.55
C LEU B 113 -2.71 1.75 21.18
N GLU B 114 -1.52 1.60 21.75
CA GLU B 114 -0.43 2.51 21.45
C GLU B 114 -0.15 2.48 19.94
N TYR B 115 -0.03 1.27 19.40
CA TYR B 115 0.21 1.06 17.97
C TYR B 115 -0.85 1.77 17.10
N TYR B 116 -2.13 1.51 17.33
CA TYR B 116 -3.17 2.18 16.55
C TYR B 116 -3.26 3.68 16.79
N ALA B 117 -3.02 4.13 18.01
CA ALA B 117 -3.07 5.56 18.29
C ALA B 117 -2.16 6.28 17.29
N GLY B 118 -1.01 5.71 17.02
CA GLY B 118 -0.03 6.34 16.16
C GLY B 118 -0.44 6.30 14.70
N LEU B 119 -1.34 5.37 14.35
CA LEU B 119 -1.69 5.14 12.95
C LEU B 119 -2.94 5.92 12.50
N VAL B 120 -3.56 6.64 13.42
CA VAL B 120 -4.76 7.40 13.05
C VAL B 120 -4.62 8.30 11.80
N PRO B 121 -3.53 9.09 11.71
CA PRO B 121 -3.41 9.99 10.56
C PRO B 121 -3.01 9.26 9.28
N ALA B 122 -2.74 7.97 9.37
CA ALA B 122 -2.28 7.22 8.22
C ALA B 122 -3.42 6.59 7.43
N ILE B 123 -4.65 6.69 7.93
CA ILE B 123 -5.79 6.10 7.22
C ILE B 123 -6.13 6.93 5.98
N GLU B 124 -5.90 6.36 4.81
CA GLU B 124 -6.05 7.09 3.57
C GLU B 124 -6.92 6.35 2.58
N GLY B 125 -7.53 7.07 1.66
CA GLY B 125 -8.18 6.45 0.52
C GLY B 125 -7.26 6.44 -0.68
N GLU B 126 -7.85 6.26 -1.86
CA GLU B 126 -7.10 6.10 -3.10
C GLU B 126 -7.57 7.14 -4.10
N GLN B 127 -6.78 7.36 -5.12
CA GLN B 127 -7.19 8.20 -6.21
C GLN B 127 -6.79 7.50 -7.50
N ILE B 128 -7.71 7.46 -8.46
CA ILE B 128 -7.53 6.73 -9.71
C ILE B 128 -8.03 7.59 -10.87
N PRO B 129 -7.13 8.01 -11.77
CA PRO B 129 -7.59 8.78 -12.93
C PRO B 129 -8.29 7.85 -13.91
N LEU B 130 -9.37 8.28 -14.54
CA LEU B 130 -10.02 7.42 -15.51
C LEU B 130 -9.67 7.89 -16.91
N ARG B 131 -9.73 9.19 -17.10
CA ARG B 131 -9.42 9.82 -18.37
C ARG B 131 -9.31 11.27 -17.99
N GLU B 132 -9.04 12.12 -18.95
CA GLU B 132 -8.79 13.52 -18.64
C GLU B 132 -9.98 14.18 -17.95
N THR B 133 -11.18 13.81 -18.36
CA THR B 133 -12.41 14.43 -17.84
C THR B 133 -13.03 13.69 -16.67
N SER B 134 -12.32 12.72 -16.10
CA SER B 134 -12.92 12.03 -14.97
C SER B 134 -11.92 11.25 -14.13
N PHE B 135 -12.18 11.21 -12.83
CA PHE B 135 -11.34 10.45 -11.91
C PHE B 135 -12.15 9.98 -10.74
N VAL B 136 -11.63 9.01 -10.00
CA VAL B 136 -12.26 8.62 -8.76
C VAL B 136 -11.34 8.73 -7.57
N TYR B 137 -11.96 8.95 -6.42
CA TYR B 137 -11.24 8.85 -5.17
C TYR B 137 -12.10 8.11 -4.19
N THR B 138 -11.46 7.33 -3.33
CA THR B 138 -12.18 6.63 -2.31
C THR B 138 -11.97 7.31 -0.98
N ARG B 139 -12.98 7.18 -0.14
CA ARG B 139 -12.87 7.59 1.24
C ARG B 139 -13.00 6.34 2.10
N ARG B 140 -12.22 6.28 3.16
CA ARG B 140 -12.40 5.25 4.17
C ARG B 140 -13.11 5.86 5.37
N GLU B 141 -14.43 5.71 5.41
CA GLU B 141 -15.25 6.32 6.44
C GLU B 141 -15.38 5.40 7.67
N PRO B 142 -15.66 5.97 8.84
CA PRO B 142 -15.94 5.09 9.97
C PRO B 142 -17.20 4.28 9.68
N LEU B 143 -17.30 3.08 10.23
CA LEU B 143 -18.50 2.28 10.11
C LEU B 143 -19.63 2.95 10.89
N GLY B 144 -19.26 3.61 12.00
CA GLY B 144 -20.25 4.18 12.89
C GLY B 144 -20.19 3.54 14.28
N VAL B 145 -21.23 2.81 14.63
CA VAL B 145 -21.28 2.12 15.91
C VAL B 145 -21.01 0.65 15.70
N VAL B 146 -20.00 0.15 16.39
CA VAL B 146 -19.66 -1.27 16.31
C VAL B 146 -19.77 -1.89 17.69
N ALA B 147 -19.73 -3.21 17.75
CA ALA B 147 -19.82 -3.88 19.03
C ALA B 147 -18.77 -4.97 19.15
N GLY B 148 -18.11 -5.00 20.30
CA GLY B 148 -17.20 -6.08 20.60
C GLY B 148 -17.78 -6.93 21.73
N ILE B 149 -17.49 -8.22 21.67
CA ILE B 149 -17.95 -9.17 22.66
C ILE B 149 -16.72 -9.96 23.10
N GLY B 150 -16.41 -9.92 24.40
CA GLY B 150 -15.14 -10.47 24.89
C GLY B 150 -15.20 -11.86 25.52
N ALA B 151 -14.03 -12.51 25.60
CA ALA B 151 -13.91 -13.78 26.32
C ALA B 151 -13.32 -13.57 27.72
N TRP B 152 -13.28 -14.64 28.51
CA TRP B 152 -12.89 -14.52 29.91
C TRP B 152 -11.39 -14.69 30.21
N ASN B 153 -10.64 -15.27 29.26
CA ASN B 153 -9.22 -15.57 29.52
C ASN B 153 -8.26 -14.37 29.57
N TYR B 154 -8.56 -13.33 28.81
CA TYR B 154 -7.75 -12.12 28.77
C TYR B 154 -8.68 -10.92 28.62
N PRO B 155 -9.45 -10.63 29.67
CA PRO B 155 -10.55 -9.66 29.62
C PRO B 155 -10.16 -8.26 29.10
N VAL B 156 -9.21 -7.58 29.73
CA VAL B 156 -8.92 -6.20 29.31
C VAL B 156 -8.06 -6.15 28.04
N GLN B 157 -7.24 -7.18 27.83
CA GLN B 157 -6.46 -7.27 26.63
C GLN B 157 -7.38 -7.37 25.42
N ILE B 158 -8.35 -8.27 25.51
CA ILE B 158 -9.31 -8.42 24.43
C ILE B 158 -10.09 -7.14 24.24
N ALA B 159 -10.47 -6.49 25.34
CA ALA B 159 -11.21 -5.24 25.25
C ALA B 159 -10.37 -4.16 24.56
N LEU B 160 -9.08 -4.17 24.80
CA LEU B 160 -8.20 -3.18 24.17
C LEU B 160 -7.91 -3.50 22.70
N TRP B 161 -7.66 -4.77 22.39
CA TRP B 161 -7.40 -5.19 21.02
C TRP B 161 -8.61 -5.00 20.12
N LYS B 162 -9.80 -4.96 20.70
CA LYS B 162 -10.99 -4.77 19.92
C LYS B 162 -11.33 -3.30 19.78
N SER B 163 -11.22 -2.56 20.88
CA SER B 163 -11.61 -1.17 20.85
C SER B 163 -10.54 -0.25 20.24
N ALA B 164 -9.29 -0.68 20.26
CA ALA B 164 -8.21 0.15 19.72
C ALA B 164 -8.36 0.44 18.21
N PRO B 165 -8.47 -0.62 17.39
CA PRO B 165 -8.65 -0.35 15.95
C PRO B 165 -10.00 0.34 15.68
N ALA B 166 -11.04 -0.16 16.35
CA ALA B 166 -12.36 0.43 16.23
C ALA B 166 -12.32 1.94 16.44
N LEU B 167 -11.76 2.37 17.57
CA LEU B 167 -11.73 3.80 17.89
C LEU B 167 -10.75 4.55 17.01
N ALA B 168 -9.59 3.96 16.76
CA ALA B 168 -8.60 4.57 15.88
C ALA B 168 -9.19 4.81 14.49
N ALA B 169 -10.17 4.00 14.10
CA ALA B 169 -10.80 4.16 12.79
C ALA B 169 -11.93 5.16 12.81
N GLY B 170 -12.17 5.77 13.97
CA GLY B 170 -13.19 6.80 14.10
C GLY B 170 -14.56 6.29 14.52
N ASN B 171 -14.62 5.08 15.07
CA ASN B 171 -15.88 4.46 15.43
C ASN B 171 -16.19 4.59 16.93
N ALA B 172 -17.45 4.38 17.29
CA ALA B 172 -17.82 4.10 18.66
C ALA B 172 -18.00 2.60 18.81
N MET B 173 -17.47 2.05 19.90
CA MET B 173 -17.71 0.65 20.22
C MET B 173 -18.52 0.48 21.49
N ILE B 174 -19.58 -0.33 21.42
CA ILE B 174 -20.27 -0.81 22.61
C ILE B 174 -19.67 -2.17 22.95
N PHE B 175 -19.15 -2.32 24.16
CA PHE B 175 -18.44 -3.54 24.52
C PHE B 175 -19.14 -4.36 25.61
N LYS B 176 -19.21 -5.67 25.40
CA LYS B 176 -19.76 -6.60 26.38
C LYS B 176 -18.73 -7.64 26.82
N PRO B 177 -18.23 -7.52 28.06
CA PRO B 177 -17.29 -8.52 28.58
C PRO B 177 -17.99 -9.84 28.85
N SER B 178 -17.23 -10.90 29.10
CA SER B 178 -17.82 -12.13 29.56
C SER B 178 -18.50 -11.91 30.92
N GLU B 179 -19.61 -12.58 31.14
CA GLU B 179 -20.26 -12.60 32.44
C GLU B 179 -19.23 -13.00 33.48
N VAL B 180 -18.35 -13.91 33.08
CA VAL B 180 -17.36 -14.45 33.98
C VAL B 180 -16.39 -13.39 34.47
N THR B 181 -16.10 -12.38 33.67
CA THR B 181 -15.04 -11.43 34.01
C THR B 181 -15.35 -10.00 33.55
N PRO B 182 -16.24 -9.30 34.26
CA PRO B 182 -16.70 -7.99 33.81
C PRO B 182 -15.92 -6.81 34.37
N LEU B 183 -15.02 -7.06 35.32
CA LEU B 183 -14.44 -5.96 36.09
C LEU B 183 -13.51 -5.01 35.32
N THR B 184 -12.51 -5.55 34.64
CA THR B 184 -11.52 -4.68 34.00
C THR B 184 -12.10 -3.88 32.83
N ALA B 185 -13.18 -4.39 32.23
CA ALA B 185 -13.80 -3.67 31.12
C ALA B 185 -14.34 -2.33 31.57
N LEU B 186 -14.99 -2.32 32.74
CA LEU B 186 -15.57 -1.09 33.26
C LEU B 186 -14.45 -0.12 33.60
N LYS B 187 -13.33 -0.65 34.07
CA LYS B 187 -12.19 0.18 34.42
C LYS B 187 -11.62 0.84 33.16
N LEU B 188 -11.51 0.07 32.08
CA LEU B 188 -11.07 0.62 30.80
C LEU B 188 -11.95 1.80 30.39
N ALA B 189 -13.26 1.69 30.61
CA ALA B 189 -14.20 2.72 30.16
C ALA B 189 -13.95 4.01 30.91
N GLU B 190 -13.68 3.91 32.20
CA GLU B 190 -13.34 5.08 33.00
C GLU B 190 -12.05 5.71 32.46
N ILE B 191 -11.08 4.86 32.15
CA ILE B 191 -9.81 5.34 31.62
C ILE B 191 -9.97 6.07 30.27
N TYR B 192 -10.74 5.48 29.36
CA TYR B 192 -10.98 6.13 28.08
C TYR B 192 -11.59 7.52 28.30
N THR B 193 -12.60 7.59 29.17
CA THR B 193 -13.21 8.89 29.50
C THR B 193 -12.19 9.84 30.12
N GLU B 194 -11.35 9.33 31.00
CA GLU B 194 -10.39 10.20 31.65
C GLU B 194 -9.43 10.77 30.62
N ALA B 195 -9.19 10.00 29.56
CA ALA B 195 -8.19 10.37 28.56
C ALA B 195 -8.68 11.41 27.56
N GLY B 196 -10.00 11.62 27.50
CA GLY B 196 -10.56 12.57 26.57
C GLY B 196 -11.51 11.96 25.55
N VAL B 197 -11.67 10.64 25.59
CA VAL B 197 -12.61 9.97 24.71
C VAL B 197 -14.00 10.49 24.99
N PRO B 198 -14.66 11.05 23.96
CA PRO B 198 -16.00 11.64 24.12
C PRO B 198 -17.02 10.67 24.71
N ASP B 199 -18.04 11.21 25.38
CA ASP B 199 -19.09 10.39 25.95
C ASP B 199 -19.84 9.64 24.86
N GLY B 200 -20.02 8.35 25.09
CA GLY B 200 -20.75 7.52 24.16
C GLY B 200 -19.87 6.66 23.26
N VAL B 201 -18.59 7.03 23.18
CA VAL B 201 -17.69 6.39 22.22
C VAL B 201 -17.21 5.02 22.66
N PHE B 202 -17.04 4.84 23.96
CA PHE B 202 -16.79 3.50 24.47
C PHE B 202 -17.72 3.22 25.65
N ASN B 203 -18.74 2.41 25.37
CA ASN B 203 -19.79 2.07 26.33
C ASN B 203 -19.66 0.60 26.70
N VAL B 204 -19.91 0.25 27.97
CA VAL B 204 -19.82 -1.15 28.39
C VAL B 204 -21.14 -1.65 28.92
N LEU B 205 -21.58 -2.78 28.38
CA LEU B 205 -22.80 -3.43 28.86
C LEU B 205 -22.45 -4.79 29.43
N THR B 206 -22.88 -5.06 30.66
CA THR B 206 -22.65 -6.36 31.29
C THR B 206 -23.93 -7.22 31.22
N GLY B 207 -23.78 -8.52 31.34
CA GLY B 207 -24.92 -9.42 31.22
C GLY B 207 -24.50 -10.67 30.48
N SER B 208 -25.46 -11.50 30.10
CA SER B 208 -25.15 -12.73 29.39
C SER B 208 -25.06 -12.49 27.89
N GLY B 209 -24.46 -13.44 27.18
CA GLY B 209 -24.36 -13.37 25.74
C GLY B 209 -25.69 -13.70 25.09
N ARG B 210 -26.41 -14.65 25.62
CA ARG B 210 -27.65 -15.03 25.02
C ARG B 210 -28.68 -13.95 25.15
N GLU B 211 -28.46 -13.00 26.02
CA GLU B 211 -29.36 -11.84 26.11
C GLU B 211 -28.77 -10.58 25.48
N VAL B 212 -27.91 -9.88 26.22
CA VAL B 212 -27.35 -8.64 25.70
C VAL B 212 -26.45 -8.85 24.48
N GLY B 213 -25.65 -9.92 24.50
CA GLY B 213 -24.83 -10.26 23.36
C GLY B 213 -25.67 -10.30 22.09
N GLN B 214 -26.75 -11.06 22.14
CA GLN B 214 -27.62 -11.22 21.00
C GLN B 214 -28.39 -9.94 20.69
N TRP B 215 -28.76 -9.19 21.71
CA TRP B 215 -29.43 -7.93 21.44
C TRP B 215 -28.52 -6.99 20.66
N LEU B 216 -27.21 -7.13 20.87
CA LEU B 216 -26.24 -6.33 20.15
C LEU B 216 -26.06 -6.84 18.73
N THR B 217 -25.91 -8.15 18.57
CA THR B 217 -25.67 -8.70 17.24
C THR B 217 -26.89 -8.43 16.34
N GLU B 218 -28.03 -8.19 16.95
CA GLU B 218 -29.27 -8.02 16.20
C GLU B 218 -29.61 -6.56 15.90
N HIS B 219 -29.08 -5.64 16.68
CA HIS B 219 -29.49 -4.26 16.55
C HIS B 219 -29.19 -3.71 15.15
N PRO B 220 -30.19 -3.07 14.52
CA PRO B 220 -30.15 -2.54 13.16
C PRO B 220 -29.15 -1.40 12.95
N LEU B 221 -28.81 -0.67 14.01
CA LEU B 221 -27.97 0.52 13.87
C LEU B 221 -26.48 0.21 14.05
N ILE B 222 -26.17 -1.00 14.47
CA ILE B 222 -24.79 -1.40 14.70
C ILE B 222 -24.22 -1.97 13.42
N GLU B 223 -23.08 -1.45 12.98
CA GLU B 223 -22.54 -1.81 11.67
C GLU B 223 -21.57 -2.99 11.65
N LYS B 224 -21.04 -3.36 12.79
CA LYS B 224 -20.09 -4.48 12.79
C LYS B 224 -20.04 -5.15 14.15
N ILE B 225 -19.93 -6.47 14.16
CA ILE B 225 -19.70 -7.20 15.39
C ILE B 225 -18.28 -7.77 15.40
N SER B 226 -17.57 -7.55 16.49
CA SER B 226 -16.31 -8.26 16.68
C SER B 226 -16.43 -9.18 17.89
N PHE B 227 -16.19 -10.45 17.65
CA PHE B 227 -16.47 -11.45 18.66
C PHE B 227 -15.28 -12.36 18.95
N THR B 228 -15.15 -12.73 20.20
CA THR B 228 -14.11 -13.66 20.61
C THR B 228 -14.68 -14.73 21.55
N GLY B 229 -14.47 -15.99 21.19
CA GLY B 229 -14.92 -17.10 21.99
C GLY B 229 -14.90 -18.40 21.21
N GLY B 230 -15.77 -19.32 21.59
CA GLY B 230 -15.80 -20.65 21.00
C GLY B 230 -16.33 -20.70 19.59
N THR B 231 -15.77 -21.61 18.80
CA THR B 231 -16.21 -21.78 17.42
C THR B 231 -17.72 -22.03 17.36
N SER B 232 -18.20 -22.91 18.24
CA SER B 232 -19.62 -23.22 18.31
C SER B 232 -20.49 -21.98 18.56
N THR B 233 -20.12 -21.19 19.56
CA THR B 233 -20.83 -19.97 19.86
C THR B 233 -20.69 -18.92 18.74
N GLY B 234 -19.48 -18.83 18.18
CA GLY B 234 -19.21 -17.90 17.10
C GLY B 234 -20.16 -18.08 15.94
N LYS B 235 -20.39 -19.34 15.58
CA LYS B 235 -21.28 -19.64 14.47
C LYS B 235 -22.66 -19.04 14.68
N LYS B 236 -23.16 -19.11 15.91
CA LYS B 236 -24.47 -18.56 16.22
C LYS B 236 -24.42 -17.04 16.18
N VAL B 237 -23.35 -16.49 16.75
CA VAL B 237 -23.17 -15.04 16.80
C VAL B 237 -23.06 -14.46 15.40
N MET B 238 -22.29 -15.12 14.53
CA MET B 238 -22.10 -14.65 13.16
C MET B 238 -23.37 -14.79 12.33
N ALA B 239 -24.10 -15.88 12.54
CA ALA B 239 -25.37 -16.06 11.82
C ALA B 239 -26.35 -14.94 12.10
N SER B 240 -26.40 -14.52 13.36
CA SER B 240 -27.34 -13.50 13.80
C SER B 240 -26.94 -12.08 13.38
N ALA B 241 -25.63 -11.81 13.37
CA ALA B 241 -25.13 -10.52 12.89
C ALA B 241 -25.47 -10.38 11.41
N SER B 242 -25.32 -11.48 10.70
CA SER B 242 -25.61 -11.56 9.28
C SER B 242 -27.09 -11.37 8.97
N SER B 243 -27.91 -12.24 9.53
CA SER B 243 -29.32 -12.30 9.14
C SER B 243 -30.17 -11.12 9.65
N SER B 244 -29.67 -10.39 10.63
CA SER B 244 -30.44 -9.29 11.21
C SER B 244 -30.37 -8.05 10.33
N SER B 245 -29.15 -7.64 9.98
CA SER B 245 -28.93 -6.42 9.22
C SER B 245 -27.65 -6.47 8.40
N LEU B 246 -27.12 -7.63 8.17
CA LEU B 246 -25.90 -7.77 7.39
C LEU B 246 -24.77 -6.98 7.95
N LYS B 247 -24.43 -7.22 9.18
CA LYS B 247 -23.29 -6.52 9.76
C LYS B 247 -21.96 -7.07 9.23
N GLU B 248 -20.92 -6.25 9.23
CA GLU B 248 -19.57 -6.78 9.03
C GLU B 248 -19.19 -7.59 10.27
N VAL B 249 -18.32 -8.58 10.10
CA VAL B 249 -17.90 -9.37 11.27
C VAL B 249 -16.40 -9.68 11.39
N THR B 250 -15.90 -9.64 12.62
CA THR B 250 -14.66 -10.28 12.97
C THR B 250 -14.95 -11.38 13.99
N MET B 251 -14.39 -12.55 13.77
CA MET B 251 -14.54 -13.68 14.69
C MET B 251 -13.17 -14.21 15.07
N GLU B 252 -12.83 -14.15 16.35
CA GLU B 252 -11.63 -14.81 16.84
C GLU B 252 -12.02 -16.04 17.67
N LEU B 253 -11.88 -17.23 17.07
CA LEU B 253 -12.47 -18.43 17.66
C LEU B 253 -11.47 -19.40 18.28
N GLY B 254 -11.90 -20.65 18.43
CA GLY B 254 -11.11 -21.65 19.11
C GLY B 254 -10.09 -22.30 18.19
N GLY B 255 -9.34 -23.26 18.73
CA GLY B 255 -8.39 -24.01 17.92
C GLY B 255 -7.91 -25.30 18.54
N LYS B 256 -7.19 -26.09 17.75
CA LYS B 256 -6.49 -27.26 18.26
C LYS B 256 -5.15 -27.24 17.56
N SER B 257 -4.34 -26.24 17.91
CA SER B 257 -3.15 -25.91 17.15
C SER B 257 -2.02 -26.92 17.28
N PRO B 258 -1.45 -27.33 16.14
CA PRO B 258 -0.35 -28.30 16.04
C PRO B 258 1.03 -27.68 16.27
N LEU B 259 1.84 -28.35 17.09
CA LEU B 259 3.24 -28.02 17.22
C LEU B 259 4.02 -29.24 16.73
N ILE B 260 4.79 -29.06 15.67
CA ILE B 260 5.59 -30.15 15.11
C ILE B 260 7.06 -29.98 15.49
N ILE B 261 7.60 -30.98 16.15
CA ILE B 261 8.99 -30.97 16.56
C ILE B 261 9.80 -31.90 15.68
N PHE B 262 10.61 -31.33 14.79
CA PHE B 262 11.42 -32.14 13.91
C PHE B 262 12.66 -32.69 14.61
N PRO B 263 13.17 -33.82 14.12
CA PRO B 263 14.28 -34.57 14.71
C PRO B 263 15.52 -33.72 14.95
N ASP B 264 15.72 -32.68 14.16
CA ASP B 264 16.94 -31.90 14.27
C ASP B 264 16.82 -30.77 15.29
N ALA B 265 15.65 -30.66 15.90
CA ALA B 265 15.42 -29.62 16.90
C ALA B 265 16.24 -29.89 18.15
N ASP B 266 16.58 -28.83 18.88
CA ASP B 266 17.12 -29.01 20.23
C ASP B 266 15.98 -29.39 21.16
N LEU B 267 16.03 -30.61 21.69
CA LEU B 267 14.93 -31.12 22.50
C LEU B 267 14.71 -30.33 23.76
N ASP B 268 15.66 -29.48 24.11
CA ASP B 268 15.49 -28.59 25.25
C ASP B 268 14.59 -27.40 24.88
N ARG B 269 14.94 -26.71 23.79
CA ARG B 269 14.10 -25.62 23.31
C ARG B 269 12.69 -26.15 23.04
N ALA B 270 12.60 -27.27 22.33
CA ALA B 270 11.32 -27.88 22.00
C ALA B 270 10.45 -28.10 23.24
N ALA B 271 11.05 -28.53 24.34
CA ALA B 271 10.29 -28.81 25.55
C ALA B 271 9.80 -27.52 26.19
N ASP B 272 10.69 -26.53 26.23
CA ASP B 272 10.32 -25.19 26.67
C ASP B 272 9.15 -24.66 25.84
N ILE B 273 9.25 -24.78 24.52
CA ILE B 273 8.19 -24.32 23.65
C ILE B 273 6.91 -25.10 23.90
N ALA B 274 7.02 -26.42 24.02
CA ALA B 274 5.81 -27.21 24.25
C ALA B 274 5.11 -26.81 25.55
N VAL B 275 5.87 -26.64 26.64
CA VAL B 275 5.24 -26.33 27.92
C VAL B 275 4.64 -24.94 27.88
N MET B 276 5.39 -23.99 27.36
CA MET B 276 4.90 -22.64 27.18
C MET B 276 3.61 -22.61 26.34
N ALA B 277 3.57 -23.46 25.32
CA ALA B 277 2.43 -23.52 24.40
C ALA B 277 1.24 -24.28 24.99
N ASN B 278 1.37 -24.75 26.22
CA ASN B 278 0.37 -25.62 26.83
C ASN B 278 -0.07 -25.23 28.24
N PHE B 279 0.78 -24.49 28.95
CA PHE B 279 0.56 -24.29 30.38
C PHE B 279 0.55 -22.84 30.85
N PHE B 280 0.86 -21.93 29.94
CA PHE B 280 0.74 -20.52 30.27
C PHE B 280 -0.72 -20.15 30.44
N SER B 281 -1.01 -19.24 31.36
CA SER B 281 -2.38 -18.91 31.68
C SER B 281 -3.19 -20.15 32.02
N SER B 282 -2.52 -21.13 32.61
CA SER B 282 -3.14 -22.39 33.03
C SER B 282 -3.85 -23.11 31.88
N GLY B 283 -3.29 -22.97 30.68
CA GLY B 283 -3.83 -23.62 29.50
C GLY B 283 -4.98 -22.89 28.85
N GLN B 284 -5.25 -21.66 29.28
CA GLN B 284 -6.42 -20.94 28.78
C GLN B 284 -6.05 -19.90 27.71
N VAL B 285 -5.42 -20.38 26.64
CA VAL B 285 -5.01 -19.53 25.53
C VAL B 285 -5.45 -20.23 24.26
N ALA B 286 -6.18 -19.51 23.40
CA ALA B 286 -6.78 -20.12 22.22
C ALA B 286 -5.72 -20.68 21.28
N THR B 287 -4.59 -19.98 21.18
CA THR B 287 -3.52 -20.34 20.25
C THR B 287 -2.59 -21.47 20.74
N ASN B 288 -2.90 -22.06 21.89
CA ASN B 288 -2.02 -23.08 22.46
C ASN B 288 -1.73 -24.26 21.54
N GLY B 289 -0.51 -24.78 21.62
CA GLY B 289 -0.10 -25.90 20.78
C GLY B 289 -0.51 -27.21 21.43
N THR B 290 -1.81 -27.48 21.45
CA THR B 290 -2.34 -28.59 22.25
C THR B 290 -2.12 -29.97 21.66
N ARG B 291 -1.74 -30.03 20.39
CA ARG B 291 -1.31 -31.28 19.77
C ARG B 291 0.18 -31.18 19.45
N VAL B 292 1.01 -31.82 20.26
CA VAL B 292 2.45 -31.76 20.06
C VAL B 292 2.93 -33.00 19.33
N PHE B 293 3.54 -32.82 18.16
CA PHE B 293 4.04 -33.93 17.36
C PHE B 293 5.53 -34.13 17.56
N ILE B 294 5.91 -35.33 18.01
CA ILE B 294 7.31 -35.67 18.23
C ILE B 294 7.65 -36.90 17.41
N HIS B 295 8.88 -36.94 16.90
CA HIS B 295 9.28 -38.10 16.09
C HIS B 295 9.45 -39.32 17.00
N ARG B 296 9.22 -40.50 16.44
CA ARG B 296 9.27 -41.72 17.25
C ARG B 296 10.66 -41.89 17.86
N SER B 297 11.68 -41.48 17.13
CA SER B 297 13.05 -41.63 17.56
C SER B 297 13.37 -40.72 18.73
N GLN B 298 12.44 -39.84 19.08
CA GLN B 298 12.72 -38.86 20.12
C GLN B 298 11.66 -38.81 21.21
N GLN B 299 10.61 -39.61 21.05
CA GLN B 299 9.53 -39.61 22.02
C GLN B 299 10.03 -39.71 23.45
N ALA B 300 10.76 -40.79 23.71
CA ALA B 300 11.26 -41.06 25.05
C ALA B 300 11.96 -39.86 25.63
N ARG B 301 13.01 -39.42 24.95
CA ARG B 301 13.81 -38.30 25.43
C ARG B 301 12.95 -37.06 25.69
N PHE B 302 12.09 -36.73 24.72
CA PHE B 302 11.21 -35.57 24.81
C PHE B 302 10.25 -35.65 26.01
N GLU B 303 9.57 -36.79 26.15
CA GLU B 303 8.70 -37.03 27.28
C GLU B 303 9.42 -36.79 28.61
N ALA B 304 10.73 -37.01 28.63
CA ALA B 304 11.49 -36.86 29.86
C ALA B 304 11.77 -35.40 30.16
N LYS B 305 12.09 -34.63 29.14
CA LYS B 305 12.31 -33.20 29.28
C LYS B 305 11.04 -32.43 29.67
N VAL B 306 9.91 -32.83 29.10
CA VAL B 306 8.66 -32.16 29.42
C VAL B 306 8.33 -32.40 30.88
N LEU B 307 8.40 -33.66 31.29
CA LEU B 307 8.07 -34.06 32.65
C LEU B 307 8.90 -33.27 33.65
N GLU B 308 10.20 -33.22 33.43
CA GLU B 308 11.10 -32.48 34.30
C GLU B 308 10.63 -31.05 34.46
N ARG B 309 10.25 -30.45 33.33
CA ARG B 309 9.75 -29.08 33.32
C ARG B 309 8.43 -28.97 34.07
N VAL B 310 7.47 -29.80 33.69
CA VAL B 310 6.16 -29.78 34.31
C VAL B 310 6.22 -29.89 35.84
N GLN B 311 7.17 -30.68 36.33
CA GLN B 311 7.30 -30.91 37.76
C GLN B 311 7.84 -29.70 38.52
N ARG B 312 8.50 -28.78 37.82
CA ARG B 312 8.95 -27.56 38.48
C ARG B 312 7.97 -26.40 38.31
N ILE B 313 6.83 -26.67 37.68
CA ILE B 313 5.80 -25.66 37.56
C ILE B 313 5.36 -25.29 38.96
N ARG B 314 5.18 -23.99 39.20
CA ARG B 314 4.80 -23.54 40.53
C ARG B 314 3.32 -23.19 40.61
N LEU B 315 2.49 -24.21 40.76
CA LEU B 315 1.07 -23.99 41.01
C LEU B 315 0.91 -23.33 42.38
N GLY B 316 -0.04 -22.41 42.49
CA GLY B 316 -0.30 -21.75 43.75
C GLY B 316 -1.16 -20.51 43.66
N ASP B 317 -1.41 -19.89 44.82
CA ASP B 317 -2.18 -18.65 44.91
C ASP B 317 -1.70 -17.64 43.86
N PRO B 318 -2.62 -17.11 43.05
CA PRO B 318 -2.27 -16.13 42.02
C PRO B 318 -1.69 -14.88 42.63
N GLN B 319 -1.99 -14.65 43.91
CA GLN B 319 -1.51 -13.47 44.63
C GLN B 319 -0.03 -13.57 44.92
N ASP B 320 0.48 -14.79 44.93
CA ASP B 320 1.88 -15.04 45.24
C ASP B 320 2.77 -14.75 44.03
N GLU B 321 3.55 -13.69 44.13
CA GLU B 321 4.47 -13.29 43.08
C GLU B 321 5.23 -14.47 42.44
N ASN B 322 5.52 -15.49 43.23
CA ASN B 322 6.28 -16.61 42.72
C ASN B 322 5.46 -17.71 42.06
N THR B 323 4.13 -17.56 42.10
CA THR B 323 3.26 -18.49 41.40
C THR B 323 3.36 -18.21 39.91
N ASN B 324 3.57 -19.26 39.12
CA ASN B 324 3.54 -19.11 37.66
C ASN B 324 2.51 -20.03 37.00
N PHE B 325 1.54 -20.51 37.78
CA PHE B 325 0.47 -21.36 37.27
C PHE B 325 -0.71 -21.28 38.21
N GLY B 326 -1.81 -20.69 37.76
CA GLY B 326 -2.94 -20.41 38.63
C GLY B 326 -4.04 -21.46 38.55
N PRO B 327 -5.12 -21.24 39.29
CA PRO B 327 -6.34 -22.02 39.12
C PRO B 327 -6.96 -21.66 37.78
N LEU B 328 -7.94 -22.45 37.32
CA LEU B 328 -8.72 -22.10 36.14
C LEU B 328 -9.66 -20.92 36.44
N VAL B 329 -10.37 -20.46 35.41
CA VAL B 329 -11.10 -19.20 35.52
C VAL B 329 -12.41 -19.30 36.31
N SER B 330 -13.03 -20.47 36.27
CA SER B 330 -14.33 -20.68 36.90
C SER B 330 -14.50 -22.14 37.26
N PHE B 331 -15.40 -22.43 38.18
CA PHE B 331 -15.61 -23.80 38.61
C PHE B 331 -16.26 -24.64 37.51
N PRO B 332 -17.26 -24.08 36.84
CA PRO B 332 -17.84 -24.88 35.75
C PRO B 332 -16.80 -25.19 34.67
N HIS B 333 -15.85 -24.29 34.44
CA HIS B 333 -14.85 -24.56 33.43
C HIS B 333 -13.87 -25.64 33.88
N MET B 334 -13.50 -25.62 35.16
CA MET B 334 -12.69 -26.69 35.72
C MET B 334 -13.42 -28.02 35.51
N GLU B 335 -14.72 -28.03 35.78
CA GLU B 335 -15.49 -29.24 35.59
C GLU B 335 -15.40 -29.73 34.14
N SER B 336 -15.51 -28.79 33.20
CA SER B 336 -15.39 -29.15 31.79
C SER B 336 -14.03 -29.78 31.49
N VAL B 337 -12.97 -29.07 31.89
CA VAL B 337 -11.61 -29.55 31.71
C VAL B 337 -11.41 -30.93 32.32
N LEU B 338 -11.90 -31.11 33.53
CA LEU B 338 -11.75 -32.39 34.22
C LEU B 338 -12.41 -33.50 33.41
N GLY B 339 -13.60 -33.21 32.90
CA GLY B 339 -14.29 -34.12 32.02
C GLY B 339 -13.35 -34.63 30.92
N TYR B 340 -12.66 -33.69 30.27
CA TYR B 340 -11.75 -34.04 29.18
C TYR B 340 -10.64 -34.97 29.66
N ILE B 341 -10.03 -34.64 30.78
CA ILE B 341 -8.95 -35.46 31.34
C ILE B 341 -9.46 -36.86 31.61
N GLU B 342 -10.73 -36.96 32.00
CA GLU B 342 -11.35 -38.24 32.22
C GLU B 342 -11.48 -38.98 30.89
N SER B 343 -11.99 -38.28 29.89
CA SER B 343 -12.09 -38.85 28.54
C SER B 343 -10.74 -39.41 28.11
N GLY B 344 -9.68 -38.66 28.37
CA GLY B 344 -8.33 -39.11 28.06
C GLY B 344 -8.06 -40.48 28.68
N LYS B 345 -8.18 -40.55 30.01
CA LYS B 345 -7.98 -41.80 30.71
C LYS B 345 -8.81 -42.92 30.08
N ALA B 346 -10.09 -42.67 29.89
CA ALA B 346 -10.99 -43.69 29.38
C ALA B 346 -10.66 -44.16 27.96
N GLN B 347 -9.92 -43.35 27.21
CA GLN B 347 -9.60 -43.70 25.83
C GLN B 347 -8.19 -44.27 25.71
N LYS B 348 -7.66 -44.71 26.84
CA LYS B 348 -6.37 -45.41 26.87
C LYS B 348 -5.21 -44.56 26.36
N ALA B 349 -5.30 -43.25 26.54
CA ALA B 349 -4.16 -42.39 26.32
C ALA B 349 -3.29 -42.55 27.56
N ARG B 350 -1.97 -42.56 27.39
CA ARG B 350 -1.08 -42.70 28.54
C ARG B 350 -0.87 -41.37 29.26
N LEU B 351 -1.19 -41.34 30.55
CA LEU B 351 -1.00 -40.15 31.36
C LEU B 351 0.47 -40.01 31.75
N LEU B 352 1.02 -38.82 31.51
CA LEU B 352 2.40 -38.58 31.86
C LEU B 352 2.53 -37.73 33.13
N CYS B 353 1.62 -36.77 33.32
CA CYS B 353 1.60 -35.97 34.55
C CYS B 353 0.21 -35.48 34.90
N GLY B 354 0.09 -34.91 36.10
CA GLY B 354 -1.17 -34.41 36.59
C GLY B 354 -2.28 -35.40 36.30
N GLY B 355 -3.47 -34.88 36.06
CA GLY B 355 -4.59 -35.72 35.71
C GLY B 355 -5.71 -35.56 36.72
N GLU B 356 -5.58 -34.58 37.60
CA GLU B 356 -6.54 -34.43 38.67
C GLU B 356 -6.56 -33.03 39.29
N ARG B 357 -7.69 -32.71 39.91
CA ARG B 357 -7.87 -31.47 40.64
C ARG B 357 -6.89 -31.40 41.81
N VAL B 358 -6.42 -30.20 42.14
CA VAL B 358 -5.50 -30.03 43.25
C VAL B 358 -6.23 -29.43 44.44
N THR B 359 -6.32 -30.19 45.53
CA THR B 359 -7.17 -29.82 46.66
C THR B 359 -6.39 -29.59 47.94
N ASP B 360 -5.12 -29.99 47.94
CA ASP B 360 -4.27 -29.81 49.10
C ASP B 360 -4.45 -28.40 49.66
N GLY B 361 -4.97 -28.33 50.88
CA GLY B 361 -5.05 -27.08 51.60
C GLY B 361 -6.11 -26.14 51.08
N ALA B 362 -5.77 -24.87 50.99
CA ALA B 362 -6.71 -23.86 50.53
C ALA B 362 -6.98 -24.03 49.04
N PHE B 363 -6.13 -24.80 48.37
CA PHE B 363 -6.34 -25.08 46.94
C PHE B 363 -7.70 -25.73 46.73
N GLY B 364 -8.24 -26.34 47.78
CA GLY B 364 -9.53 -26.99 47.70
C GLY B 364 -10.68 -26.01 47.58
N LYS B 365 -10.45 -24.77 48.02
CA LYS B 365 -11.45 -23.71 47.93
C LYS B 365 -11.40 -23.00 46.58
N GLY B 366 -10.43 -23.37 45.76
CA GLY B 366 -10.25 -22.77 44.45
C GLY B 366 -10.38 -23.80 43.35
N ALA B 367 -10.50 -23.31 42.12
CA ALA B 367 -10.72 -24.18 40.98
C ALA B 367 -9.39 -24.60 40.33
N TYR B 368 -8.58 -25.36 41.06
CA TYR B 368 -7.25 -25.74 40.56
C TYR B 368 -7.23 -27.10 39.85
N VAL B 369 -6.65 -27.13 38.65
CA VAL B 369 -6.35 -28.37 37.96
C VAL B 369 -4.84 -28.45 37.74
N ALA B 370 -4.27 -29.63 37.94
CA ALA B 370 -2.84 -29.80 37.76
C ALA B 370 -2.45 -29.79 36.28
N PRO B 371 -1.28 -29.24 35.97
CA PRO B 371 -0.70 -29.39 34.63
C PRO B 371 -0.74 -30.85 34.22
N THR B 372 -1.38 -31.15 33.10
CA THR B 372 -1.60 -32.52 32.66
C THR B 372 -0.97 -32.76 31.29
N VAL B 373 -0.34 -33.91 31.12
CA VAL B 373 0.19 -34.33 29.83
C VAL B 373 -0.23 -35.74 29.48
N PHE B 374 -0.77 -35.91 28.28
CA PHE B 374 -1.07 -37.23 27.77
C PHE B 374 -0.12 -37.55 26.63
N THR B 375 0.29 -38.81 26.51
CA THR B 375 1.10 -39.22 25.38
C THR B 375 0.57 -40.52 24.80
N ASP B 376 1.25 -41.06 23.78
CA ASP B 376 0.76 -42.24 23.08
C ASP B 376 -0.66 -42.01 22.59
N CYS B 377 -0.93 -40.77 22.18
CA CYS B 377 -2.27 -40.37 21.74
C CYS B 377 -2.52 -40.77 20.29
N ARG B 378 -3.80 -40.97 19.94
CA ARG B 378 -4.19 -41.20 18.54
C ARG B 378 -5.13 -40.08 18.07
N ASP B 379 -5.14 -39.83 16.77
CA ASP B 379 -5.88 -38.69 16.22
C ASP B 379 -7.39 -38.79 16.46
N ASP B 380 -7.86 -39.99 16.80
CA ASP B 380 -9.30 -40.19 17.00
C ASP B 380 -9.75 -40.00 18.45
N MET B 381 -8.81 -39.81 19.36
CA MET B 381 -9.16 -39.53 20.75
C MET B 381 -9.83 -38.19 20.90
N THR B 382 -10.88 -38.14 21.71
CA THR B 382 -11.58 -36.89 21.95
C THR B 382 -10.68 -35.76 22.48
N ILE B 383 -9.68 -36.09 23.30
CA ILE B 383 -8.79 -35.04 23.81
C ILE B 383 -7.90 -34.45 22.71
N VAL B 384 -7.78 -35.15 21.59
CA VAL B 384 -6.94 -34.72 20.50
C VAL B 384 -7.73 -33.96 19.46
N ARG B 385 -9.00 -34.29 19.32
CA ARG B 385 -9.85 -33.64 18.34
C ARG B 385 -10.43 -32.34 18.88
N GLU B 386 -10.73 -32.30 20.17
CA GLU B 386 -11.49 -31.18 20.70
C GLU B 386 -10.66 -30.22 21.53
N GLU B 387 -11.02 -28.95 21.45
CA GLU B 387 -10.37 -27.95 22.27
C GLU B 387 -10.79 -28.11 23.72
N ILE B 388 -9.80 -28.23 24.60
CA ILE B 388 -10.04 -28.39 26.02
C ILE B 388 -10.02 -27.02 26.69
N PHE B 389 -9.11 -26.17 26.22
CA PHE B 389 -8.93 -24.84 26.78
C PHE B 389 -8.57 -24.98 28.26
N GLY B 390 -7.75 -25.98 28.55
CA GLY B 390 -7.23 -26.21 29.89
C GLY B 390 -5.80 -26.70 29.81
N PRO B 391 -5.19 -26.98 30.96
CA PRO B 391 -3.79 -27.45 31.00
C PRO B 391 -3.66 -28.91 30.58
N VAL B 392 -3.92 -29.20 29.30
CA VAL B 392 -3.86 -30.57 28.82
C VAL B 392 -3.12 -30.70 27.50
N MET B 393 -1.89 -31.18 27.56
CA MET B 393 -1.10 -31.40 26.37
C MET B 393 -1.28 -32.81 25.85
N SER B 394 -1.48 -32.94 24.54
CA SER B 394 -1.58 -34.25 23.92
C SER B 394 -0.37 -34.53 23.04
N ILE B 395 0.58 -35.30 23.57
CA ILE B 395 1.75 -35.69 22.79
C ILE B 395 1.39 -36.76 21.77
N LEU B 396 1.90 -36.60 20.56
CA LEU B 396 1.60 -37.52 19.46
C LEU B 396 2.88 -37.91 18.73
N VAL B 397 3.02 -39.18 18.38
CA VAL B 397 4.21 -39.67 17.70
C VAL B 397 3.99 -39.77 16.20
N TYR B 398 5.01 -39.39 15.42
CA TYR B 398 4.95 -39.49 13.97
C TYR B 398 6.24 -40.11 13.40
N ASP B 399 6.17 -40.62 12.18
CA ASP B 399 7.34 -41.24 11.54
C ASP B 399 8.00 -40.40 10.42
N ASP B 400 7.21 -39.62 9.69
CA ASP B 400 7.79 -38.76 8.67
C ASP B 400 7.14 -37.38 8.55
N GLU B 401 7.94 -36.42 8.12
CA GLU B 401 7.54 -35.04 7.90
C GLU B 401 6.19 -34.89 7.22
N ASP B 402 6.02 -35.54 6.08
CA ASP B 402 4.77 -35.40 5.33
C ASP B 402 3.58 -35.91 6.14
N GLU B 403 3.73 -37.08 6.75
CA GLU B 403 2.68 -37.63 7.62
C GLU B 403 2.33 -36.64 8.74
N ALA B 404 3.33 -35.97 9.29
CA ALA B 404 3.08 -35.04 10.40
C ALA B 404 2.29 -33.81 9.96
N ILE B 405 2.74 -33.19 8.86
CA ILE B 405 2.06 -32.02 8.30
C ILE B 405 0.61 -32.36 7.94
N ARG B 406 0.43 -33.49 7.29
CA ARG B 406 -0.90 -33.93 6.93
C ARG B 406 -1.80 -34.05 8.17
N ARG B 407 -1.27 -34.65 9.23
CA ARG B 407 -2.06 -34.83 10.44
C ARG B 407 -2.30 -33.51 11.17
N ALA B 408 -1.28 -32.65 11.19
CA ALA B 408 -1.42 -31.34 11.82
C ALA B 408 -2.56 -30.59 11.16
N ASN B 409 -2.66 -30.73 9.84
CA ASN B 409 -3.71 -30.07 9.08
C ASN B 409 -5.07 -30.76 9.18
N ASP B 410 -5.12 -31.98 9.68
CA ASP B 410 -6.37 -32.73 9.66
C ASP B 410 -7.32 -32.33 10.80
N THR B 411 -7.88 -31.15 10.68
CA THR B 411 -8.74 -30.60 11.71
C THR B 411 -9.61 -29.53 11.06
N GLU B 412 -10.73 -29.19 11.68
CA GLU B 412 -11.58 -28.13 11.16
C GLU B 412 -11.14 -26.79 11.74
N TYR B 413 -10.13 -26.85 12.62
CA TYR B 413 -9.56 -25.67 13.24
C TYR B 413 -8.36 -25.18 12.42
N GLY B 414 -7.91 -23.96 12.69
CA GLY B 414 -6.79 -23.40 11.94
C GLY B 414 -6.32 -22.10 12.52
N LEU B 415 -6.20 -22.06 13.84
CA LEU B 415 -5.87 -20.83 14.52
C LEU B 415 -4.38 -20.61 14.47
N ALA B 416 -3.63 -21.57 15.00
CA ALA B 416 -2.19 -21.47 15.07
C ALA B 416 -1.49 -22.77 14.70
N ALA B 417 -0.17 -22.68 14.48
CA ALA B 417 0.68 -23.81 14.14
C ALA B 417 2.14 -23.42 14.35
N GLY B 418 3.00 -24.40 14.58
CA GLY B 418 4.39 -24.08 14.84
C GLY B 418 5.31 -25.22 14.48
N VAL B 419 6.54 -24.88 14.13
CA VAL B 419 7.56 -25.90 13.89
C VAL B 419 8.81 -25.60 14.71
N VAL B 420 9.48 -26.67 15.13
CA VAL B 420 10.80 -26.55 15.75
C VAL B 420 11.77 -27.38 14.92
N THR B 421 12.70 -26.69 14.28
CA THR B 421 13.70 -27.30 13.42
C THR B 421 14.80 -26.26 13.35
N GLN B 422 16.00 -26.65 12.95
CA GLN B 422 17.08 -25.69 12.77
C GLN B 422 17.44 -25.53 11.31
N ASP B 423 16.82 -26.35 10.48
CA ASP B 423 17.08 -26.37 9.05
C ASP B 423 16.30 -25.26 8.34
N LEU B 424 17.02 -24.38 7.64
CA LEU B 424 16.42 -23.28 6.93
C LEU B 424 15.24 -23.73 6.05
N ALA B 425 15.51 -24.64 5.12
CA ALA B 425 14.47 -25.11 4.21
C ALA B 425 13.28 -25.70 4.96
N ARG B 426 13.53 -26.58 5.92
CA ARG B 426 12.43 -27.27 6.57
C ARG B 426 11.50 -26.32 7.32
N ALA B 427 12.08 -25.30 7.96
CA ALA B 427 11.28 -24.33 8.72
C ALA B 427 10.26 -23.68 7.82
N HIS B 428 10.71 -23.11 6.71
CA HIS B 428 9.84 -22.40 5.81
C HIS B 428 8.92 -23.34 5.03
N ARG B 429 9.49 -24.43 4.51
N ARG B 429 9.49 -24.43 4.51
CA ARG B 429 8.73 -25.42 3.76
CA ARG B 429 8.74 -25.42 3.77
C ARG B 429 7.52 -25.88 4.55
C ARG B 429 7.53 -25.89 4.56
N ALA B 430 7.76 -26.30 5.79
CA ALA B 430 6.68 -26.83 6.63
C ALA B 430 5.65 -25.76 6.96
N ILE B 431 6.12 -24.59 7.38
CA ILE B 431 5.20 -23.54 7.77
C ILE B 431 4.28 -23.20 6.59
N HIS B 432 4.83 -23.10 5.38
CA HIS B 432 4.01 -22.74 4.24
C HIS B 432 2.89 -23.75 3.96
N ARG B 433 3.04 -24.97 4.47
CA ARG B 433 2.08 -26.03 4.19
C ARG B 433 1.09 -26.23 5.33
N LEU B 434 1.36 -25.61 6.46
CA LEU B 434 0.50 -25.73 7.63
C LEU B 434 -0.68 -24.77 7.54
N GLU B 435 -1.89 -25.32 7.54
CA GLU B 435 -3.11 -24.55 7.33
C GLU B 435 -3.60 -23.81 8.59
N ALA B 436 -2.92 -22.71 8.92
CA ALA B 436 -3.29 -21.90 10.09
C ALA B 436 -2.93 -20.43 9.82
N GLY B 437 -3.63 -19.52 10.49
CA GLY B 437 -3.37 -18.09 10.34
C GLY B 437 -2.19 -17.54 11.14
N ILE B 438 -1.84 -18.23 12.22
CA ILE B 438 -0.81 -17.76 13.15
C ILE B 438 0.27 -18.84 13.27
N CYS B 439 1.42 -18.56 12.66
CA CYS B 439 2.45 -19.59 12.52
C CYS B 439 3.76 -19.20 13.19
N TRP B 440 4.30 -20.09 14.02
CA TRP B 440 5.54 -19.79 14.73
C TRP B 440 6.69 -20.72 14.33
N ILE B 441 7.87 -20.14 14.11
CA ILE B 441 9.08 -20.92 13.89
C ILE B 441 10.05 -20.78 15.07
N ASN B 442 10.26 -21.88 15.77
CA ASN B 442 11.22 -21.94 16.89
C ASN B 442 10.86 -20.97 18.00
N THR B 443 9.56 -20.87 18.27
CA THR B 443 9.02 -20.02 19.31
C THR B 443 7.53 -20.33 19.43
N TRP B 444 6.85 -19.67 20.35
CA TRP B 444 5.42 -19.79 20.44
C TRP B 444 4.87 -18.65 21.29
N GLY B 445 3.70 -18.14 20.90
CA GLY B 445 2.92 -17.29 21.78
C GLY B 445 3.08 -15.79 21.66
N GLU B 446 4.16 -15.33 21.04
CA GLU B 446 4.33 -13.89 20.89
C GLU B 446 3.34 -13.38 19.86
N SER B 447 2.72 -12.24 20.14
CA SER B 447 1.69 -11.70 19.27
C SER B 447 1.88 -10.18 19.14
N PRO B 448 2.92 -9.77 18.41
CA PRO B 448 3.25 -8.34 18.34
C PRO B 448 2.10 -7.53 17.73
N ALA B 449 1.96 -6.27 18.12
CA ALA B 449 0.85 -5.47 17.61
C ALA B 449 0.89 -5.36 16.09
N GLU B 450 2.07 -5.51 15.50
CA GLU B 450 2.23 -5.40 14.05
C GLU B 450 1.71 -6.61 13.30
N MET B 451 1.53 -7.73 13.99
CA MET B 451 1.26 -9.00 13.34
C MET B 451 -0.24 -9.36 13.28
N PRO B 452 -0.80 -9.43 12.06
CA PRO B 452 -2.20 -9.83 11.92
C PRO B 452 -2.41 -11.25 12.47
N VAL B 453 -3.28 -11.39 13.46
CA VAL B 453 -3.61 -12.72 13.98
C VAL B 453 -5.12 -13.02 13.89
N GLY B 454 -5.43 -14.27 13.58
CA GLY B 454 -6.79 -14.72 13.38
C GLY B 454 -6.71 -16.11 12.76
N GLY B 455 -7.85 -16.75 12.55
CA GLY B 455 -7.85 -18.14 12.14
C GLY B 455 -8.23 -18.45 10.70
N TYR B 456 -7.74 -19.60 10.23
CA TYR B 456 -8.20 -20.25 9.00
C TYR B 456 -9.43 -21.12 9.33
N LYS B 457 -10.16 -21.49 8.29
CA LYS B 457 -11.24 -22.47 8.46
C LYS B 457 -12.19 -22.02 9.55
N GLN B 458 -12.41 -22.90 10.53
CA GLN B 458 -13.41 -22.61 11.55
C GLN B 458 -12.85 -21.95 12.80
N SER B 459 -11.62 -21.44 12.73
CA SER B 459 -11.03 -20.74 13.87
C SER B 459 -11.24 -19.23 13.81
N GLY B 460 -11.84 -18.75 12.71
CA GLY B 460 -12.19 -17.34 12.64
C GLY B 460 -12.61 -16.77 11.30
N VAL B 461 -12.97 -15.49 11.33
CA VAL B 461 -13.21 -14.67 10.15
C VAL B 461 -12.51 -13.37 10.46
N GLY B 462 -11.70 -12.87 9.53
CA GLY B 462 -11.01 -11.61 9.78
C GLY B 462 -9.77 -11.76 10.66
N ARG B 463 -9.24 -10.65 11.13
CA ARG B 463 -8.00 -10.66 11.89
C ARG B 463 -8.01 -9.53 12.88
N GLU B 464 -7.16 -9.64 13.91
CA GLU B 464 -6.92 -8.54 14.82
C GLU B 464 -5.45 -8.14 14.71
N ASN B 465 -5.14 -6.91 15.13
CA ASN B 465 -3.78 -6.36 15.03
C ASN B 465 -3.23 -6.18 13.61
N GLY B 466 -2.09 -5.49 13.49
CA GLY B 466 -1.49 -5.21 12.19
C GLY B 466 -2.21 -4.10 11.44
N LEU B 467 -1.58 -3.61 10.38
CA LEU B 467 -2.16 -2.55 9.56
C LEU B 467 -3.51 -2.94 8.95
N THR B 468 -3.63 -4.20 8.55
CA THR B 468 -4.82 -4.69 7.90
C THR B 468 -6.09 -4.55 8.77
N THR B 469 -5.97 -4.83 10.06
CA THR B 469 -7.11 -4.79 10.95
C THR B 469 -7.67 -3.38 11.05
N LEU B 470 -6.79 -2.38 11.02
CA LEU B 470 -7.23 -1.00 11.06
C LEU B 470 -8.14 -0.67 9.87
N ALA B 471 -7.75 -1.10 8.68
CA ALA B 471 -8.56 -0.84 7.48
C ALA B 471 -9.94 -1.48 7.58
N HIS B 472 -10.03 -2.62 8.27
CA HIS B 472 -11.29 -3.35 8.31
C HIS B 472 -12.27 -2.78 9.32
N TYR B 473 -11.87 -1.67 9.95
CA TYR B 473 -12.79 -0.90 10.76
C TYR B 473 -13.27 0.38 10.07
N THR B 474 -13.12 0.42 8.75
CA THR B 474 -13.71 1.49 7.97
C THR B 474 -14.46 0.89 6.79
N ARG B 475 -15.37 1.66 6.20
CA ARG B 475 -16.08 1.28 5.01
C ARG B 475 -15.58 2.04 3.82
N ILE B 476 -15.50 1.39 2.68
CA ILE B 476 -15.02 2.09 1.50
C ILE B 476 -16.14 2.80 0.77
N LYS B 477 -15.97 4.09 0.54
CA LYS B 477 -16.85 4.84 -0.34
C LYS B 477 -16.10 5.27 -1.60
N SER B 478 -16.65 4.93 -2.77
CA SER B 478 -16.05 5.36 -4.03
C SER B 478 -16.78 6.56 -4.62
N VAL B 479 -16.02 7.56 -5.03
CA VAL B 479 -16.58 8.75 -5.63
C VAL B 479 -16.00 8.96 -7.02
N GLN B 480 -16.87 8.89 -8.02
CA GLN B 480 -16.50 9.23 -9.38
C GLN B 480 -16.88 10.67 -9.68
N VAL B 481 -15.88 11.49 -9.99
CA VAL B 481 -16.13 12.86 -10.38
C VAL B 481 -16.07 12.94 -11.89
N GLU B 482 -17.20 13.31 -12.49
CA GLU B 482 -17.31 13.52 -13.92
C GLU B 482 -17.14 15.00 -14.22
N LEU B 483 -16.03 15.35 -14.86
CA LEU B 483 -15.75 16.74 -15.20
C LEU B 483 -16.24 17.08 -16.60
N GLY B 484 -16.51 16.07 -17.41
CA GLY B 484 -16.82 16.27 -18.82
C GLY B 484 -18.31 16.20 -19.15
N ASP B 485 -18.64 15.87 -20.39
CA ASP B 485 -20.04 15.74 -20.79
C ASP B 485 -20.60 14.42 -20.32
N TYR B 486 -21.92 14.34 -20.25
CA TYR B 486 -22.59 13.10 -19.89
C TYR B 486 -23.38 12.53 -21.05
N ALA B 487 -23.10 11.28 -21.42
CA ALA B 487 -23.78 10.70 -22.56
C ALA B 487 -24.96 9.85 -22.10
N SER B 488 -26.08 9.97 -22.79
CA SER B 488 -27.22 9.10 -22.56
C SER B 488 -27.56 8.35 -23.84
N VAL B 489 -27.98 7.09 -23.72
CA VAL B 489 -28.46 6.34 -24.88
C VAL B 489 -29.90 6.70 -25.23
N PHE B 490 -30.59 7.44 -24.38
CA PHE B 490 -32.03 7.69 -24.58
C PHE B 490 -32.34 9.06 -25.21
N ALA C 2 26.60 41.40 22.00
CA ALA C 2 26.01 40.07 21.82
C ALA C 2 25.01 39.72 22.92
N ARG C 3 23.72 39.67 22.56
CA ARG C 3 22.67 39.39 23.54
C ARG C 3 22.84 38.03 24.23
N PHE C 4 23.43 37.08 23.53
CA PHE C 4 23.60 35.74 24.09
C PHE C 4 25.06 35.35 24.10
N GLU C 5 25.39 34.38 24.94
CA GLU C 5 26.74 33.87 25.00
C GLU C 5 27.09 33.26 23.66
N GLU C 6 28.33 32.81 23.50
CA GLU C 6 28.77 32.27 22.23
C GLU C 6 28.16 30.88 21.99
N GLN C 7 27.72 30.65 20.75
CA GLN C 7 27.11 29.37 20.38
C GLN C 7 28.15 28.38 19.86
N LYS C 8 28.20 27.19 20.48
CA LYS C 8 29.14 26.15 20.06
C LYS C 8 28.46 25.11 19.17
N LEU C 9 29.27 24.17 18.66
CA LEU C 9 28.74 23.07 17.89
C LEU C 9 28.01 22.13 18.82
N TYR C 10 26.96 21.49 18.33
CA TYR C 10 26.29 20.47 19.13
C TYR C 10 26.64 19.10 18.60
N ILE C 11 27.35 18.31 19.40
CA ILE C 11 27.78 16.99 18.98
C ILE C 11 27.75 16.00 20.14
N GLY C 12 27.17 14.82 19.89
CA GLY C 12 27.18 13.72 20.85
C GLY C 12 26.48 13.99 22.16
N GLY C 13 25.46 14.85 22.15
CA GLY C 13 24.57 15.00 23.28
C GLY C 13 24.90 16.18 24.17
N ARG C 14 25.73 17.06 23.66
CA ARG C 14 26.16 18.22 24.41
C ARG C 14 26.84 19.18 23.45
N TYR C 15 26.93 20.45 23.85
CA TYR C 15 27.73 21.39 23.10
C TYR C 15 29.21 21.05 23.25
N VAL C 16 29.96 21.28 22.18
CA VAL C 16 31.40 21.11 22.18
C VAL C 16 32.07 22.24 21.40
N GLU C 17 33.38 22.41 21.61
CA GLU C 17 34.14 23.50 21.00
C GLU C 17 34.49 23.18 19.54
N ALA C 18 34.28 24.15 18.66
CA ALA C 18 34.72 24.02 17.28
C ALA C 18 36.24 24.05 17.23
N SER C 19 36.84 23.47 16.20
CA SER C 19 38.29 23.54 16.03
C SER C 19 38.64 24.33 14.77
N SER C 20 38.01 25.49 14.63
CA SER C 20 38.19 26.32 13.45
C SER C 20 38.97 27.56 13.83
N GLY C 21 38.72 28.07 15.03
CA GLY C 21 39.24 29.35 15.42
C GLY C 21 38.47 30.50 14.82
N ALA C 22 37.33 30.22 14.20
CA ALA C 22 36.53 31.25 13.56
C ALA C 22 35.09 31.28 14.07
N THR C 23 34.41 32.40 13.82
CA THR C 23 33.03 32.58 14.24
C THR C 23 32.36 33.62 13.36
N PHE C 24 31.02 33.64 13.40
CA PHE C 24 30.27 34.68 12.70
C PHE C 24 29.21 35.20 13.64
N GLU C 25 28.56 36.27 13.22
CA GLU C 25 27.51 36.88 14.00
C GLU C 25 26.14 36.66 13.35
N THR C 26 25.14 36.34 14.18
CA THR C 26 23.79 36.44 13.70
C THR C 26 23.17 37.75 14.19
N ILE C 27 22.53 38.47 13.28
CA ILE C 27 21.94 39.77 13.57
C ILE C 27 20.48 39.62 14.01
N ASN C 28 19.83 40.73 14.31
CA ASN C 28 18.39 40.76 14.48
C ASN C 28 17.87 41.85 13.57
N PRO C 29 17.14 41.47 12.50
CA PRO C 29 16.77 42.35 11.39
C PRO C 29 15.81 43.46 11.82
N ALA C 30 15.28 43.35 13.02
CA ALA C 30 14.41 44.40 13.54
C ALA C 30 15.20 45.64 14.04
N ASN C 31 16.42 45.42 14.54
CA ASN C 31 17.15 46.48 15.23
C ASN C 31 18.66 46.56 14.94
N GLY C 32 19.19 45.59 14.22
CA GLY C 32 20.62 45.54 13.97
C GLY C 32 21.39 44.87 15.08
N GLU C 33 20.76 44.67 16.23
CA GLU C 33 21.49 44.11 17.37
C GLU C 33 22.28 42.87 16.94
N VAL C 34 23.33 42.54 17.67
CA VAL C 34 24.06 41.30 17.43
C VAL C 34 23.57 40.29 18.45
N LEU C 35 22.91 39.24 17.99
CA LEU C 35 22.29 38.31 18.92
C LEU C 35 23.32 37.38 19.53
N ALA C 36 24.27 36.91 18.72
CA ALA C 36 25.28 36.03 19.23
C ALA C 36 26.45 35.90 18.26
N LYS C 37 27.53 35.30 18.76
CA LYS C 37 28.63 34.87 17.94
C LYS C 37 28.45 33.38 17.86
N VAL C 38 28.82 32.80 16.73
CA VAL C 38 28.56 31.39 16.50
C VAL C 38 29.81 30.81 15.87
N GLN C 39 30.26 29.68 16.38
CA GLN C 39 31.51 29.08 15.92
C GLN C 39 31.33 28.38 14.58
N ARG C 40 32.29 28.57 13.69
CA ARG C 40 32.28 27.84 12.44
C ARG C 40 32.83 26.44 12.68
N ALA C 41 32.16 25.44 12.13
CA ALA C 41 32.66 24.08 12.23
C ALA C 41 33.83 23.94 11.29
N SER C 42 34.84 23.21 11.71
CA SER C 42 36.01 22.97 10.88
C SER C 42 35.83 21.65 10.18
N ARG C 43 36.54 21.46 9.08
CA ARG C 43 36.50 20.18 8.38
C ARG C 43 36.65 19.02 9.36
N GLU C 44 37.46 19.18 10.39
CA GLU C 44 37.66 18.10 11.35
C GLU C 44 36.45 17.94 12.27
N ASP C 45 35.78 19.05 12.55
CA ASP C 45 34.53 19.00 13.32
C ASP C 45 33.48 18.17 12.56
N VAL C 46 33.37 18.41 11.26
CA VAL C 46 32.53 17.59 10.40
C VAL C 46 32.88 16.12 10.54
N GLU C 47 34.17 15.78 10.42
CA GLU C 47 34.59 14.40 10.62
C GLU C 47 34.13 13.88 11.98
N ARG C 48 34.10 14.78 12.96
CA ARG C 48 33.77 14.40 14.33
C ARG C 48 32.28 14.11 14.47
N ALA C 49 31.45 14.98 13.90
CA ALA C 49 30.00 14.84 13.92
C ALA C 49 29.55 13.57 13.20
N VAL C 50 30.33 13.17 12.21
CA VAL C 50 30.00 12.00 11.40
C VAL C 50 30.26 10.72 12.16
N GLN C 51 31.36 10.67 12.89
CA GLN C 51 31.69 9.47 13.66
C GLN C 51 30.74 9.33 14.85
N SER C 52 30.37 10.46 15.44
CA SER C 52 29.38 10.50 16.50
C SER C 52 28.03 10.00 15.97
N ALA C 53 27.62 10.55 14.83
CA ALA C 53 26.41 10.09 14.15
C ALA C 53 26.46 8.60 13.88
N VAL C 54 27.60 8.11 13.40
CA VAL C 54 27.71 6.69 13.05
C VAL C 54 27.37 5.80 14.23
N GLU C 55 27.92 6.15 15.39
CA GLU C 55 27.76 5.33 16.59
C GLU C 55 26.39 5.52 17.23
N GLY C 56 25.89 6.76 17.23
CA GLY C 56 24.55 7.05 17.70
C GLY C 56 23.49 6.27 16.95
N GLN C 57 23.57 6.30 15.62
CA GLN C 57 22.66 5.54 14.76
C GLN C 57 22.55 4.08 15.19
N LYS C 58 23.68 3.48 15.56
CA LYS C 58 23.67 2.08 15.93
C LYS C 58 22.80 1.89 17.14
N VAL C 59 22.84 2.87 18.04
CA VAL C 59 22.08 2.83 19.28
C VAL C 59 20.58 3.01 19.02
N TRP C 60 20.24 4.09 18.31
CA TRP C 60 18.89 4.37 17.83
C TRP C 60 18.27 3.17 17.12
N ALA C 61 19.00 2.61 16.17
CA ALA C 61 18.47 1.54 15.34
C ALA C 61 18.31 0.25 16.13
N ALA C 62 19.10 0.13 17.20
CA ALA C 62 19.08 -1.06 18.03
C ALA C 62 17.83 -1.12 18.88
N MET C 63 17.21 0.03 19.14
CA MET C 63 15.91 0.05 19.82
C MET C 63 14.79 -0.56 18.97
N THR C 64 13.64 -0.78 19.60
CA THR C 64 12.44 -1.22 18.90
C THR C 64 11.78 -0.02 18.25
N ALA C 65 10.88 -0.30 17.32
CA ALA C 65 10.13 0.75 16.66
C ALA C 65 9.38 1.58 17.70
N MET C 66 8.71 0.90 18.62
CA MET C 66 7.89 1.64 19.59
C MET C 66 8.76 2.50 20.53
N GLN C 67 9.89 1.96 20.98
CA GLN C 67 10.82 2.76 21.77
C GLN C 67 11.23 4.04 21.02
N ARG C 68 11.58 3.92 19.75
CA ARG C 68 11.88 5.12 18.96
C ARG C 68 10.68 6.07 18.94
N SER C 69 9.50 5.50 18.70
CA SER C 69 8.25 6.25 18.67
C SER C 69 8.01 7.05 19.95
N ARG C 70 8.08 6.35 21.09
CA ARG C 70 7.94 6.98 22.39
C ARG C 70 8.91 8.14 22.60
N ILE C 71 10.14 8.00 22.12
CA ILE C 71 11.13 9.06 22.31
C ILE C 71 10.80 10.30 21.47
N LEU C 72 10.41 10.09 20.22
CA LEU C 72 10.04 11.24 19.40
C LEU C 72 8.76 11.91 19.92
N ARG C 73 7.82 11.11 20.45
CA ARG C 73 6.61 11.68 21.06
C ARG C 73 7.00 12.50 22.27
N ARG C 74 7.98 12.00 23.02
CA ARG C 74 8.51 12.76 24.14
C ARG C 74 9.00 14.12 23.63
N ALA C 75 9.82 14.12 22.58
CA ALA C 75 10.32 15.37 22.00
C ALA C 75 9.17 16.31 21.64
N VAL C 76 8.14 15.77 20.98
CA VAL C 76 6.95 16.55 20.63
C VAL C 76 6.36 17.26 21.86
N ASP C 77 6.19 16.52 22.94
CA ASP C 77 5.65 17.10 24.17
C ASP C 77 6.48 18.31 24.60
N ILE C 78 7.80 18.14 24.62
CA ILE C 78 8.68 19.22 25.03
C ILE C 78 8.49 20.47 24.18
N LEU C 79 8.44 20.28 22.85
CA LEU C 79 8.17 21.40 21.93
C LEU C 79 6.84 22.13 22.21
N ARG C 80 5.79 21.39 22.54
CA ARG C 80 4.52 22.05 22.84
C ARG C 80 4.69 22.95 24.07
N GLU C 81 5.34 22.42 25.11
CA GLU C 81 5.64 23.20 26.30
C GLU C 81 6.41 24.47 25.94
N ARG C 82 7.50 24.28 25.21
CA ARG C 82 8.39 25.42 24.94
C ARG C 82 8.02 26.17 23.67
N ASN C 83 6.81 25.96 23.19
CA ASN C 83 6.34 26.63 21.99
C ASN C 83 6.59 28.14 22.04
N ASP C 84 6.06 28.81 23.06
CA ASP C 84 6.16 30.27 23.09
C ASP C 84 7.61 30.75 23.21
N GLU C 85 8.40 30.02 23.97
CA GLU C 85 9.78 30.39 24.23
C GLU C 85 10.64 30.24 22.98
N LEU C 86 10.41 29.16 22.23
CA LEU C 86 11.10 28.98 20.95
C LEU C 86 10.66 30.03 19.95
N ALA C 87 9.35 30.29 19.90
CA ALA C 87 8.76 31.33 19.07
C ALA C 87 9.46 32.66 19.25
N ALA C 88 9.67 33.03 20.51
CA ALA C 88 10.30 34.31 20.83
C ALA C 88 11.71 34.37 20.27
N LEU C 89 12.46 33.28 20.45
CA LEU C 89 13.81 33.17 19.88
C LEU C 89 13.82 33.22 18.34
N GLU C 90 12.92 32.47 17.69
CA GLU C 90 12.84 32.49 16.24
C GLU C 90 12.53 33.90 15.78
N THR C 91 11.64 34.56 16.50
CA THR C 91 11.28 35.95 16.15
C THR C 91 12.49 36.88 16.18
N LEU C 92 13.41 36.66 17.13
CA LEU C 92 14.63 37.47 17.20
C LEU C 92 15.54 37.18 16.03
N ASP C 93 15.73 35.89 15.77
CA ASP C 93 16.71 35.46 14.79
C ASP C 93 16.21 35.60 13.36
N THR C 94 14.91 35.77 13.15
CA THR C 94 14.39 35.88 11.79
C THR C 94 13.69 37.20 11.51
N GLY C 95 13.15 37.82 12.54
CA GLY C 95 12.40 39.04 12.36
C GLY C 95 10.91 38.82 12.14
N LYS C 96 10.48 37.56 12.10
CA LYS C 96 9.07 37.26 11.84
C LYS C 96 8.20 37.58 13.06
N PRO C 97 7.03 38.18 12.83
CA PRO C 97 6.09 38.50 13.91
C PRO C 97 5.85 37.31 14.83
N LEU C 98 5.97 37.56 16.13
CA LEU C 98 5.61 36.61 17.17
C LEU C 98 4.27 35.94 16.88
N ALA C 99 3.36 36.71 16.29
CA ALA C 99 2.03 36.21 15.93
C ALA C 99 2.15 34.99 15.02
N GLU C 100 3.16 35.00 14.14
CA GLU C 100 3.45 33.84 13.31
C GLU C 100 4.18 32.76 14.11
N THR C 101 5.32 33.13 14.69
CA THR C 101 6.18 32.14 15.33
C THR C 101 5.48 31.38 16.46
N ARG C 102 4.52 32.03 17.09
CA ARG C 102 3.78 31.41 18.17
C ARG C 102 2.78 30.37 17.67
N SER C 103 2.19 30.66 16.52
CA SER C 103 1.09 29.82 16.01
C SER C 103 1.42 28.96 14.78
N VAL C 104 2.58 29.18 14.15
CA VAL C 104 2.95 28.44 12.95
C VAL C 104 4.24 27.62 13.06
N ASP C 105 5.36 28.29 13.28
CA ASP C 105 6.67 27.66 13.16
C ASP C 105 6.89 26.40 13.98
N ILE C 106 6.61 26.47 15.29
CA ILE C 106 6.84 25.30 16.13
C ILE C 106 5.63 24.36 16.12
N VAL C 107 4.43 24.95 16.13
CA VAL C 107 3.20 24.16 16.03
C VAL C 107 3.29 23.16 14.87
N THR C 108 3.54 23.67 13.67
CA THR C 108 3.54 22.81 12.47
C THR C 108 4.84 22.03 12.30
N GLY C 109 5.93 22.55 12.85
CA GLY C 109 7.15 21.79 12.93
C GLY C 109 6.94 20.52 13.76
N ALA C 110 6.34 20.70 14.92
CA ALA C 110 6.06 19.59 15.83
C ALA C 110 4.97 18.68 15.26
N ASP C 111 4.01 19.28 14.56
CA ASP C 111 2.97 18.49 13.89
C ASP C 111 3.62 17.37 13.08
N VAL C 112 4.57 17.75 12.21
CA VAL C 112 5.25 16.78 11.37
C VAL C 112 6.00 15.73 12.19
N LEU C 113 6.72 16.16 13.22
CA LEU C 113 7.42 15.20 14.08
C LEU C 113 6.42 14.23 14.74
N GLU C 114 5.31 14.78 15.20
CA GLU C 114 4.29 13.99 15.87
C GLU C 114 3.74 12.94 14.89
N TYR C 115 3.42 13.40 13.69
CA TYR C 115 2.99 12.50 12.62
C TYR C 115 3.96 11.33 12.43
N TYR C 116 5.23 11.63 12.18
CA TYR C 116 6.18 10.56 11.94
C TYR C 116 6.46 9.66 13.14
N ALA C 117 6.42 10.25 14.34
CA ALA C 117 6.56 9.48 15.58
C ALA C 117 5.56 8.33 15.62
N GLY C 118 4.33 8.58 15.23
CA GLY C 118 3.31 7.54 15.21
C GLY C 118 3.53 6.49 14.13
N LEU C 119 4.34 6.81 13.13
CA LEU C 119 4.45 5.94 11.96
C LEU C 119 5.65 5.00 12.02
N VAL C 120 6.53 5.20 13.00
CA VAL C 120 7.72 4.35 13.10
C VAL C 120 7.36 2.86 13.03
N PRO C 121 6.35 2.43 13.81
CA PRO C 121 6.06 0.99 13.82
C PRO C 121 5.50 0.50 12.49
N ALA C 122 5.07 1.44 11.65
CA ALA C 122 4.33 1.08 10.44
C ALA C 122 5.22 0.85 9.23
N ILE C 123 6.54 1.03 9.42
CA ILE C 123 7.48 0.83 8.34
C ILE C 123 7.70 -0.66 8.10
N GLU C 124 7.44 -1.08 6.87
CA GLU C 124 7.39 -2.51 6.55
C GLU C 124 8.02 -2.84 5.21
N GLY C 125 8.47 -4.07 5.06
CA GLY C 125 8.94 -4.57 3.78
C GLY C 125 7.81 -5.34 3.09
N GLU C 126 8.16 -6.09 2.06
CA GLU C 126 7.20 -6.90 1.31
C GLU C 126 7.62 -8.36 1.31
N GLN C 127 6.69 -9.22 0.96
CA GLN C 127 6.96 -10.63 0.79
C GLN C 127 6.32 -11.11 -0.51
N ILE C 128 7.10 -11.84 -1.29
CA ILE C 128 6.68 -12.26 -2.60
C ILE C 128 7.01 -13.72 -2.81
N PRO C 129 5.97 -14.55 -2.94
CA PRO C 129 6.23 -15.98 -3.23
C PRO C 129 6.67 -16.13 -4.69
N LEU C 130 7.66 -16.97 -4.96
CA LEU C 130 8.11 -17.18 -6.33
C LEU C 130 7.64 -18.51 -6.85
N ARG C 131 7.60 -19.49 -5.94
CA ARG C 131 7.27 -20.87 -6.25
C ARG C 131 7.33 -21.63 -4.94
N GLU C 132 6.90 -22.89 -4.94
CA GLU C 132 6.90 -23.65 -3.70
C GLU C 132 8.25 -23.59 -3.00
N THR C 133 9.35 -23.66 -3.78
CA THR C 133 10.69 -23.74 -3.17
C THR C 133 11.40 -22.42 -2.90
N SER C 134 10.84 -21.30 -3.34
CA SER C 134 11.49 -20.03 -3.11
C SER C 134 10.52 -18.87 -2.93
N PHE C 135 10.88 -17.95 -2.05
CA PHE C 135 10.14 -16.70 -1.88
C PHE C 135 11.13 -15.59 -1.58
N VAL C 136 10.73 -14.34 -1.82
CA VAL C 136 11.54 -13.22 -1.39
C VAL C 136 10.85 -12.33 -0.38
N TYR C 137 11.63 -11.76 0.55
CA TYR C 137 11.12 -10.65 1.35
C TYR C 137 12.06 -9.47 1.25
N THR C 138 11.53 -8.29 1.52
CA THR C 138 12.35 -7.10 1.50
C THR C 138 12.43 -6.52 2.89
N ARG C 139 13.54 -5.85 3.17
CA ARG C 139 13.68 -5.09 4.39
C ARG C 139 13.87 -3.64 4.02
N ARG C 140 13.29 -2.78 4.83
CA ARG C 140 13.51 -1.36 4.69
C ARG C 140 14.43 -0.98 5.81
N GLU C 141 15.71 -0.86 5.50
CA GLU C 141 16.73 -0.58 6.49
C GLU C 141 17.06 0.91 6.52
N PRO C 142 17.56 1.38 7.67
CA PRO C 142 17.97 2.79 7.68
C PRO C 142 19.09 3.02 6.67
N LEU C 143 19.13 4.22 6.09
CA LEU C 143 20.25 4.62 5.25
C LEU C 143 21.52 4.65 6.09
N GLY C 144 21.43 5.25 7.28
CA GLY C 144 22.56 5.37 8.18
C GLY C 144 22.67 6.79 8.70
N VAL C 145 23.69 7.50 8.24
CA VAL C 145 23.85 8.91 8.59
C VAL C 145 23.43 9.77 7.40
N VAL C 146 22.62 10.78 7.66
CA VAL C 146 22.15 11.65 6.59
C VAL C 146 22.37 13.10 7.01
N ALA C 147 22.36 14.01 6.04
CA ALA C 147 22.58 15.41 6.36
C ALA C 147 21.43 16.31 5.93
N GLY C 148 21.10 17.28 6.78
CA GLY C 148 20.13 18.30 6.42
C GLY C 148 20.76 19.68 6.34
N ILE C 149 20.45 20.40 5.27
CA ILE C 149 20.93 21.76 5.12
C ILE C 149 19.73 22.70 5.10
N GLY C 150 19.67 23.61 6.06
CA GLY C 150 18.47 24.40 6.31
C GLY C 150 18.46 25.74 5.61
N ALA C 151 17.28 26.34 5.53
CA ALA C 151 17.14 27.69 5.00
C ALA C 151 16.75 28.62 6.13
N TRP C 152 16.71 29.92 5.86
CA TRP C 152 16.54 30.87 6.94
C TRP C 152 15.10 31.37 7.20
N ASN C 153 14.15 31.04 6.32
CA ASN C 153 12.81 31.61 6.48
C ASN C 153 11.94 30.94 7.56
N TYR C 154 12.11 29.63 7.72
CA TYR C 154 11.45 28.88 8.79
C TYR C 154 12.47 27.98 9.43
N PRO C 155 13.43 28.57 10.17
CA PRO C 155 14.58 27.77 10.60
C PRO C 155 14.20 26.51 11.39
N VAL C 156 13.40 26.64 12.44
CA VAL C 156 13.19 25.46 13.29
C VAL C 156 12.19 24.48 12.66
N GLN C 157 11.19 25.02 11.99
CA GLN C 157 10.24 24.18 11.26
C GLN C 157 10.98 23.30 10.22
N ILE C 158 11.85 23.92 9.42
CA ILE C 158 12.65 23.19 8.44
C ILE C 158 13.48 22.09 9.08
N ALA C 159 14.06 22.39 10.25
CA ALA C 159 14.89 21.39 10.95
C ALA C 159 14.02 20.24 11.46
N LEU C 160 12.79 20.58 11.84
CA LEU C 160 11.86 19.56 12.26
C LEU C 160 11.42 18.70 11.06
N TRP C 161 10.98 19.35 9.98
CA TRP C 161 10.50 18.62 8.81
C TRP C 161 11.57 17.71 8.20
N LYS C 162 12.84 18.08 8.35
CA LYS C 162 13.93 17.24 7.83
C LYS C 162 14.32 16.10 8.76
N SER C 163 14.48 16.40 10.05
CA SER C 163 14.91 15.37 10.99
C SER C 163 13.79 14.42 11.41
N ALA C 164 12.55 14.91 11.47
CA ALA C 164 11.43 14.01 11.82
C ALA C 164 11.43 12.71 11.00
N PRO C 165 11.29 12.81 9.67
CA PRO C 165 11.32 11.55 8.90
C PRO C 165 12.66 10.81 8.99
N ALA C 166 13.77 11.55 9.03
CA ALA C 166 15.07 10.91 9.07
C ALA C 166 15.22 10.06 10.33
N LEU C 167 14.88 10.64 11.48
CA LEU C 167 14.97 9.93 12.74
C LEU C 167 13.92 8.83 12.83
N ALA C 168 12.70 9.11 12.39
CA ALA C 168 11.65 8.11 12.48
C ALA C 168 12.05 6.84 11.73
N ALA C 169 12.78 7.01 10.63
CA ALA C 169 13.20 5.86 9.82
C ALA C 169 14.43 5.17 10.39
N GLY C 170 14.93 5.67 11.52
CA GLY C 170 16.03 5.03 12.21
C GLY C 170 17.42 5.50 11.84
N ASN C 171 17.51 6.67 11.22
CA ASN C 171 18.78 7.29 10.88
C ASN C 171 19.24 8.32 11.93
N ALA C 172 20.53 8.64 11.87
CA ALA C 172 21.06 9.83 12.52
C ALA C 172 21.14 10.92 11.46
N MET C 173 20.84 12.17 11.84
CA MET C 173 21.03 13.30 10.96
C MET C 173 22.00 14.34 11.53
N ILE C 174 22.92 14.81 10.69
CA ILE C 174 23.70 16.00 11.00
C ILE C 174 23.08 17.16 10.26
N PHE C 175 22.65 18.18 11.01
CA PHE C 175 21.94 19.31 10.46
C PHE C 175 22.79 20.57 10.48
N LYS C 176 22.80 21.29 9.36
CA LYS C 176 23.46 22.59 9.28
C LYS C 176 22.48 23.73 9.00
N PRO C 177 22.19 24.53 10.04
CA PRO C 177 21.29 25.68 9.90
C PRO C 177 21.86 26.69 8.92
N SER C 178 21.01 27.60 8.46
CA SER C 178 21.50 28.73 7.71
C SER C 178 22.38 29.58 8.63
N GLU C 179 23.51 30.07 8.10
CA GLU C 179 24.32 31.04 8.82
C GLU C 179 23.45 32.18 9.30
N VAL C 180 22.44 32.51 8.50
CA VAL C 180 21.57 33.63 8.81
C VAL C 180 20.69 33.37 10.04
N THR C 181 20.47 32.10 10.38
CA THR C 181 19.50 31.79 11.45
C THR C 181 19.86 30.51 12.21
N PRO C 182 20.94 30.56 13.01
CA PRO C 182 21.53 29.37 13.63
C PRO C 182 20.91 28.99 14.96
N LEU C 183 20.17 29.90 15.59
CA LEU C 183 19.78 29.75 17.01
C LEU C 183 18.82 28.59 17.34
N THR C 184 17.66 28.55 16.70
CA THR C 184 16.66 27.55 17.09
C THR C 184 17.12 26.11 16.81
N ALA C 185 17.96 25.92 15.80
CA ALA C 185 18.47 24.57 15.51
C ALA C 185 19.21 23.96 16.69
N LEU C 186 19.97 24.79 17.40
CA LEU C 186 20.72 24.32 18.56
C LEU C 186 19.78 23.96 19.72
N LYS C 187 18.78 24.77 19.97
CA LYS C 187 17.72 24.45 20.89
C LYS C 187 17.02 23.14 20.62
N LEU C 188 16.76 22.80 19.38
CA LEU C 188 16.14 21.54 19.05
C LEU C 188 17.04 20.39 19.34
N ALA C 189 18.32 20.56 19.18
CA ALA C 189 19.25 19.52 19.48
C ALA C 189 19.21 19.17 20.94
N GLU C 190 19.02 20.17 21.78
CA GLU C 190 18.90 19.95 23.22
C GLU C 190 17.63 19.17 23.47
N ILE C 191 16.52 19.74 23.01
CA ILE C 191 15.23 19.10 23.16
C ILE C 191 15.26 17.61 22.77
N TYR C 192 15.92 17.27 21.67
CA TYR C 192 15.98 15.85 21.28
C TYR C 192 16.69 15.04 22.36
N THR C 193 17.86 15.54 22.76
CA THR C 193 18.67 14.86 23.78
C THR C 193 17.91 14.67 25.07
N GLU C 194 17.21 15.72 25.50
CA GLU C 194 16.37 15.67 26.69
C GLU C 194 15.23 14.64 26.54
N ALA C 195 14.70 14.50 25.32
CA ALA C 195 13.60 13.54 25.07
C ALA C 195 14.06 12.09 25.13
N GLY C 196 15.37 11.89 25.03
CA GLY C 196 15.92 10.55 25.04
C GLY C 196 16.59 10.12 23.76
N VAL C 197 16.71 11.02 22.79
CA VAL C 197 17.43 10.68 21.56
C VAL C 197 18.89 10.43 21.87
N PRO C 198 19.41 9.24 21.51
CA PRO C 198 20.82 8.90 21.78
C PRO C 198 21.81 9.95 21.27
N ASP C 199 22.94 10.06 21.96
CA ASP C 199 24.01 10.95 21.56
C ASP C 199 24.40 10.66 20.13
N GLY C 200 24.59 11.70 19.34
CA GLY C 200 25.04 11.57 17.96
C GLY C 200 23.94 11.54 16.92
N VAL C 201 22.73 11.14 17.32
CA VAL C 201 21.61 10.97 16.40
C VAL C 201 21.13 12.27 15.77
N PHE C 202 21.20 13.37 16.50
CA PHE C 202 20.98 14.68 15.90
C PHE C 202 22.06 15.67 16.38
N ASN C 203 22.98 15.98 15.47
CA ASN C 203 24.07 16.91 15.73
C ASN C 203 23.88 18.15 14.88
N VAL C 204 24.21 19.32 15.43
CA VAL C 204 24.09 20.56 14.71
C VAL C 204 25.46 21.21 14.45
N LEU C 205 25.81 21.39 13.19
CA LEU C 205 27.03 22.11 12.82
C LEU C 205 26.70 23.45 12.19
N THR C 206 27.25 24.51 12.75
CA THR C 206 27.03 25.84 12.22
C THR C 206 28.22 26.28 11.38
N GLY C 207 27.98 27.26 10.52
CA GLY C 207 29.00 27.75 9.60
C GLY C 207 28.42 27.99 8.22
N SER C 208 29.31 28.13 7.25
CA SER C 208 28.93 28.44 5.87
C SER C 208 28.49 27.19 5.08
N GLY C 209 27.69 27.41 4.04
CA GLY C 209 27.36 26.33 3.14
C GLY C 209 28.53 26.03 2.21
N ARG C 210 29.14 27.10 1.71
CA ARG C 210 30.27 26.96 0.81
C ARG C 210 31.32 26.03 1.42
N GLU C 211 31.40 26.03 2.76
CA GLU C 211 32.41 25.24 3.44
C GLU C 211 31.83 24.00 4.13
N VAL C 212 31.12 24.21 5.23
CA VAL C 212 30.63 23.07 6.00
C VAL C 212 29.49 22.36 5.26
N GLY C 213 28.62 23.14 4.62
CA GLY C 213 27.65 22.58 3.69
C GLY C 213 28.31 21.64 2.71
N GLN C 214 29.38 22.10 2.07
CA GLN C 214 30.05 21.29 1.07
C GLN C 214 30.80 20.10 1.69
N TRP C 215 31.31 20.29 2.89
CA TRP C 215 32.00 19.18 3.55
C TRP C 215 31.01 18.07 3.86
N LEU C 216 29.78 18.45 4.20
CA LEU C 216 28.75 17.44 4.47
C LEU C 216 28.32 16.72 3.19
N THR C 217 28.08 17.49 2.13
CA THR C 217 27.63 16.88 0.88
C THR C 217 28.70 15.98 0.24
N GLU C 218 29.96 16.24 0.58
CA GLU C 218 31.08 15.52 0.01
C GLU C 218 31.44 14.27 0.79
N HIS C 219 30.98 14.19 2.03
CA HIS C 219 31.47 13.14 2.91
C HIS C 219 31.01 11.75 2.50
N PRO C 220 31.94 10.81 2.36
CA PRO C 220 31.71 9.46 1.83
C PRO C 220 30.91 8.59 2.79
N LEU C 221 30.73 9.06 4.03
CA LEU C 221 30.04 8.26 5.03
C LEU C 221 28.58 8.68 5.22
N ILE C 222 28.22 9.83 4.67
CA ILE C 222 26.85 10.30 4.68
C ILE C 222 26.10 9.68 3.51
N GLU C 223 24.89 9.17 3.76
CA GLU C 223 24.18 8.39 2.75
C GLU C 223 23.15 9.19 1.96
N LYS C 224 22.83 10.37 2.45
CA LYS C 224 21.77 11.17 1.86
C LYS C 224 21.83 12.62 2.32
N ILE C 225 21.45 13.51 1.42
CA ILE C 225 21.39 14.92 1.71
C ILE C 225 19.98 15.43 1.47
N SER C 226 19.45 16.19 2.42
CA SER C 226 18.20 16.90 2.19
C SER C 226 18.46 18.39 2.34
N PHE C 227 18.10 19.15 1.32
CA PHE C 227 18.50 20.53 1.20
C PHE C 227 17.32 21.42 0.88
N THR C 228 17.34 22.62 1.45
CA THR C 228 16.31 23.60 1.19
C THR C 228 17.02 24.91 0.95
N GLY C 229 16.69 25.57 -0.16
CA GLY C 229 17.27 26.84 -0.50
C GLY C 229 16.98 27.21 -1.95
N GLY C 230 17.83 28.03 -2.54
CA GLY C 230 17.64 28.47 -3.91
C GLY C 230 17.94 27.40 -4.93
N THR C 231 17.22 27.46 -6.05
CA THR C 231 17.43 26.52 -7.15
C THR C 231 18.88 26.57 -7.62
N SER C 232 19.40 27.79 -7.77
CA SER C 232 20.78 27.99 -8.18
C SER C 232 21.76 27.20 -7.33
N THR C 233 21.62 27.33 -6.01
CA THR C 233 22.47 26.60 -5.06
C THR C 233 22.19 25.09 -5.02
N GLY C 234 20.90 24.73 -5.07
CA GLY C 234 20.51 23.33 -5.04
C GLY C 234 21.20 22.52 -6.13
N LYS C 235 21.25 23.09 -7.32
CA LYS C 235 21.96 22.44 -8.42
C LYS C 235 23.41 22.09 -8.04
N LYS C 236 24.10 23.04 -7.39
CA LYS C 236 25.46 22.79 -6.95
C LYS C 236 25.45 21.70 -5.90
N VAL C 237 24.58 21.87 -4.91
CA VAL C 237 24.55 20.93 -3.79
C VAL C 237 24.34 19.49 -4.28
N MET C 238 23.39 19.34 -5.22
CA MET C 238 23.04 18.01 -5.73
C MET C 238 24.20 17.39 -6.49
N ALA C 239 24.82 18.18 -7.36
CA ALA C 239 25.99 17.71 -8.10
C ALA C 239 27.07 17.17 -7.15
N SER C 240 27.29 17.90 -6.06
CA SER C 240 28.32 17.49 -5.10
C SER C 240 27.94 16.21 -4.36
N ALA C 241 26.70 16.14 -3.87
CA ALA C 241 26.25 14.93 -3.20
C ALA C 241 26.39 13.72 -4.13
N SER C 242 26.23 13.97 -5.43
CA SER C 242 26.21 12.89 -6.44
C SER C 242 27.59 12.48 -6.90
N SER C 243 28.40 13.47 -7.27
CA SER C 243 29.72 13.19 -7.80
C SER C 243 30.68 12.61 -6.74
N SER C 244 30.43 12.92 -5.46
CA SER C 244 31.29 12.41 -4.38
C SER C 244 31.09 10.92 -4.09
N SER C 245 29.83 10.52 -3.86
CA SER C 245 29.57 9.15 -3.43
C SER C 245 28.14 8.67 -3.71
N LEU C 246 27.45 9.27 -4.67
CA LEU C 246 26.13 8.76 -5.07
C LEU C 246 25.16 8.76 -3.90
N LYS C 247 25.03 9.91 -3.26
CA LYS C 247 24.11 10.04 -2.15
C LYS C 247 22.70 10.24 -2.72
N GLU C 248 21.71 9.65 -2.04
CA GLU C 248 20.31 10.01 -2.30
C GLU C 248 20.14 11.49 -1.94
N VAL C 249 19.21 12.17 -2.60
CA VAL C 249 19.00 13.59 -2.37
C VAL C 249 17.53 14.01 -2.29
N THR C 250 17.26 15.00 -1.44
CA THR C 250 15.99 15.69 -1.41
C THR C 250 16.26 17.18 -1.55
N MET C 251 15.57 17.84 -2.45
CA MET C 251 15.76 19.26 -2.71
C MET C 251 14.41 19.96 -2.71
N GLU C 252 14.24 20.89 -1.78
CA GLU C 252 13.12 21.80 -1.77
C GLU C 252 13.67 23.15 -2.16
N LEU C 253 13.24 23.65 -3.32
CA LEU C 253 13.89 24.82 -3.90
C LEU C 253 12.94 25.98 -4.17
N GLY C 254 13.32 26.87 -5.07
CA GLY C 254 12.56 28.08 -5.30
C GLY C 254 11.31 27.88 -6.14
N GLY C 255 10.56 28.95 -6.33
CA GLY C 255 9.39 28.91 -7.18
C GLY C 255 8.96 30.30 -7.61
N LYS C 256 8.10 30.34 -8.61
CA LYS C 256 7.39 31.57 -8.95
C LYS C 256 5.93 31.18 -9.20
N SER C 257 5.30 30.73 -8.12
CA SER C 257 4.04 30.03 -8.21
C SER C 257 2.87 30.89 -8.69
N PRO C 258 2.05 30.33 -9.58
CA PRO C 258 0.91 30.99 -10.21
C PRO C 258 -0.35 30.84 -9.36
N LEU C 259 -1.16 31.91 -9.30
CA LEU C 259 -2.45 31.88 -8.67
C LEU C 259 -3.47 32.39 -9.69
N ILE C 260 -4.40 31.53 -10.09
CA ILE C 260 -5.35 31.90 -11.11
C ILE C 260 -6.70 32.13 -10.49
N ILE C 261 -7.19 33.36 -10.60
CA ILE C 261 -8.49 33.72 -10.10
CA ILE C 261 -8.45 33.64 -10.15
C ILE C 261 -9.42 33.66 -11.31
N PHE C 262 -10.30 32.66 -11.36
CA PHE C 262 -11.26 32.61 -12.47
C PHE C 262 -12.44 33.58 -12.24
N PRO C 263 -13.09 34.00 -13.33
CA PRO C 263 -14.11 35.07 -13.30
C PRO C 263 -15.35 34.76 -12.47
N ASP C 264 -15.53 33.53 -12.00
CA ASP C 264 -16.70 33.21 -11.18
C ASP C 264 -16.31 33.27 -9.70
N ALA C 265 -15.03 33.50 -9.43
CA ALA C 265 -14.52 33.56 -8.06
C ALA C 265 -15.18 34.67 -7.26
N ASP C 266 -15.38 34.43 -5.97
CA ASP C 266 -15.75 35.53 -5.08
C ASP C 266 -14.52 36.40 -4.89
N LEU C 267 -14.64 37.67 -5.23
CA LEU C 267 -13.50 38.57 -5.21
C LEU C 267 -12.90 38.81 -3.82
N ASP C 268 -13.75 38.83 -2.79
CA ASP C 268 -13.25 38.94 -1.42
C ASP C 268 -12.38 37.76 -1.06
N ARG C 269 -12.88 36.56 -1.33
CA ARG C 269 -12.08 35.36 -1.08
C ARG C 269 -10.81 35.41 -1.90
N ALA C 270 -10.91 35.88 -3.15
CA ALA C 270 -9.76 35.90 -4.04
C ALA C 270 -8.69 36.89 -3.52
N ALA C 271 -9.12 38.06 -3.06
CA ALA C 271 -8.19 39.03 -2.50
C ALA C 271 -7.54 38.52 -1.22
N ASP C 272 -8.33 37.88 -0.37
CA ASP C 272 -7.79 37.32 0.88
C ASP C 272 -6.71 36.31 0.53
N ILE C 273 -7.01 35.42 -0.43
CA ILE C 273 -6.04 34.41 -0.81
C ILE C 273 -4.79 35.04 -1.46
N ALA C 274 -5.00 35.98 -2.35
CA ALA C 274 -3.88 36.68 -2.97
C ALA C 274 -2.94 37.30 -1.92
N VAL C 275 -3.50 37.99 -0.93
CA VAL C 275 -2.65 38.61 0.08
C VAL C 275 -1.98 37.58 1.00
N MET C 276 -2.71 36.54 1.42
CA MET C 276 -2.06 35.50 2.22
C MET C 276 -0.91 34.85 1.45
N ALA C 277 -1.11 34.71 0.14
CA ALA C 277 -0.16 34.04 -0.73
C ALA C 277 1.04 34.92 -1.09
N ASN C 278 1.02 36.18 -0.66
CA ASN C 278 2.11 37.10 -0.96
C ASN C 278 2.78 37.74 0.24
N PHE C 279 2.05 37.92 1.33
CA PHE C 279 2.55 38.77 2.41
C PHE C 279 2.79 38.12 3.76
N PHE C 280 2.37 36.88 3.92
CA PHE C 280 2.68 36.17 5.16
C PHE C 280 4.18 36.01 5.26
N SER C 281 4.70 35.95 6.48
CA SER C 281 6.13 35.95 6.72
C SER C 281 6.84 37.06 5.92
N SER C 282 6.14 38.17 5.69
CA SER C 282 6.68 39.29 4.90
C SER C 282 7.15 38.80 3.54
N GLY C 283 6.40 37.88 2.94
CA GLY C 283 6.68 37.47 1.59
C GLY C 283 7.86 36.50 1.46
N GLN C 284 8.27 35.90 2.56
CA GLN C 284 9.42 35.00 2.51
C GLN C 284 9.03 33.52 2.63
N VAL C 285 8.21 33.07 1.69
CA VAL C 285 7.77 31.68 1.63
C VAL C 285 7.91 31.22 0.19
N ALA C 286 8.64 30.11 -0.01
CA ALA C 286 8.87 29.56 -1.35
C ALA C 286 7.60 29.29 -2.16
N THR C 287 6.55 28.80 -1.50
CA THR C 287 5.31 28.40 -2.18
C THR C 287 4.38 29.57 -2.48
N ASN C 288 4.88 30.80 -2.32
CA ASN C 288 4.03 31.98 -2.51
C ASN C 288 3.51 32.18 -3.93
N GLY C 289 2.29 32.69 -4.03
CA GLY C 289 1.65 32.93 -5.30
C GLY C 289 2.07 34.27 -5.87
N THR C 290 3.34 34.36 -6.22
CA THR C 290 3.94 35.63 -6.60
C THR C 290 3.49 36.16 -7.98
N ARG C 291 2.74 35.34 -8.72
CA ARG C 291 2.13 35.77 -9.98
C ARG C 291 0.62 35.55 -9.91
N VAL C 292 -0.14 36.62 -9.83
CA VAL C 292 -1.58 36.50 -9.67
C VAL C 292 -2.29 36.83 -10.96
N PHE C 293 -2.89 35.82 -11.59
CA PHE C 293 -3.61 36.03 -12.83
C PHE C 293 -5.07 36.36 -12.54
N ILE C 294 -5.53 37.48 -13.06
CA ILE C 294 -6.89 37.93 -12.80
C ILE C 294 -7.52 38.17 -14.15
N HIS C 295 -8.80 37.86 -14.27
CA HIS C 295 -9.44 37.99 -15.57
C HIS C 295 -9.70 39.48 -15.86
N ARG C 296 -9.65 39.85 -17.13
CA ARG C 296 -9.80 41.25 -17.52
C ARG C 296 -11.04 41.87 -16.87
N SER C 297 -12.11 41.09 -16.79
CA SER C 297 -13.40 41.58 -16.34
C SER C 297 -13.43 41.93 -14.85
N GLN C 298 -12.42 41.48 -14.12
CA GLN C 298 -12.44 41.59 -12.67
C GLN C 298 -11.25 42.41 -12.17
N GLN C 299 -10.36 42.78 -13.07
CA GLN C 299 -9.12 43.42 -12.68
C GLN C 299 -9.30 44.62 -11.76
N ALA C 300 -10.18 45.54 -12.13
CA ALA C 300 -10.37 46.77 -11.37
C ALA C 300 -10.90 46.50 -9.96
N ARG C 301 -12.03 45.79 -9.89
CA ARG C 301 -12.62 45.40 -8.62
C ARG C 301 -11.61 44.62 -7.76
N PHE C 302 -10.78 43.82 -8.41
CA PHE C 302 -9.83 42.98 -7.69
C PHE C 302 -8.68 43.78 -7.10
N GLU C 303 -8.13 44.69 -7.90
CA GLU C 303 -7.04 45.53 -7.44
C GLU C 303 -7.47 46.35 -6.24
N ALA C 304 -8.64 46.97 -6.38
CA ALA C 304 -9.26 47.71 -5.29
C ALA C 304 -9.30 46.88 -4.02
N LYS C 305 -9.81 45.66 -4.11
CA LYS C 305 -9.92 44.80 -2.93
C LYS C 305 -8.57 44.40 -2.36
N VAL C 306 -7.57 44.25 -3.24
CA VAL C 306 -6.23 43.90 -2.78
C VAL C 306 -5.63 45.08 -2.02
N LEU C 307 -5.75 46.27 -2.61
CA LEU C 307 -5.22 47.49 -2.00
C LEU C 307 -5.79 47.67 -0.60
N GLU C 308 -7.11 47.59 -0.49
CA GLU C 308 -7.79 47.77 0.77
C GLU C 308 -7.24 46.87 1.86
N ARG C 309 -6.82 45.68 1.48
CA ARG C 309 -6.33 44.74 2.46
C ARG C 309 -4.89 45.06 2.78
N VAL C 310 -4.12 45.41 1.76
CA VAL C 310 -2.71 45.71 1.96
C VAL C 310 -2.53 46.93 2.85
N GLN C 311 -3.38 47.94 2.65
CA GLN C 311 -3.33 49.19 3.40
C GLN C 311 -3.54 49.01 4.90
N ARG C 312 -4.23 47.95 5.28
CA ARG C 312 -4.52 47.71 6.68
C ARG C 312 -3.58 46.68 7.28
N ILE C 313 -2.62 46.22 6.49
CA ILE C 313 -1.59 45.32 7.01
C ILE C 313 -0.84 46.03 8.13
N ARG C 314 -0.70 45.38 9.26
CA ARG C 314 0.01 45.99 10.38
C ARG C 314 1.49 45.63 10.42
N LEU C 315 2.28 46.36 9.63
CA LEU C 315 3.75 46.32 9.70
C LEU C 315 4.22 46.98 11.00
N GLY C 316 5.21 46.36 11.65
CA GLY C 316 5.72 46.88 12.90
C GLY C 316 6.71 45.97 13.61
N ASP C 317 6.89 46.22 14.90
CA ASP C 317 7.84 45.48 15.71
C ASP C 317 7.38 44.03 15.87
N PRO C 318 8.22 43.07 15.45
CA PRO C 318 7.95 41.63 15.52
C PRO C 318 7.61 41.20 16.94
N GLN C 319 8.04 42.01 17.91
CA GLN C 319 7.85 41.70 19.33
C GLN C 319 6.42 41.97 19.76
N ASP C 320 5.81 42.95 19.16
CA ASP C 320 4.46 43.30 19.47
C ASP C 320 3.48 42.27 18.93
N GLU C 321 2.44 41.98 19.68
CA GLU C 321 1.55 40.88 19.37
C GLU C 321 0.63 41.27 18.26
N ASN C 322 0.53 42.56 18.02
CA ASN C 322 -0.37 43.08 17.00
C ASN C 322 0.26 43.25 15.64
N THR C 323 1.58 43.07 15.58
CA THR C 323 2.25 43.06 14.29
C THR C 323 1.86 41.77 13.56
N ASN C 324 1.48 41.90 12.29
CA ASN C 324 1.33 40.74 11.41
C ASN C 324 2.19 40.84 10.15
N PHE C 325 3.17 41.74 10.17
CA PHE C 325 4.06 41.95 9.03
C PHE C 325 5.40 42.51 9.51
N GLY C 326 6.43 41.65 9.53
CA GLY C 326 7.70 42.04 10.08
C GLY C 326 8.71 42.59 9.08
N PRO C 327 9.93 42.84 9.56
CA PRO C 327 11.03 43.21 8.66
C PRO C 327 11.45 41.97 7.88
N LEU C 328 12.24 42.13 6.82
CA LEU C 328 12.80 40.98 6.12
C LEU C 328 13.82 40.29 7.01
N VAL C 329 14.44 39.21 6.55
CA VAL C 329 15.31 38.41 7.42
C VAL C 329 16.70 39.04 7.62
N SER C 330 17.07 39.98 6.75
CA SER C 330 18.39 40.60 6.81
C SER C 330 18.44 41.86 5.95
N PHE C 331 19.45 42.70 6.19
CA PHE C 331 19.67 43.89 5.37
C PHE C 331 20.13 43.52 3.96
N PRO C 332 21.07 42.55 3.84
CA PRO C 332 21.45 42.10 2.51
C PRO C 332 20.20 41.61 1.75
N HIS C 333 19.44 40.66 2.32
CA HIS C 333 18.22 40.23 1.63
C HIS C 333 17.30 41.40 1.32
N MET C 334 17.26 42.40 2.19
CA MET C 334 16.42 43.56 1.94
C MET C 334 16.89 44.30 0.68
N GLU C 335 18.20 44.42 0.52
CA GLU C 335 18.70 45.14 -0.64
C GLU C 335 18.27 44.41 -1.90
N SER C 336 18.43 43.09 -1.89
CA SER C 336 18.01 42.26 -3.02
C SER C 336 16.56 42.51 -3.40
N VAL C 337 15.69 42.41 -2.42
CA VAL C 337 14.28 42.69 -2.66
C VAL C 337 14.10 44.08 -3.27
N LEU C 338 14.77 45.09 -2.69
CA LEU C 338 14.64 46.47 -3.16
C LEU C 338 15.13 46.63 -4.60
N GLY C 339 16.18 45.88 -4.93
CA GLY C 339 16.67 45.82 -6.30
C GLY C 339 15.57 45.34 -7.23
N TYR C 340 14.95 44.20 -6.90
CA TYR C 340 13.85 43.69 -7.72
C TYR C 340 12.79 44.75 -7.86
N ILE C 341 12.44 45.37 -6.74
CA ILE C 341 11.40 46.38 -6.75
C ILE C 341 11.74 47.51 -7.72
N GLU C 342 13.02 47.85 -7.83
CA GLU C 342 13.45 48.91 -8.73
C GLU C 342 13.37 48.51 -10.19
N SER C 343 13.85 47.30 -10.49
CA SER C 343 13.68 46.69 -11.81
C SER C 343 12.22 46.78 -12.26
N GLY C 344 11.30 46.46 -11.36
CA GLY C 344 9.89 46.57 -11.68
C GLY C 344 9.49 47.98 -12.05
N LYS C 345 9.98 48.95 -11.29
CA LYS C 345 9.68 50.35 -11.58
C LYS C 345 10.34 50.70 -12.92
N ALA C 346 11.59 50.27 -13.05
CA ALA C 346 12.37 50.49 -14.26
C ALA C 346 11.68 49.97 -15.51
N GLN C 347 11.01 48.82 -15.42
CA GLN C 347 10.36 48.21 -16.59
C GLN C 347 8.91 48.63 -16.77
N LYS C 348 8.47 49.58 -15.95
CA LYS C 348 7.18 50.24 -16.15
C LYS C 348 5.94 49.49 -15.66
N ALA C 349 6.13 48.47 -14.84
CA ALA C 349 5.01 47.90 -14.10
C ALA C 349 4.35 49.02 -13.29
N ARG C 350 3.03 49.03 -13.21
CA ARG C 350 2.33 50.05 -12.43
C ARG C 350 2.25 49.68 -10.95
N LEU C 351 2.89 50.49 -10.10
CA LEU C 351 2.91 50.25 -8.64
C LEU C 351 1.58 50.59 -7.99
N LEU C 352 0.90 49.58 -7.45
CA LEU C 352 -0.39 49.80 -6.85
C LEU C 352 -0.21 50.27 -5.42
N CYS C 353 0.89 49.85 -4.79
CA CYS C 353 1.19 50.24 -3.41
C CYS C 353 2.54 49.70 -2.95
N GLY C 354 3.05 50.29 -1.87
CA GLY C 354 4.35 49.93 -1.34
C GLY C 354 5.47 50.37 -2.28
N GLY C 355 6.49 49.53 -2.41
CA GLY C 355 7.53 49.77 -3.39
C GLY C 355 8.69 50.58 -2.85
N GLU C 356 8.86 50.59 -1.54
CA GLU C 356 10.05 51.18 -0.93
C GLU C 356 10.26 50.75 0.50
N ARG C 357 11.44 51.08 1.03
CA ARG C 357 11.79 50.79 2.41
C ARG C 357 10.94 51.61 3.38
N VAL C 358 10.72 51.05 4.58
CA VAL C 358 10.03 51.78 5.63
C VAL C 358 11.09 52.23 6.63
N THR C 359 11.25 53.55 6.76
CA THR C 359 12.34 54.12 7.54
C THR C 359 11.88 54.99 8.71
N ASP C 360 10.61 55.40 8.69
CA ASP C 360 10.03 56.18 9.76
C ASP C 360 10.25 55.57 11.14
N GLY C 361 10.72 56.38 12.08
CA GLY C 361 10.89 55.95 13.46
C GLY C 361 11.94 54.87 13.65
N ALA C 362 11.65 53.95 14.55
CA ALA C 362 12.53 52.82 14.86
C ALA C 362 12.71 51.89 13.66
N PHE C 363 11.87 52.07 12.64
CA PHE C 363 11.88 51.20 11.47
C PHE C 363 13.17 51.34 10.68
N GLY C 364 13.77 52.53 10.72
CA GLY C 364 15.03 52.74 10.03
C GLY C 364 16.16 51.90 10.61
N LYS C 365 15.94 51.34 11.79
CA LYS C 365 16.96 50.54 12.45
C LYS C 365 16.84 49.08 12.03
N GLY C 366 15.85 48.79 11.20
CA GLY C 366 15.54 47.44 10.77
C GLY C 366 15.39 47.34 9.26
N ALA C 367 15.36 46.10 8.77
CA ALA C 367 15.28 45.84 7.34
C ALA C 367 13.83 45.74 6.88
N TYR C 368 13.12 46.86 6.88
CA TYR C 368 11.69 46.86 6.56
C TYR C 368 11.41 47.25 5.13
N VAL C 369 10.84 46.33 4.36
CA VAL C 369 10.28 46.66 3.06
C VAL C 369 8.77 46.63 3.18
N ALA C 370 8.11 47.57 2.53
CA ALA C 370 6.66 47.66 2.61
C ALA C 370 5.99 46.61 1.74
N PRO C 371 4.73 46.25 2.05
CA PRO C 371 3.93 45.39 1.17
C PRO C 371 3.72 46.01 -0.21
N THR C 372 4.29 45.39 -1.22
CA THR C 372 4.32 45.97 -2.56
C THR C 372 3.49 45.16 -3.57
N VAL C 373 2.66 45.86 -4.33
CA VAL C 373 1.89 45.23 -5.37
C VAL C 373 2.17 45.92 -6.69
N PHE C 374 2.68 45.16 -7.66
CA PHE C 374 2.76 45.63 -9.04
C PHE C 374 1.62 45.07 -9.86
N THR C 375 1.02 45.90 -10.69
CA THR C 375 0.00 45.43 -11.61
C THR C 375 0.34 45.87 -13.03
N ASP C 376 -0.49 45.49 -14.00
CA ASP C 376 -0.16 45.69 -15.41
C ASP C 376 1.19 45.09 -15.77
N CYS C 377 1.54 43.96 -15.16
CA CYS C 377 2.83 43.33 -15.44
C CYS C 377 2.82 42.59 -16.78
N ARG C 378 4.02 42.22 -17.26
CA ARG C 378 4.14 41.43 -18.48
C ARG C 378 5.00 40.21 -18.17
N ASP C 379 4.76 39.10 -18.87
CA ASP C 379 5.39 37.83 -18.49
C ASP C 379 6.91 37.89 -18.53
N ASP C 380 7.46 38.81 -19.30
CA ASP C 380 8.91 38.88 -19.47
C ASP C 380 9.61 39.85 -18.52
N MET C 381 8.84 40.56 -17.70
CA MET C 381 9.43 41.40 -16.65
C MET C 381 10.25 40.55 -15.70
N THR C 382 11.35 41.13 -15.22
CA THR C 382 12.23 40.43 -14.28
C THR C 382 11.49 40.09 -12.99
N ILE C 383 10.58 40.96 -12.56
CA ILE C 383 9.83 40.70 -11.32
C ILE C 383 8.82 39.56 -11.51
N VAL C 384 8.43 39.30 -12.76
CA VAL C 384 7.51 38.22 -13.05
C VAL C 384 8.26 36.90 -13.28
N ARG C 385 9.46 37.00 -13.86
CA ARG C 385 10.25 35.81 -14.20
C ARG C 385 11.00 35.22 -13.01
N GLU C 386 11.44 36.09 -12.10
CA GLU C 386 12.40 35.68 -11.07
C GLU C 386 11.79 35.67 -9.67
N GLU C 387 12.20 34.71 -8.85
CA GLU C 387 11.75 34.68 -7.48
C GLU C 387 12.38 35.82 -6.68
N ILE C 388 11.52 36.71 -6.17
CA ILE C 388 11.92 37.86 -5.36
C ILE C 388 12.13 37.47 -3.87
N PHE C 389 11.32 36.55 -3.38
CA PHE C 389 11.39 36.10 -1.98
C PHE C 389 11.16 37.24 -0.98
N GLY C 390 10.27 38.17 -1.34
CA GLY C 390 9.90 39.30 -0.50
C GLY C 390 8.48 39.76 -0.79
N PRO C 391 8.03 40.83 -0.12
CA PRO C 391 6.62 41.23 -0.21
C PRO C 391 6.26 41.90 -1.53
N VAL C 392 6.36 41.15 -2.63
CA VAL C 392 6.08 41.73 -3.94
C VAL C 392 5.14 40.85 -4.76
N MET C 393 3.92 41.35 -4.99
CA MET C 393 2.93 40.67 -5.79
C MET C 393 2.88 41.24 -7.21
N SER C 394 3.04 40.38 -8.20
CA SER C 394 2.81 40.76 -9.60
C SER C 394 1.43 40.29 -10.05
N ILE C 395 0.60 41.23 -10.47
CA ILE C 395 -0.75 40.95 -10.93
C ILE C 395 -0.79 40.96 -12.46
N LEU C 396 -1.33 39.90 -13.06
CA LEU C 396 -1.26 39.69 -14.50
C LEU C 396 -2.66 39.46 -15.03
N VAL C 397 -3.09 40.31 -15.95
CA VAL C 397 -4.42 40.17 -16.55
C VAL C 397 -4.44 39.09 -17.65
N TYR C 398 -5.57 38.39 -17.80
CA TYR C 398 -5.71 37.39 -18.87
C TYR C 398 -7.11 37.45 -19.44
N ASP C 399 -7.37 36.76 -20.55
CA ASP C 399 -8.68 36.80 -21.16
C ASP C 399 -9.37 35.45 -21.17
N ASP C 400 -8.59 34.38 -21.28
CA ASP C 400 -9.20 33.06 -21.19
C ASP C 400 -8.38 31.98 -20.47
N GLU C 401 -9.10 30.93 -20.12
CA GLU C 401 -8.59 29.87 -19.27
C GLU C 401 -7.32 29.24 -19.82
N ASP C 402 -7.35 28.85 -21.10
CA ASP C 402 -6.21 28.17 -21.70
C ASP C 402 -4.97 29.05 -21.67
N GLU C 403 -5.16 30.32 -22.00
CA GLU C 403 -4.09 31.30 -21.92
C GLU C 403 -3.46 31.29 -20.51
N ALA C 404 -4.32 31.45 -19.50
CA ALA C 404 -3.92 31.57 -18.11
C ALA C 404 -3.11 30.34 -17.64
N ILE C 405 -3.57 29.18 -18.05
CA ILE C 405 -2.89 27.95 -17.70
C ILE C 405 -1.53 27.86 -18.41
N ARG C 406 -1.48 28.30 -19.66
CA ARG C 406 -0.25 28.21 -20.42
C ARG C 406 0.78 29.16 -19.81
N ARG C 407 0.33 30.36 -19.45
CA ARG C 407 1.25 31.31 -18.83
C ARG C 407 1.70 30.83 -17.45
N ALA C 408 0.76 30.26 -16.69
CA ALA C 408 1.09 29.73 -15.38
C ALA C 408 2.19 28.69 -15.48
N ASN C 409 2.10 27.86 -16.51
CA ASN C 409 3.08 26.77 -16.68
C ASN C 409 4.39 27.26 -17.31
N ASP C 410 4.38 28.48 -17.84
CA ASP C 410 5.48 28.99 -18.64
C ASP C 410 6.61 29.55 -17.75
N THR C 411 7.40 28.65 -17.18
CA THR C 411 8.42 28.98 -16.20
C THR C 411 9.16 27.70 -15.90
N GLU C 412 10.42 27.82 -15.49
CA GLU C 412 11.22 26.63 -15.18
C GLU C 412 10.97 26.16 -13.75
N TYR C 413 10.29 27.00 -12.97
CA TYR C 413 9.88 26.58 -11.63
C TYR C 413 8.61 25.71 -11.72
N GLY C 414 8.21 25.09 -10.62
CA GLY C 414 6.99 24.32 -10.55
C GLY C 414 6.77 23.76 -9.16
N LEU C 415 6.81 24.64 -8.17
CA LEU C 415 6.71 24.21 -6.77
C LEU C 415 5.24 24.11 -6.36
N ALA C 416 4.52 25.20 -6.58
CA ALA C 416 3.13 25.32 -6.17
C ALA C 416 2.34 26.04 -7.23
N ALA C 417 1.02 25.93 -7.11
CA ALA C 417 0.06 26.56 -8.01
C ALA C 417 -1.31 26.50 -7.34
N GLY C 418 -2.24 27.34 -7.77
CA GLY C 418 -3.56 27.26 -7.21
C GLY C 418 -4.57 28.01 -8.04
N VAL C 419 -5.85 27.68 -7.84
CA VAL C 419 -6.91 28.37 -8.57
C VAL C 419 -8.01 28.74 -7.60
N VAL C 420 -8.76 29.79 -7.94
CA VAL C 420 -9.93 30.18 -7.18
C VAL C 420 -11.12 30.14 -8.13
N THR C 421 -12.12 29.32 -7.80
CA THR C 421 -13.28 29.16 -8.67
C THR C 421 -14.34 28.35 -7.94
N GLN C 422 -15.59 28.66 -8.25
CA GLN C 422 -16.69 27.95 -7.64
C GLN C 422 -17.20 26.78 -8.47
N ASP C 423 -16.67 26.66 -9.69
CA ASP C 423 -17.11 25.64 -10.64
C ASP C 423 -16.40 24.31 -10.39
N LEU C 424 -17.18 23.25 -10.15
CA LEU C 424 -16.60 21.93 -9.90
C LEU C 424 -15.62 21.48 -11.00
N ALA C 425 -16.05 21.60 -12.25
CA ALA C 425 -15.25 21.10 -13.38
C ALA C 425 -13.99 21.91 -13.65
N ARG C 426 -14.13 23.23 -13.66
CA ARG C 426 -12.97 24.10 -13.83
C ARG C 426 -11.91 23.84 -12.75
N ALA C 427 -12.34 23.69 -11.50
CA ALA C 427 -11.39 23.55 -10.40
C ALA C 427 -10.44 22.40 -10.64
N HIS C 428 -11.00 21.21 -10.85
CA HIS C 428 -10.16 20.03 -11.03
C HIS C 428 -9.44 20.00 -12.36
N ARG C 429 -10.12 20.44 -13.42
CA ARG C 429 -9.55 20.44 -14.77
C ARG C 429 -8.30 21.33 -14.85
N ALA C 430 -8.42 22.54 -14.32
CA ALA C 430 -7.34 23.51 -14.29
C ALA C 430 -6.17 23.01 -13.45
N ILE C 431 -6.45 22.54 -12.24
CA ILE C 431 -5.41 22.00 -11.36
C ILE C 431 -4.64 20.83 -12.00
N HIS C 432 -5.36 19.94 -12.69
CA HIS C 432 -4.70 18.80 -13.35
C HIS C 432 -3.71 19.23 -14.46
N ARG C 433 -3.97 20.39 -15.04
CA ARG C 433 -3.11 20.93 -16.10
C ARG C 433 -1.91 21.77 -15.62
N LEU C 434 -1.89 22.13 -14.33
CA LEU C 434 -0.85 23.00 -13.79
C LEU C 434 0.35 22.17 -13.34
N GLU C 435 1.50 22.49 -13.88
CA GLU C 435 2.70 21.70 -13.63
C GLU C 435 3.41 22.12 -12.34
N ALA C 436 2.79 21.83 -11.20
CA ALA C 436 3.36 22.12 -9.90
C ALA C 436 3.10 20.95 -8.96
N GLY C 437 3.91 20.86 -7.91
CA GLY C 437 3.83 19.73 -7.00
C GLY C 437 2.82 19.96 -5.89
N ILE C 438 2.45 21.21 -5.72
CA ILE C 438 1.62 21.62 -4.59
C ILE C 438 0.50 22.49 -5.11
N CYS C 439 -0.72 21.97 -5.14
CA CYS C 439 -1.82 22.71 -5.73
C CYS C 439 -2.96 22.96 -4.75
N TRP C 440 -3.45 24.18 -4.75
CA TRP C 440 -4.50 24.55 -3.83
C TRP C 440 -5.73 24.95 -4.60
N ILE C 441 -6.89 24.51 -4.11
CA ILE C 441 -8.14 24.96 -4.69
C ILE C 441 -8.93 25.78 -3.69
N ASN C 442 -9.12 27.07 -4.01
CA ASN C 442 -9.88 27.98 -3.15
C ASN C 442 -9.24 28.18 -1.78
N THR C 443 -7.93 27.95 -1.72
CA THR C 443 -7.16 28.20 -0.53
C THR C 443 -5.70 28.45 -0.94
N TRP C 444 -4.84 28.69 0.03
CA TRP C 444 -3.41 28.84 -0.22
C TRP C 444 -2.67 28.67 1.08
N GLY C 445 -1.53 27.98 1.00
CA GLY C 445 -0.57 27.99 2.09
C GLY C 445 -0.58 26.81 3.02
N GLU C 446 -1.74 26.20 3.22
CA GLU C 446 -1.80 25.10 4.18
C GLU C 446 -0.96 23.91 3.68
N SER C 447 -0.24 23.27 4.60
CA SER C 447 0.71 22.22 4.27
C SER C 447 0.62 21.07 5.30
N PRO C 448 -0.49 20.31 5.27
CA PRO C 448 -0.74 19.23 6.22
C PRO C 448 0.44 18.27 6.34
N ALA C 449 0.70 17.81 7.55
CA ALA C 449 1.73 16.81 7.75
C ALA C 449 1.57 15.61 6.81
N GLU C 450 0.31 15.32 6.43
CA GLU C 450 -0.01 14.15 5.60
C GLU C 450 0.22 14.37 4.10
N MET C 451 0.33 15.63 3.70
CA MET C 451 0.44 16.01 2.30
C MET C 451 1.89 16.08 1.75
N PRO C 452 2.28 15.16 0.85
CA PRO C 452 3.63 15.28 0.29
C PRO C 452 3.78 16.63 -0.40
N VAL C 453 4.87 17.34 -0.12
CA VAL C 453 5.10 18.64 -0.73
C VAL C 453 6.52 18.72 -1.30
N GLY C 454 6.64 19.27 -2.50
CA GLY C 454 7.91 19.38 -3.19
C GLY C 454 7.63 19.89 -4.59
N GLY C 455 8.68 20.16 -5.36
CA GLY C 455 8.51 20.80 -6.65
C GLY C 455 8.62 19.93 -7.89
N TYR C 456 7.96 20.38 -8.95
CA TYR C 456 8.19 19.89 -10.30
C TYR C 456 9.37 20.64 -10.91
N LYS C 457 9.92 20.11 -11.99
CA LYS C 457 10.92 20.82 -12.78
C LYS C 457 12.10 21.29 -11.94
N GLN C 458 12.40 22.58 -12.01
CA GLN C 458 13.56 23.06 -11.28
C GLN C 458 13.25 23.51 -9.86
N SER C 459 12.04 23.24 -9.38
CA SER C 459 11.73 23.67 -8.02
CA SER C 459 11.77 23.59 -8.07
C SER C 459 12.06 22.61 -6.97
N GLY C 460 12.52 21.44 -7.42
CA GLY C 460 12.92 20.43 -6.47
C GLY C 460 13.06 19.01 -6.99
N VAL C 461 13.52 18.12 -6.12
CA VAL C 461 13.65 16.70 -6.38
C VAL C 461 13.22 16.04 -5.08
N GLY C 462 12.33 15.04 -5.15
CA GLY C 462 11.83 14.40 -3.95
C GLY C 462 10.75 15.24 -3.24
N ARG C 463 10.36 14.82 -2.05
CA ARG C 463 9.21 15.43 -1.38
C ARG C 463 9.45 15.51 0.12
N GLU C 464 8.72 16.38 0.81
CA GLU C 464 8.69 16.34 2.26
C GLU C 464 7.27 16.07 2.75
N ASN C 465 7.15 15.46 3.93
CA ASN C 465 5.86 15.11 4.54
C ASN C 465 5.13 13.93 3.83
N GLY C 466 4.01 13.49 4.40
CA GLY C 466 3.29 12.35 3.86
C GLY C 466 3.99 11.01 4.10
N LEU C 467 3.27 9.92 3.90
CA LEU C 467 3.82 8.57 4.03
C LEU C 467 5.00 8.32 3.11
N THR C 468 4.96 8.91 1.92
CA THR C 468 6.01 8.68 0.93
C THR C 468 7.37 9.14 1.43
N THR C 469 7.41 10.26 2.15
CA THR C 469 8.67 10.79 2.61
C THR C 469 9.35 9.88 3.62
N LEU C 470 8.58 9.24 4.50
CA LEU C 470 9.19 8.35 5.48
C LEU C 470 9.90 7.19 4.79
N ALA C 471 9.30 6.72 3.71
CA ALA C 471 9.83 5.59 2.97
C ALA C 471 11.16 5.93 2.28
N HIS C 472 11.32 7.18 1.88
CA HIS C 472 12.56 7.59 1.23
C HIS C 472 13.69 7.87 2.22
N TYR C 473 13.44 7.59 3.50
CA TYR C 473 14.52 7.62 4.46
C TYR C 473 14.99 6.20 4.86
N THR C 474 14.53 5.21 4.11
CA THR C 474 15.07 3.87 4.22
C THR C 474 15.60 3.42 2.86
N ARG C 475 16.36 2.34 2.86
CA ARG C 475 16.84 1.71 1.63
C ARG C 475 16.29 0.30 1.57
N ILE C 476 16.07 -0.18 0.35
CA ILE C 476 15.47 -1.48 0.16
C ILE C 476 16.50 -2.59 -0.04
N LYS C 477 16.40 -3.63 0.79
CA LYS C 477 17.17 -4.85 0.58
C LYS C 477 16.22 -6.00 0.24
N SER C 478 16.45 -6.67 -0.88
CA SER C 478 15.67 -7.87 -1.19
C SER C 478 16.45 -9.11 -0.80
N VAL C 479 15.74 -10.09 -0.25
CA VAL C 479 16.37 -11.33 0.19
C VAL C 479 15.62 -12.44 -0.53
N GLN C 480 16.28 -13.16 -1.43
CA GLN C 480 15.68 -14.36 -2.00
C GLN C 480 16.07 -15.59 -1.19
N VAL C 481 15.08 -16.27 -0.64
CA VAL C 481 15.31 -17.48 0.13
C VAL C 481 15.07 -18.70 -0.75
N GLU C 482 16.14 -19.44 -1.07
CA GLU C 482 16.02 -20.65 -1.87
C GLU C 482 15.95 -21.86 -0.94
N LEU C 483 14.86 -22.61 -1.04
CA LEU C 483 14.57 -23.71 -0.11
C LEU C 483 14.65 -25.06 -0.80
N GLY C 484 14.91 -25.04 -2.11
CA GLY C 484 15.00 -26.26 -2.90
C GLY C 484 16.38 -26.43 -3.51
N ASP C 485 16.47 -27.15 -4.62
CA ASP C 485 17.78 -27.41 -5.25
C ASP C 485 18.36 -26.17 -5.91
N TYR C 486 19.67 -26.19 -6.16
CA TYR C 486 20.29 -25.15 -6.97
C TYR C 486 20.84 -25.71 -8.29
N ALA C 487 20.55 -25.00 -9.37
CA ALA C 487 20.91 -25.46 -10.70
C ALA C 487 22.06 -24.66 -11.29
N SER C 488 23.08 -25.35 -11.80
CA SER C 488 24.21 -24.70 -12.46
C SER C 488 24.37 -25.20 -13.89
N VAL C 489 24.56 -24.29 -14.83
CA VAL C 489 24.76 -24.70 -16.22
C VAL C 489 26.17 -25.29 -16.39
N PHE C 490 26.98 -25.19 -15.34
CA PHE C 490 28.38 -25.62 -15.36
C PHE C 490 28.61 -26.96 -14.66
N ALA D 2 31.34 -5.30 -43.74
CA ALA D 2 30.44 -5.35 -42.59
C ALA D 2 29.37 -6.39 -42.86
N ARG D 3 29.06 -7.22 -41.87
CA ARG D 3 28.03 -8.22 -42.05
C ARG D 3 26.67 -7.61 -42.44
N PHE D 4 26.25 -6.57 -41.73
CA PHE D 4 24.95 -5.94 -42.00
C PHE D 4 25.11 -4.59 -42.68
N GLU D 5 24.01 -4.04 -43.17
CA GLU D 5 24.06 -2.69 -43.74
C GLU D 5 24.14 -1.63 -42.63
N GLU D 6 24.43 -0.39 -43.02
CA GLU D 6 24.64 0.67 -42.05
C GLU D 6 23.41 0.90 -41.18
N GLN D 7 23.62 0.96 -39.86
CA GLN D 7 22.52 1.15 -38.92
C GLN D 7 22.19 2.64 -38.70
N LYS D 8 20.90 2.98 -38.81
CA LYS D 8 20.45 4.36 -38.66
C LYS D 8 19.88 4.67 -37.26
N LEU D 9 19.58 5.94 -37.01
CA LEU D 9 18.95 6.35 -35.76
C LEU D 9 17.49 5.94 -35.87
N TYR D 10 16.87 5.74 -34.72
CA TYR D 10 15.45 5.44 -34.70
C TYR D 10 14.68 6.56 -33.97
N ILE D 11 14.01 7.41 -34.74
CA ILE D 11 13.26 8.53 -34.20
C ILE D 11 11.86 8.61 -34.83
N GLY D 12 10.83 8.68 -33.97
CA GLY D 12 9.46 8.84 -34.42
C GLY D 12 8.90 7.66 -35.22
N GLY D 13 9.12 6.44 -34.74
CA GLY D 13 8.56 5.25 -35.35
C GLY D 13 9.18 4.78 -36.66
N ARG D 14 10.36 5.27 -36.99
CA ARG D 14 11.11 4.83 -38.17
CA ARG D 14 11.14 4.86 -38.14
C ARG D 14 12.61 5.13 -38.04
N TYR D 15 13.37 4.63 -38.99
CA TYR D 15 14.77 4.97 -39.07
C TYR D 15 14.91 6.29 -39.79
N VAL D 16 15.81 7.13 -39.29
CA VAL D 16 16.12 8.38 -39.97
C VAL D 16 17.64 8.55 -40.00
N GLU D 17 18.12 9.32 -40.97
CA GLU D 17 19.54 9.62 -41.13
C GLU D 17 20.05 10.56 -40.05
N ALA D 18 21.08 10.12 -39.33
CA ALA D 18 21.83 11.00 -38.43
C ALA D 18 22.36 12.21 -39.19
N SER D 19 22.72 13.26 -38.47
CA SER D 19 23.26 14.45 -39.11
C SER D 19 24.64 14.82 -38.57
N SER D 20 25.47 13.81 -38.30
CA SER D 20 26.81 14.03 -37.76
C SER D 20 27.89 13.88 -38.83
N GLY D 21 27.60 13.09 -39.86
CA GLY D 21 28.62 12.72 -40.83
C GLY D 21 29.58 11.69 -40.27
N ALA D 22 29.21 11.04 -39.18
CA ALA D 22 30.09 10.11 -38.51
C ALA D 22 29.48 8.73 -38.29
N THR D 23 30.31 7.70 -38.29
CA THR D 23 29.86 6.35 -38.02
C THR D 23 30.90 5.68 -37.14
N PHE D 24 30.47 4.67 -36.39
CA PHE D 24 31.37 3.80 -35.66
C PHE D 24 31.08 2.36 -36.03
N GLU D 25 31.99 1.46 -35.70
CA GLU D 25 31.79 0.05 -36.01
C GLU D 25 31.41 -0.74 -34.75
N THR D 26 30.60 -1.78 -34.92
CA THR D 26 30.42 -2.75 -33.86
C THR D 26 31.04 -4.07 -34.33
N ILE D 27 31.73 -4.76 -33.43
CA ILE D 27 32.55 -5.92 -33.80
C ILE D 27 32.09 -7.23 -33.18
N ASN D 28 32.02 -8.31 -33.95
CA ASN D 28 31.81 -9.61 -33.31
C ASN D 28 33.05 -9.99 -32.47
N PRO D 29 32.93 -10.01 -31.14
CA PRO D 29 34.10 -10.27 -30.29
C PRO D 29 34.56 -11.73 -30.40
N ALA D 30 33.77 -12.57 -31.05
CA ALA D 30 34.16 -13.97 -31.22
C ALA D 30 35.21 -14.19 -32.33
N ASN D 31 35.26 -13.27 -33.30
CA ASN D 31 36.07 -13.48 -34.49
C ASN D 31 36.59 -12.19 -35.12
N GLY D 32 36.30 -11.06 -34.49
CA GLY D 32 36.76 -9.77 -34.96
C GLY D 32 36.09 -9.23 -36.21
N GLU D 33 35.03 -9.87 -36.66
CA GLU D 33 34.26 -9.44 -37.79
C GLU D 33 33.60 -8.10 -37.55
N VAL D 34 33.58 -7.20 -38.50
CA VAL D 34 32.78 -6.00 -38.37
C VAL D 34 31.30 -6.33 -38.67
N LEU D 35 30.48 -6.33 -37.63
CA LEU D 35 29.04 -6.59 -37.78
C LEU D 35 28.36 -5.50 -38.58
N ALA D 36 28.67 -4.25 -38.26
CA ALA D 36 28.02 -3.13 -38.92
C ALA D 36 28.69 -1.80 -38.64
N LYS D 37 28.61 -0.90 -39.61
CA LYS D 37 28.81 0.51 -39.35
C LYS D 37 27.51 1.09 -38.77
N VAL D 38 27.64 2.05 -37.87
CA VAL D 38 26.50 2.59 -37.17
C VAL D 38 26.63 4.10 -37.09
N GLN D 39 25.61 4.81 -37.55
CA GLN D 39 25.62 6.26 -37.50
C GLN D 39 25.64 6.77 -36.06
N ARG D 40 26.33 7.88 -35.84
CA ARG D 40 26.31 8.53 -34.54
C ARG D 40 25.44 9.77 -34.56
N ALA D 41 24.57 9.90 -33.57
CA ALA D 41 23.74 11.07 -33.48
C ALA D 41 24.54 12.34 -33.27
N SER D 42 24.20 13.39 -34.01
CA SER D 42 24.65 14.72 -33.71
C SER D 42 23.86 15.31 -32.56
N ARG D 43 24.35 16.42 -32.01
CA ARG D 43 23.63 17.16 -30.98
C ARG D 43 22.24 17.56 -31.47
N GLU D 44 22.16 17.92 -32.75
CA GLU D 44 20.92 18.35 -33.34
C GLU D 44 19.97 17.16 -33.45
N ASP D 45 20.53 15.96 -33.58
CA ASP D 45 19.75 14.73 -33.60
C ASP D 45 19.19 14.44 -32.21
N VAL D 46 19.96 14.75 -31.17
CA VAL D 46 19.46 14.59 -29.82
C VAL D 46 18.25 15.50 -29.65
N GLU D 47 18.41 16.75 -30.04
CA GLU D 47 17.31 17.70 -29.96
C GLU D 47 16.07 17.15 -30.67
N ARG D 48 16.29 16.49 -31.80
CA ARG D 48 15.16 16.02 -32.61
C ARG D 48 14.50 14.85 -31.92
N ALA D 49 15.31 14.00 -31.30
CA ALA D 49 14.77 12.88 -30.56
C ALA D 49 13.96 13.42 -29.39
N VAL D 50 14.42 14.53 -28.80
CA VAL D 50 13.72 15.11 -27.67
C VAL D 50 12.33 15.64 -28.05
N GLN D 51 12.23 16.39 -29.14
CA GLN D 51 10.95 16.95 -29.56
C GLN D 51 9.97 15.83 -29.95
N SER D 52 10.46 14.84 -30.67
CA SER D 52 9.69 13.64 -30.98
C SER D 52 9.09 12.98 -29.73
N ALA D 53 9.92 12.75 -28.71
CA ALA D 53 9.48 12.16 -27.46
C ALA D 53 8.45 13.03 -26.75
N VAL D 54 8.64 14.35 -26.78
CA VAL D 54 7.68 15.26 -26.17
C VAL D 54 6.27 15.11 -26.79
N GLU D 55 6.19 15.06 -28.11
CA GLU D 55 4.90 14.93 -28.77
C GLU D 55 4.35 13.52 -28.66
N GLY D 56 5.23 12.53 -28.79
CA GLY D 56 4.85 11.15 -28.59
C GLY D 56 4.27 10.89 -27.22
N GLN D 57 4.97 11.36 -26.19
CA GLN D 57 4.52 11.17 -24.82
C GLN D 57 3.10 11.69 -24.57
N LYS D 58 2.72 12.78 -25.24
CA LYS D 58 1.37 13.29 -25.07
C LYS D 58 0.34 12.27 -25.53
N VAL D 59 0.57 11.71 -26.73
CA VAL D 59 -0.32 10.71 -27.30
C VAL D 59 -0.39 9.49 -26.38
N TRP D 60 0.77 8.99 -25.96
CA TRP D 60 0.83 7.83 -25.08
C TRP D 60 0.06 8.07 -23.78
N ALA D 61 0.25 9.26 -23.21
CA ALA D 61 -0.39 9.61 -21.95
C ALA D 61 -1.90 9.89 -22.08
N ALA D 62 -2.35 10.32 -23.27
CA ALA D 62 -3.77 10.59 -23.49
C ALA D 62 -4.59 9.31 -23.56
N MET D 63 -3.93 8.17 -23.78
CA MET D 63 -4.64 6.90 -23.77
C MET D 63 -5.14 6.54 -22.37
N THR D 64 -6.06 5.58 -22.29
CA THR D 64 -6.43 5.00 -21.02
C THR D 64 -5.34 4.04 -20.53
N ALA D 65 -5.34 3.75 -19.23
CA ALA D 65 -4.38 2.80 -18.68
C ALA D 65 -4.43 1.45 -19.42
N MET D 66 -5.62 0.86 -19.55
CA MET D 66 -5.70 -0.45 -20.19
C MET D 66 -5.22 -0.40 -21.65
N GLN D 67 -5.40 0.74 -22.30
CA GLN D 67 -4.88 0.92 -23.66
C GLN D 67 -3.36 0.79 -23.73
N ARG D 68 -2.66 1.45 -22.80
CA ARG D 68 -1.23 1.32 -22.71
C ARG D 68 -0.90 -0.15 -22.36
N SER D 69 -1.61 -0.70 -21.38
CA SER D 69 -1.37 -2.08 -20.99
CA SER D 69 -1.33 -2.16 -21.04
C SER D 69 -1.37 -3.08 -22.19
N ARG D 70 -2.39 -2.98 -23.05
CA ARG D 70 -2.54 -3.90 -24.18
C ARG D 70 -1.44 -3.72 -25.20
N ILE D 71 -0.98 -2.49 -25.37
CA ILE D 71 0.09 -2.26 -26.33
C ILE D 71 1.39 -2.89 -25.80
N LEU D 72 1.68 -2.69 -24.53
CA LEU D 72 2.88 -3.29 -23.96
C LEU D 72 2.81 -4.83 -23.96
N ARG D 73 1.59 -5.36 -23.85
CA ARG D 73 1.40 -6.82 -23.85
C ARG D 73 1.61 -7.38 -25.27
N ARG D 74 1.22 -6.60 -26.28
CA ARG D 74 1.47 -6.99 -27.66
C ARG D 74 2.98 -6.99 -27.95
N ALA D 75 3.71 -6.00 -27.42
CA ALA D 75 5.17 -6.00 -27.57
C ALA D 75 5.73 -7.25 -26.90
N VAL D 76 5.22 -7.58 -25.72
CA VAL D 76 5.64 -8.81 -25.06
C VAL D 76 5.40 -10.04 -25.94
N ASP D 77 4.27 -10.10 -26.63
CA ASP D 77 3.99 -11.26 -27.49
C ASP D 77 4.97 -11.35 -28.67
N ILE D 78 5.26 -10.18 -29.27
CA ILE D 78 6.18 -10.15 -30.39
C ILE D 78 7.57 -10.60 -29.93
N LEU D 79 7.96 -10.19 -28.73
CA LEU D 79 9.27 -10.57 -28.21
C LEU D 79 9.37 -12.07 -28.00
N ARG D 80 8.29 -12.68 -27.52
CA ARG D 80 8.29 -14.12 -27.36
C ARG D 80 8.41 -14.81 -28.74
N GLU D 81 7.72 -14.29 -29.75
CA GLU D 81 7.83 -14.85 -31.10
C GLU D 81 9.26 -14.77 -31.58
N ARG D 82 9.90 -13.64 -31.34
CA ARG D 82 11.21 -13.39 -31.94
C ARG D 82 12.36 -13.71 -31.03
N ASN D 83 12.09 -14.45 -29.97
CA ASN D 83 13.10 -14.76 -28.97
C ASN D 83 14.40 -15.28 -29.56
N ASP D 84 14.32 -16.34 -30.35
CA ASP D 84 15.52 -16.98 -30.91
C ASP D 84 16.28 -16.07 -31.86
N GLU D 85 15.53 -15.41 -32.74
CA GLU D 85 16.09 -14.49 -33.71
C GLU D 85 16.87 -13.38 -33.00
N LEU D 86 16.25 -12.76 -32.00
CA LEU D 86 16.89 -11.70 -31.22
C LEU D 86 18.07 -12.24 -30.43
N ALA D 87 17.95 -13.45 -29.89
CA ALA D 87 19.05 -14.10 -29.20
C ALA D 87 20.28 -14.28 -30.11
N ALA D 88 20.03 -14.69 -31.36
CA ALA D 88 21.12 -14.87 -32.33
C ALA D 88 21.87 -13.55 -32.51
N LEU D 89 21.11 -12.48 -32.72
CA LEU D 89 21.70 -11.17 -32.93
C LEU D 89 22.47 -10.67 -31.69
N GLU D 90 21.90 -10.87 -30.51
CA GLU D 90 22.60 -10.48 -29.29
C GLU D 90 23.88 -11.31 -29.12
N THR D 91 23.84 -12.56 -29.57
CA THR D 91 25.01 -13.42 -29.50
C THR D 91 26.15 -12.89 -30.37
N LEU D 92 25.82 -12.54 -31.61
CA LEU D 92 26.75 -11.86 -32.50
C LEU D 92 27.36 -10.62 -31.85
N ASP D 93 26.52 -9.80 -31.23
CA ASP D 93 26.94 -8.49 -30.73
C ASP D 93 27.66 -8.60 -29.39
N THR D 94 27.40 -9.64 -28.62
CA THR D 94 28.02 -9.65 -27.30
C THR D 94 29.00 -10.79 -27.13
N GLY D 95 28.95 -11.77 -28.03
CA GLY D 95 29.77 -12.94 -27.87
C GLY D 95 29.25 -13.89 -26.81
N LYS D 96 28.18 -13.52 -26.12
CA LYS D 96 27.57 -14.43 -25.15
C LYS D 96 27.01 -15.66 -25.84
N PRO D 97 27.14 -16.82 -25.20
CA PRO D 97 26.70 -18.08 -25.81
C PRO D 97 25.21 -18.08 -26.17
N LEU D 98 24.88 -18.66 -27.32
CA LEU D 98 23.51 -18.79 -27.76
C LEU D 98 22.69 -19.47 -26.66
N ALA D 99 23.32 -20.40 -25.94
CA ALA D 99 22.63 -21.10 -24.87
C ALA D 99 22.20 -20.16 -23.76
N GLU D 100 22.85 -19.00 -23.70
CA GLU D 100 22.45 -17.97 -22.75
C GLU D 100 21.42 -17.02 -23.37
N THR D 101 21.72 -16.50 -24.55
CA THR D 101 20.87 -15.46 -25.08
C THR D 101 19.48 -16.00 -25.37
N ARG D 102 19.39 -17.32 -25.63
CA ARG D 102 18.11 -17.93 -26.02
C ARG D 102 17.19 -18.17 -24.84
N SER D 103 17.77 -18.32 -23.66
CA SER D 103 17.01 -18.71 -22.49
C SER D 103 16.98 -17.64 -21.40
N VAL D 104 17.84 -16.63 -21.52
CA VAL D 104 17.93 -15.62 -20.47
C VAL D 104 17.57 -14.19 -20.93
N ASP D 105 18.36 -13.66 -21.86
CA ASP D 105 18.28 -12.25 -22.24
C ASP D 105 16.88 -11.71 -22.60
N ILE D 106 16.28 -12.25 -23.66
CA ILE D 106 14.98 -11.80 -24.09
C ILE D 106 13.89 -12.33 -23.15
N VAL D 107 14.05 -13.56 -22.67
CA VAL D 107 13.07 -14.14 -21.77
C VAL D 107 12.82 -13.25 -20.56
N THR D 108 13.90 -12.89 -19.86
CA THR D 108 13.78 -12.10 -18.64
C THR D 108 13.58 -10.63 -18.95
N GLY D 109 13.99 -10.22 -20.15
CA GLY D 109 13.75 -8.88 -20.61
C GLY D 109 12.24 -8.71 -20.75
N ALA D 110 11.63 -9.62 -21.51
CA ALA D 110 10.18 -9.61 -21.69
C ALA D 110 9.44 -9.89 -20.37
N ASP D 111 10.04 -10.68 -19.49
CA ASP D 111 9.39 -10.95 -18.21
C ASP D 111 9.02 -9.65 -17.51
N VAL D 112 9.96 -8.73 -17.51
CA VAL D 112 9.77 -7.48 -16.81
C VAL D 112 8.77 -6.57 -17.53
N LEU D 113 8.83 -6.52 -18.85
CA LEU D 113 7.89 -5.73 -19.62
C LEU D 113 6.47 -6.29 -19.42
N GLU D 114 6.36 -7.60 -19.39
CA GLU D 114 5.07 -8.25 -19.17
C GLU D 114 4.51 -7.86 -17.81
N TYR D 115 5.35 -7.95 -16.79
CA TYR D 115 4.99 -7.61 -15.42
C TYR D 115 4.47 -6.18 -15.33
N TYR D 116 5.26 -5.22 -15.84
CA TYR D 116 4.83 -3.83 -15.84
C TYR D 116 3.58 -3.58 -16.70
N ALA D 117 3.46 -4.30 -17.82
CA ALA D 117 2.28 -4.19 -18.66
C ALA D 117 1.01 -4.37 -17.83
N GLY D 118 1.01 -5.38 -16.98
CA GLY D 118 -0.17 -5.69 -16.20
C GLY D 118 -0.42 -4.72 -15.06
N LEU D 119 0.58 -3.91 -14.71
CA LEU D 119 0.43 -3.02 -13.58
C LEU D 119 -0.01 -1.62 -13.99
N VAL D 120 -0.10 -1.37 -15.29
CA VAL D 120 -0.41 0.00 -15.71
C VAL D 120 -1.68 0.57 -15.02
N PRO D 121 -2.77 -0.22 -14.93
CA PRO D 121 -4.01 0.29 -14.31
C PRO D 121 -3.96 0.34 -12.78
N ALA D 122 -2.88 -0.16 -12.18
CA ALA D 122 -2.75 -0.11 -10.72
C ALA D 122 -2.03 1.14 -10.17
N ILE D 123 -1.49 1.98 -11.05
CA ILE D 123 -0.85 3.20 -10.57
C ILE D 123 -1.90 4.17 -10.00
N GLU D 124 -1.88 4.39 -8.70
CA GLU D 124 -2.87 5.23 -8.05
C GLU D 124 -2.26 6.29 -7.16
N GLY D 125 -2.99 7.38 -6.97
CA GLY D 125 -2.65 8.31 -5.91
C GLY D 125 -3.32 7.98 -4.59
N GLU D 126 -3.27 8.92 -3.66
CA GLU D 126 -3.85 8.80 -2.32
C GLU D 126 -4.96 9.82 -2.14
N GLN D 127 -5.80 9.60 -1.14
CA GLN D 127 -6.77 10.62 -0.71
C GLN D 127 -6.68 10.71 0.80
N ILE D 128 -6.74 11.94 1.33
CA ILE D 128 -6.55 12.17 2.76
C ILE D 128 -7.53 13.23 3.25
N PRO D 129 -8.44 12.85 4.15
CA PRO D 129 -9.36 13.86 4.70
C PRO D 129 -8.63 14.70 5.73
N LEU D 130 -8.78 16.03 5.67
CA LEU D 130 -8.18 16.91 6.67
C LEU D 130 -9.22 17.23 7.73
N ARG D 131 -10.46 17.38 7.28
CA ARG D 131 -11.55 17.81 8.12
C ARG D 131 -12.76 17.90 7.22
N GLU D 132 -13.93 18.11 7.81
CA GLU D 132 -15.12 18.04 7.01
C GLU D 132 -15.09 18.98 5.79
N THR D 133 -14.45 20.14 5.91
CA THR D 133 -14.52 21.11 4.82
C THR D 133 -13.31 21.08 3.90
N SER D 134 -12.46 20.08 4.05
CA SER D 134 -11.26 20.02 3.22
C SER D 134 -10.64 18.64 3.17
N PHE D 135 -10.19 18.26 1.98
CA PHE D 135 -9.46 17.02 1.83
C PHE D 135 -8.35 17.19 0.80
N VAL D 136 -7.40 16.30 0.78
CA VAL D 136 -6.43 16.29 -0.28
C VAL D 136 -6.41 14.98 -1.05
N TYR D 137 -6.11 15.06 -2.33
CA TYR D 137 -5.79 13.86 -3.09
C TYR D 137 -4.53 14.06 -3.91
N THR D 138 -3.81 12.98 -4.13
CA THR D 138 -2.63 13.06 -4.96
C THR D 138 -2.87 12.42 -6.31
N ARG D 139 -2.20 12.96 -7.31
CA ARG D 139 -2.09 12.36 -8.62
C ARG D 139 -0.68 11.86 -8.82
N ARG D 140 -0.56 10.73 -9.53
CA ARG D 140 0.73 10.27 -9.99
C ARG D 140 0.84 10.54 -11.47
N GLU D 141 1.49 11.64 -11.80
CA GLU D 141 1.63 12.08 -13.19
C GLU D 141 2.95 11.60 -13.79
N PRO D 142 2.94 11.36 -15.11
CA PRO D 142 4.19 10.97 -15.79
C PRO D 142 5.26 12.06 -15.66
N LEU D 143 6.53 11.66 -15.58
CA LEU D 143 7.63 12.62 -15.63
C LEU D 143 7.64 13.38 -16.95
N GLY D 144 7.35 12.69 -18.05
CA GLY D 144 7.46 13.29 -19.36
C GLY D 144 8.45 12.51 -20.22
N VAL D 145 9.56 13.14 -20.56
CA VAL D 145 10.57 12.48 -21.36
C VAL D 145 11.73 12.03 -20.46
N VAL D 146 12.05 10.75 -20.49
CA VAL D 146 13.16 10.24 -19.71
C VAL D 146 14.24 9.67 -20.63
N ALA D 147 15.44 9.47 -20.10
CA ALA D 147 16.54 8.93 -20.89
C ALA D 147 17.11 7.67 -20.26
N GLY D 148 17.28 6.64 -21.08
CA GLY D 148 17.91 5.42 -20.64
C GLY D 148 19.28 5.28 -21.27
N ILE D 149 20.25 4.88 -20.46
CA ILE D 149 21.60 4.65 -20.94
C ILE D 149 21.99 3.23 -20.58
N GLY D 150 22.10 2.38 -21.60
CA GLY D 150 22.31 0.96 -21.37
C GLY D 150 23.77 0.57 -21.26
N ALA D 151 24.02 -0.67 -20.83
CA ALA D 151 25.36 -1.22 -20.79
C ALA D 151 25.51 -2.33 -21.84
N TRP D 152 26.72 -2.86 -22.02
CA TRP D 152 26.99 -3.81 -23.11
C TRP D 152 26.86 -5.29 -22.76
N ASN D 153 26.70 -5.61 -21.48
CA ASN D 153 26.67 -7.02 -21.06
C ASN D 153 25.32 -7.74 -21.25
N TYR D 154 24.22 -6.98 -21.17
CA TYR D 154 22.88 -7.50 -21.45
C TYR D 154 22.10 -6.42 -22.15
N PRO D 155 22.42 -6.16 -23.43
CA PRO D 155 21.95 -4.95 -24.11
C PRO D 155 20.43 -4.85 -24.22
N VAL D 156 19.78 -5.88 -24.75
CA VAL D 156 18.34 -5.80 -24.99
C VAL D 156 17.58 -5.96 -23.70
N GLN D 157 18.10 -6.79 -22.80
CA GLN D 157 17.48 -7.02 -21.48
C GLN D 157 17.47 -5.74 -20.67
N ILE D 158 18.56 -4.98 -20.72
CA ILE D 158 18.61 -3.72 -19.96
C ILE D 158 17.72 -2.67 -20.60
N ALA D 159 17.71 -2.64 -21.93
CA ALA D 159 16.81 -1.74 -22.65
C ALA D 159 15.36 -2.05 -22.26
N LEU D 160 15.06 -3.34 -22.05
CA LEU D 160 13.70 -3.71 -21.67
C LEU D 160 13.42 -3.30 -20.24
N TRP D 161 14.36 -3.60 -19.34
CA TRP D 161 14.19 -3.30 -17.90
C TRP D 161 14.10 -1.82 -17.63
N LYS D 162 14.60 -1.00 -18.55
CA LYS D 162 14.55 0.42 -18.35
C LYS D 162 13.29 1.03 -18.98
N SER D 163 13.01 0.67 -20.22
CA SER D 163 11.86 1.22 -20.93
C SER D 163 10.52 0.69 -20.37
N ALA D 164 10.52 -0.50 -19.78
CA ALA D 164 9.24 -1.06 -19.34
C ALA D 164 8.59 -0.24 -18.22
N PRO D 165 9.33 0.06 -17.13
CA PRO D 165 8.61 0.85 -16.12
C PRO D 165 8.36 2.28 -16.62
N ALA D 166 9.24 2.79 -17.47
CA ALA D 166 9.13 4.15 -17.94
C ALA D 166 7.87 4.31 -18.76
N LEU D 167 7.69 3.41 -19.71
CA LEU D 167 6.57 3.47 -20.62
C LEU D 167 5.28 3.15 -19.87
N ALA D 168 5.39 2.21 -18.94
CA ALA D 168 4.23 1.77 -18.17
C ALA D 168 3.68 2.90 -17.29
N ALA D 169 4.57 3.77 -16.81
CA ALA D 169 4.14 4.93 -16.03
C ALA D 169 3.77 6.10 -16.94
N GLY D 170 3.66 5.84 -18.24
CA GLY D 170 3.21 6.85 -19.19
C GLY D 170 4.25 7.83 -19.71
N ASN D 171 5.53 7.51 -19.57
CA ASN D 171 6.59 8.38 -20.14
C ASN D 171 7.03 7.96 -21.55
N ALA D 172 7.79 8.82 -22.21
CA ALA D 172 8.54 8.43 -23.40
C ALA D 172 9.98 8.27 -22.96
N MET D 173 10.71 7.35 -23.59
CA MET D 173 12.11 7.17 -23.29
C MET D 173 12.95 7.32 -24.55
N ILE D 174 14.04 8.07 -24.43
CA ILE D 174 15.08 8.07 -25.46
C ILE D 174 16.17 7.17 -24.90
N PHE D 175 16.51 6.14 -25.65
CA PHE D 175 17.47 5.15 -25.17
C PHE D 175 18.78 5.19 -25.98
N LYS D 176 19.90 5.11 -25.28
CA LYS D 176 21.24 4.99 -25.90
C LYS D 176 21.90 3.69 -25.49
N PRO D 177 22.01 2.74 -26.42
CA PRO D 177 22.72 1.49 -26.12
C PRO D 177 24.21 1.81 -26.06
N SER D 178 25.00 0.96 -25.41
CA SER D 178 26.45 1.11 -25.50
C SER D 178 26.88 1.05 -26.97
N GLU D 179 27.87 1.88 -27.32
CA GLU D 179 28.47 1.83 -28.65
C GLU D 179 29.01 0.43 -28.90
N VAL D 180 29.41 -0.24 -27.83
CA VAL D 180 29.86 -1.63 -27.97
C VAL D 180 28.73 -2.52 -28.47
N THR D 181 27.51 -2.38 -27.98
CA THR D 181 26.45 -3.30 -28.42
C THR D 181 25.18 -2.58 -28.83
N PRO D 182 25.18 -1.99 -30.03
CA PRO D 182 24.08 -1.10 -30.43
C PRO D 182 22.93 -1.79 -31.14
N LEU D 183 23.07 -3.06 -31.46
CA LEU D 183 22.22 -3.65 -32.48
C LEU D 183 20.78 -4.00 -32.02
N THR D 184 20.65 -4.67 -30.88
CA THR D 184 19.33 -5.14 -30.46
C THR D 184 18.37 -4.02 -30.03
N ALA D 185 18.90 -2.95 -29.46
CA ALA D 185 18.07 -1.82 -29.05
C ALA D 185 17.29 -1.27 -30.23
N LEU D 186 17.91 -1.24 -31.40
CA LEU D 186 17.21 -0.78 -32.60
C LEU D 186 16.07 -1.76 -32.95
N LYS D 187 16.32 -3.04 -32.72
CA LYS D 187 15.32 -4.06 -32.97
C LYS D 187 14.13 -3.91 -32.03
N LEU D 188 14.40 -3.63 -30.76
CA LEU D 188 13.33 -3.39 -29.79
C LEU D 188 12.47 -2.18 -30.18
N ALA D 189 13.11 -1.15 -30.72
CA ALA D 189 12.38 0.04 -31.14
C ALA D 189 11.37 -0.29 -32.23
N GLU D 190 11.80 -1.11 -33.20
CA GLU D 190 10.92 -1.55 -34.29
C GLU D 190 9.74 -2.32 -33.69
N ILE D 191 10.05 -3.22 -32.76
CA ILE D 191 9.04 -4.03 -32.13
C ILE D 191 8.00 -3.17 -31.42
N TYR D 192 8.45 -2.23 -30.58
CA TYR D 192 7.50 -1.32 -29.92
C TYR D 192 6.55 -0.68 -30.93
N THR D 193 7.11 -0.16 -32.02
CA THR D 193 6.32 0.46 -33.08
C THR D 193 5.29 -0.52 -33.62
N GLU D 194 5.72 -1.76 -33.82
CA GLU D 194 4.87 -2.78 -34.38
C GLU D 194 3.75 -3.17 -33.42
N ALA D 195 4.03 -3.08 -32.12
CA ALA D 195 3.06 -3.42 -31.08
C ALA D 195 2.01 -2.35 -30.90
N GLY D 196 2.27 -1.14 -31.40
CA GLY D 196 1.33 -0.03 -31.24
C GLY D 196 1.86 1.13 -30.40
N VAL D 197 3.10 1.04 -29.92
CA VAL D 197 3.68 2.18 -29.20
C VAL D 197 3.75 3.37 -30.15
N PRO D 198 3.18 4.51 -29.74
CA PRO D 198 3.11 5.69 -30.62
C PRO D 198 4.49 6.21 -31.01
N ASP D 199 4.57 6.88 -32.15
CA ASP D 199 5.83 7.40 -32.64
C ASP D 199 6.43 8.35 -31.60
N GLY D 200 7.72 8.18 -31.33
CA GLY D 200 8.43 9.07 -30.43
C GLY D 200 8.52 8.57 -29.00
N VAL D 201 7.76 7.54 -28.66
CA VAL D 201 7.68 7.11 -27.27
C VAL D 201 8.90 6.25 -26.89
N PHE D 202 9.46 5.56 -27.87
CA PHE D 202 10.74 4.91 -27.67
C PHE D 202 11.62 5.18 -28.86
N ASN D 203 12.49 6.17 -28.71
CA ASN D 203 13.46 6.56 -29.72
C ASN D 203 14.83 6.01 -29.35
N VAL D 204 15.59 5.54 -30.33
CA VAL D 204 16.95 5.07 -30.04
C VAL D 204 18.02 5.93 -30.73
N LEU D 205 19.02 6.34 -29.95
CA LEU D 205 20.11 7.17 -30.45
C LEU D 205 21.43 6.41 -30.25
N THR D 206 22.16 6.18 -31.33
CA THR D 206 23.43 5.47 -31.24
C THR D 206 24.59 6.46 -31.21
N GLY D 207 25.64 6.09 -30.48
CA GLY D 207 26.78 6.95 -30.23
C GLY D 207 27.45 6.44 -28.99
N SER D 208 28.27 7.27 -28.35
CA SER D 208 28.95 6.81 -27.14
C SER D 208 28.74 7.78 -26.00
N GLY D 209 29.30 7.46 -24.84
CA GLY D 209 29.26 8.35 -23.70
C GLY D 209 30.10 9.60 -23.90
N ARG D 210 30.90 9.63 -24.97
CA ARG D 210 31.77 10.78 -25.22
C ARG D 210 31.03 11.92 -25.92
N GLU D 211 29.83 11.61 -26.42
CA GLU D 211 29.07 12.57 -27.20
C GLU D 211 27.57 12.52 -26.89
N VAL D 212 26.88 11.50 -27.40
CA VAL D 212 25.43 11.44 -27.23
C VAL D 212 25.00 11.18 -25.79
N GLY D 213 25.68 10.27 -25.10
CA GLY D 213 25.38 10.01 -23.69
C GLY D 213 25.37 11.30 -22.87
N GLN D 214 26.35 12.13 -23.12
CA GLN D 214 26.61 13.39 -22.48
C GLN D 214 25.58 14.45 -22.85
N TRP D 215 25.15 14.47 -24.09
CA TRP D 215 24.13 15.40 -24.53
C TRP D 215 22.77 15.08 -23.89
N LEU D 216 22.54 13.81 -23.60
CA LEU D 216 21.27 13.37 -23.01
C LEU D 216 21.16 13.72 -21.55
N THR D 217 22.21 13.40 -20.78
CA THR D 217 22.24 13.74 -19.36
C THR D 217 22.12 15.24 -19.11
N GLU D 218 22.58 16.05 -20.06
CA GLU D 218 22.55 17.51 -19.95
C GLU D 218 21.23 18.13 -20.44
N HIS D 219 20.52 17.43 -21.32
CA HIS D 219 19.37 18.09 -21.94
C HIS D 219 18.37 18.62 -20.90
N PRO D 220 18.02 19.90 -21.02
CA PRO D 220 17.10 20.63 -20.13
C PRO D 220 15.71 19.98 -20.12
N LEU D 221 15.26 19.44 -21.26
CA LEU D 221 13.89 18.93 -21.34
C LEU D 221 13.74 17.47 -20.96
N ILE D 222 14.83 16.83 -20.57
CA ILE D 222 14.79 15.44 -20.13
C ILE D 222 14.63 15.42 -18.62
N GLU D 223 13.63 14.66 -18.14
CA GLU D 223 13.20 14.76 -16.74
C GLU D 223 13.86 13.74 -15.86
N LYS D 224 14.38 12.67 -16.44
CA LYS D 224 14.99 11.62 -15.65
C LYS D 224 16.05 10.87 -16.45
N ILE D 225 17.08 10.38 -15.76
CA ILE D 225 18.09 9.55 -16.39
C ILE D 225 18.09 8.22 -15.68
N SER D 226 18.07 7.14 -16.44
CA SER D 226 18.28 5.84 -15.85
C SER D 226 19.52 5.23 -16.48
N PHE D 227 20.45 4.82 -15.64
CA PHE D 227 21.81 4.54 -16.07
C PHE D 227 22.28 3.21 -15.49
N THR D 228 22.89 2.40 -16.35
CA THR D 228 23.58 1.20 -15.93
C THR D 228 25.00 1.27 -16.48
N GLY D 229 25.98 1.03 -15.61
CA GLY D 229 27.39 1.14 -15.98
C GLY D 229 28.28 1.20 -14.76
N GLY D 230 29.55 1.55 -14.97
CA GLY D 230 30.51 1.60 -13.88
C GLY D 230 30.29 2.72 -12.88
N THR D 231 30.63 2.46 -11.61
CA THR D 231 30.47 3.45 -10.54
C THR D 231 31.15 4.77 -10.92
N SER D 232 32.33 4.65 -11.54
CA SER D 232 33.10 5.84 -11.90
C SER D 232 32.36 6.70 -12.92
N THR D 233 31.80 6.07 -13.95
CA THR D 233 31.01 6.79 -14.95
C THR D 233 29.72 7.34 -14.34
N GLY D 234 29.10 6.55 -13.48
CA GLY D 234 27.90 6.97 -12.76
C GLY D 234 28.05 8.29 -12.04
N LYS D 235 29.20 8.47 -11.39
CA LYS D 235 29.45 9.71 -10.67
C LYS D 235 29.43 10.92 -11.59
N LYS D 236 30.03 10.79 -12.78
CA LYS D 236 29.99 11.86 -13.77
C LYS D 236 28.56 12.05 -14.25
N VAL D 237 27.94 10.95 -14.66
CA VAL D 237 26.59 11.01 -15.21
C VAL D 237 25.68 11.74 -14.23
N MET D 238 25.71 11.31 -12.97
CA MET D 238 24.82 11.90 -11.99
C MET D 238 25.14 13.37 -11.77
N ALA D 239 26.42 13.71 -11.75
CA ALA D 239 26.81 15.11 -11.57
C ALA D 239 26.22 15.96 -12.70
N SER D 240 26.40 15.50 -13.94
CA SER D 240 25.89 16.21 -15.10
C SER D 240 24.36 16.31 -15.04
N ALA D 241 23.72 15.20 -14.71
CA ALA D 241 22.26 15.16 -14.63
C ALA D 241 21.69 16.15 -13.61
N SER D 242 22.34 16.20 -12.43
CA SER D 242 21.95 17.10 -11.34
C SER D 242 22.12 18.57 -11.70
N SER D 243 23.36 18.98 -11.94
CA SER D 243 23.66 20.40 -12.11
C SER D 243 23.03 21.01 -13.36
N SER D 244 22.81 20.19 -14.39
CA SER D 244 22.25 20.72 -15.64
C SER D 244 20.79 21.21 -15.49
N SER D 245 19.93 20.41 -14.85
CA SER D 245 18.50 20.77 -14.77
C SER D 245 17.74 20.07 -13.63
N LEU D 246 18.47 19.51 -12.66
CA LEU D 246 17.86 18.81 -11.53
C LEU D 246 17.04 17.62 -11.98
N LYS D 247 17.69 16.63 -12.57
CA LYS D 247 16.99 15.44 -13.03
C LYS D 247 16.84 14.39 -11.95
N GLU D 248 15.78 13.60 -12.05
CA GLU D 248 15.69 12.37 -11.29
C GLU D 248 16.73 11.44 -11.91
N VAL D 249 17.36 10.62 -11.08
CA VAL D 249 18.26 9.61 -11.61
C VAL D 249 18.03 8.29 -10.91
N THR D 250 18.22 7.22 -11.66
CA THR D 250 18.34 5.88 -11.13
C THR D 250 19.67 5.40 -11.70
N MET D 251 20.43 4.67 -10.89
CA MET D 251 21.75 4.21 -11.32
C MET D 251 21.99 2.79 -10.85
N GLU D 252 22.22 1.90 -11.81
CA GLU D 252 22.68 0.56 -11.49
C GLU D 252 24.18 0.52 -11.82
N LEU D 253 25.01 0.51 -10.78
CA LEU D 253 26.44 0.66 -10.95
C LEU D 253 27.18 -0.65 -10.66
N GLY D 254 28.44 -0.56 -10.27
CA GLY D 254 29.27 -1.75 -10.15
C GLY D 254 29.16 -2.46 -8.80
N GLY D 255 29.85 -3.60 -8.71
CA GLY D 255 29.89 -4.30 -7.43
C GLY D 255 31.20 -5.03 -7.16
N LYS D 256 31.32 -5.52 -5.94
CA LYS D 256 32.35 -6.47 -5.60
C LYS D 256 31.70 -7.37 -4.55
N SER D 257 30.66 -8.07 -4.98
CA SER D 257 29.72 -8.72 -4.08
C SER D 257 30.30 -9.93 -3.38
N PRO D 258 30.17 -9.98 -2.05
CA PRO D 258 30.64 -11.12 -1.24
C PRO D 258 29.73 -12.35 -1.29
N LEU D 259 30.33 -13.52 -1.42
CA LEU D 259 29.63 -14.78 -1.22
C LEU D 259 30.28 -15.49 -0.04
N ILE D 260 29.56 -15.62 1.07
CA ILE D 260 30.07 -16.30 2.26
C ILE D 260 29.60 -17.74 2.37
N ILE D 261 30.50 -18.69 2.19
CA ILE D 261 30.20 -20.09 2.45
C ILE D 261 30.45 -20.39 3.91
N PHE D 262 29.39 -20.70 4.65
CA PHE D 262 29.55 -21.09 6.05
C PHE D 262 29.90 -22.58 6.16
N PRO D 263 30.52 -22.98 7.28
CA PRO D 263 31.04 -24.33 7.53
C PRO D 263 30.02 -25.47 7.40
N ASP D 264 28.74 -25.17 7.57
CA ASP D 264 27.73 -26.22 7.49
C ASP D 264 27.14 -26.35 6.09
N ALA D 265 27.65 -25.58 5.14
CA ALA D 265 27.10 -25.60 3.79
C ALA D 265 27.48 -26.86 3.03
N ASP D 266 26.55 -27.38 2.23
CA ASP D 266 26.93 -28.46 1.34
C ASP D 266 27.92 -27.93 0.31
N LEU D 267 29.13 -28.47 0.30
CA LEU D 267 30.19 -27.93 -0.56
C LEU D 267 29.95 -28.11 -2.05
N ASP D 268 29.18 -29.13 -2.43
CA ASP D 268 28.80 -29.31 -3.83
C ASP D 268 27.93 -28.15 -4.31
N ARG D 269 26.91 -27.82 -3.52
CA ARG D 269 26.07 -26.66 -3.78
C ARG D 269 26.90 -25.39 -3.75
N ALA D 270 27.60 -25.17 -2.66
CA ALA D 270 28.41 -23.97 -2.49
C ALA D 270 29.35 -23.75 -3.69
N ALA D 271 29.91 -24.84 -4.20
CA ALA D 271 30.79 -24.76 -5.37
C ALA D 271 30.00 -24.41 -6.63
N ASP D 272 28.88 -25.11 -6.81
CA ASP D 272 27.91 -24.82 -7.88
C ASP D 272 27.55 -23.36 -7.89
N ILE D 273 27.17 -22.87 -6.71
CA ILE D 273 26.81 -21.47 -6.54
C ILE D 273 27.99 -20.60 -6.96
N ALA D 274 29.18 -20.87 -6.42
CA ALA D 274 30.34 -20.01 -6.67
C ALA D 274 30.75 -19.92 -8.14
N VAL D 275 30.74 -21.05 -8.85
CA VAL D 275 31.08 -21.01 -10.26
C VAL D 275 30.03 -20.24 -11.07
N MET D 276 28.76 -20.45 -10.75
CA MET D 276 27.67 -19.70 -11.38
C MET D 276 27.80 -18.22 -11.01
N ALA D 277 28.09 -17.97 -9.74
CA ALA D 277 28.22 -16.59 -9.29
C ALA D 277 29.44 -15.91 -9.91
N ASN D 278 30.23 -16.66 -10.68
CA ASN D 278 31.47 -16.11 -11.22
C ASN D 278 31.71 -16.20 -12.71
N PHE D 279 31.15 -17.19 -13.37
CA PHE D 279 31.47 -17.41 -14.78
C PHE D 279 30.31 -17.40 -15.76
N PHE D 280 29.08 -17.20 -15.28
CA PHE D 280 27.98 -17.04 -16.20
C PHE D 280 28.26 -15.78 -17.02
N SER D 281 27.90 -15.80 -18.30
CA SER D 281 28.20 -14.67 -19.20
C SER D 281 29.67 -14.27 -19.12
N SER D 282 30.56 -15.27 -19.02
CA SER D 282 32.00 -15.05 -18.97
C SER D 282 32.39 -14.03 -17.92
N GLY D 283 31.72 -14.08 -16.77
CA GLY D 283 32.04 -13.22 -15.65
C GLY D 283 31.58 -11.78 -15.80
N GLN D 284 30.83 -11.51 -16.88
CA GLN D 284 30.34 -10.15 -17.17
C GLN D 284 28.93 -9.83 -16.57
N VAL D 285 28.79 -9.99 -15.26
CA VAL D 285 27.53 -9.73 -14.56
C VAL D 285 27.81 -8.89 -13.29
N ALA D 286 27.20 -7.71 -13.18
CA ALA D 286 27.50 -6.79 -12.08
C ALA D 286 27.32 -7.36 -10.68
N THR D 287 26.38 -8.30 -10.53
CA THR D 287 26.03 -8.84 -9.23
C THR D 287 26.85 -10.10 -8.88
N ASN D 288 27.84 -10.40 -9.72
CA ASN D 288 28.68 -11.57 -9.50
C ASN D 288 29.34 -11.61 -8.11
N GLY D 289 29.32 -12.77 -7.47
CA GLY D 289 29.96 -12.94 -6.17
C GLY D 289 31.46 -13.13 -6.32
N THR D 290 32.18 -12.04 -6.56
CA THR D 290 33.58 -12.13 -6.94
C THR D 290 34.55 -12.20 -5.75
N ARG D 291 34.00 -12.26 -4.54
CA ARG D 291 34.80 -12.51 -3.35
C ARG D 291 34.16 -13.66 -2.60
N VAL D 292 34.78 -14.83 -2.66
CA VAL D 292 34.19 -16.01 -2.06
C VAL D 292 34.90 -16.36 -0.74
N PHE D 293 34.20 -16.17 0.38
CA PHE D 293 34.74 -16.50 1.70
C PHE D 293 34.47 -17.94 2.08
N ILE D 294 35.55 -18.69 2.32
CA ILE D 294 35.44 -20.08 2.73
C ILE D 294 36.20 -20.27 4.02
N HIS D 295 35.71 -21.16 4.87
CA HIS D 295 36.35 -21.35 6.16
C HIS D 295 37.67 -22.11 6.01
N ARG D 296 38.66 -21.71 6.81
CA ARG D 296 39.98 -22.32 6.73
C ARG D 296 39.88 -23.85 6.69
N SER D 297 38.98 -24.39 7.50
CA SER D 297 38.81 -25.83 7.59
C SER D 297 38.36 -26.47 6.29
N GLN D 298 37.83 -25.65 5.39
CA GLN D 298 37.20 -26.20 4.18
C GLN D 298 37.91 -25.73 2.91
N GLN D 299 38.85 -24.81 3.08
CA GLN D 299 39.56 -24.26 1.94
C GLN D 299 40.00 -25.33 0.95
N ALA D 300 40.53 -26.43 1.47
CA ALA D 300 41.09 -27.48 0.63
C ALA D 300 40.00 -28.19 -0.15
N ARG D 301 39.05 -28.77 0.57
CA ARG D 301 37.95 -29.46 -0.10
C ARG D 301 37.18 -28.56 -1.07
N PHE D 302 37.06 -27.28 -0.72
CA PHE D 302 36.33 -26.34 -1.56
C PHE D 302 37.03 -26.11 -2.89
N GLU D 303 38.30 -25.77 -2.85
CA GLU D 303 39.06 -25.49 -4.06
C GLU D 303 39.01 -26.68 -5.02
N ALA D 304 38.97 -27.89 -4.46
CA ALA D 304 38.92 -29.09 -5.28
C ALA D 304 37.63 -29.12 -6.12
N LYS D 305 36.50 -28.96 -5.45
CA LYS D 305 35.21 -28.91 -6.13
C LYS D 305 35.09 -27.71 -7.09
N VAL D 306 35.65 -26.57 -6.71
CA VAL D 306 35.64 -25.45 -7.63
C VAL D 306 36.45 -25.80 -8.87
N LEU D 307 37.65 -26.33 -8.66
CA LEU D 307 38.53 -26.72 -9.75
C LEU D 307 37.91 -27.78 -10.66
N GLU D 308 37.34 -28.82 -10.06
CA GLU D 308 36.68 -29.86 -10.84
C GLU D 308 35.62 -29.30 -11.78
N ARG D 309 34.87 -28.30 -11.31
CA ARG D 309 33.81 -27.69 -12.11
C ARG D 309 34.36 -26.80 -13.21
N VAL D 310 35.31 -25.93 -12.84
CA VAL D 310 35.92 -25.05 -13.82
C VAL D 310 36.46 -25.85 -15.00
N GLN D 311 37.15 -26.95 -14.71
CA GLN D 311 37.81 -27.73 -15.76
C GLN D 311 36.84 -28.32 -16.75
N ARG D 312 35.58 -28.45 -16.36
CA ARG D 312 34.58 -28.96 -17.30
C ARG D 312 33.76 -27.88 -17.98
N ILE D 313 34.10 -26.62 -17.74
CA ILE D 313 33.46 -25.51 -18.45
C ILE D 313 33.69 -25.65 -19.95
N ARG D 314 32.63 -25.47 -20.73
CA ARG D 314 32.73 -25.61 -22.17
C ARG D 314 32.97 -24.28 -22.88
N LEU D 315 34.16 -23.71 -22.68
CA LEU D 315 34.56 -22.55 -23.47
C LEU D 315 34.48 -22.91 -24.96
N GLY D 316 34.03 -21.96 -25.78
CA GLY D 316 33.88 -22.21 -27.20
C GLY D 316 33.17 -21.14 -28.00
N ASP D 317 33.03 -21.40 -29.30
CA ASP D 317 32.28 -20.55 -30.21
C ASP D 317 30.83 -20.37 -29.70
N PRO D 318 30.40 -19.11 -29.53
CA PRO D 318 29.09 -18.83 -28.92
C PRO D 318 27.94 -19.35 -29.76
N GLN D 319 28.16 -19.56 -31.06
CA GLN D 319 27.10 -20.04 -31.93
C GLN D 319 26.88 -21.55 -31.82
N ASP D 320 27.77 -22.23 -31.10
CA ASP D 320 27.58 -23.64 -30.83
C ASP D 320 26.71 -23.79 -29.58
N GLU D 321 25.55 -24.43 -29.75
CA GLU D 321 24.62 -24.58 -28.64
C GLU D 321 25.28 -25.26 -27.47
N ASN D 322 26.33 -26.02 -27.75
CA ASN D 322 27.03 -26.75 -26.71
C ASN D 322 27.91 -25.86 -25.83
N THR D 323 28.20 -24.65 -26.30
CA THR D 323 29.06 -23.74 -25.55
C THR D 323 28.30 -23.17 -24.36
N ASN D 324 28.96 -23.12 -23.20
CA ASN D 324 28.34 -22.47 -22.04
C ASN D 324 29.25 -21.40 -21.43
N PHE D 325 30.21 -20.93 -22.22
CA PHE D 325 31.15 -19.91 -21.77
C PHE D 325 31.80 -19.31 -23.01
N GLY D 326 31.51 -18.04 -23.28
CA GLY D 326 31.90 -17.43 -24.53
C GLY D 326 33.10 -16.52 -24.33
N PRO D 327 33.47 -15.77 -25.38
CA PRO D 327 34.55 -14.77 -25.27
C PRO D 327 34.04 -13.60 -24.44
N LEU D 328 34.85 -12.57 -24.28
CA LEU D 328 34.42 -11.35 -23.63
C LEU D 328 33.77 -10.44 -24.68
N VAL D 329 33.20 -9.32 -24.26
CA VAL D 329 32.37 -8.49 -25.15
C VAL D 329 33.17 -7.76 -26.22
N SER D 330 34.43 -7.47 -25.92
CA SER D 330 35.28 -6.68 -26.80
C SER D 330 36.76 -6.90 -26.45
N PHE D 331 37.64 -6.61 -27.40
CA PHE D 331 39.08 -6.77 -27.14
C PHE D 331 39.62 -5.78 -26.10
N PRO D 332 39.14 -4.53 -26.15
CA PRO D 332 39.55 -3.59 -25.11
C PRO D 332 39.14 -4.07 -23.71
N HIS D 333 37.96 -4.68 -23.60
CA HIS D 333 37.58 -5.20 -22.29
C HIS D 333 38.39 -6.43 -21.90
N MET D 334 38.75 -7.26 -22.87
CA MET D 334 39.67 -8.36 -22.60
C MET D 334 41.01 -7.85 -22.07
N GLU D 335 41.52 -6.79 -22.67
CA GLU D 335 42.78 -6.23 -22.20
C GLU D 335 42.66 -5.81 -20.74
N SER D 336 41.57 -5.11 -20.42
CA SER D 336 41.33 -4.68 -19.04
C SER D 336 41.35 -5.85 -18.07
N VAL D 337 40.67 -6.93 -18.46
CA VAL D 337 40.57 -8.11 -17.60
C VAL D 337 41.94 -8.76 -17.41
N LEU D 338 42.65 -9.01 -18.51
CA LEU D 338 44.00 -9.56 -18.44
C LEU D 338 44.90 -8.68 -17.56
N GLY D 339 44.79 -7.37 -17.73
CA GLY D 339 45.42 -6.42 -16.82
C GLY D 339 45.22 -6.82 -15.36
N TYR D 340 43.98 -7.12 -14.97
CA TYR D 340 43.70 -7.45 -13.57
C TYR D 340 44.29 -8.81 -13.23
N ILE D 341 44.20 -9.73 -14.17
CA ILE D 341 44.78 -11.05 -13.96
C ILE D 341 46.29 -10.92 -13.72
N GLU D 342 46.91 -9.97 -14.42
CA GLU D 342 48.32 -9.65 -14.22
C GLU D 342 48.51 -9.24 -12.78
N SER D 343 47.71 -8.27 -12.36
CA SER D 343 47.83 -7.74 -11.01
C SER D 343 47.78 -8.86 -9.99
N GLY D 344 46.84 -9.79 -10.15
CA GLY D 344 46.69 -10.87 -9.20
C GLY D 344 47.93 -11.74 -9.12
N LYS D 345 48.56 -11.94 -10.27
CA LYS D 345 49.79 -12.70 -10.33
C LYS D 345 50.85 -11.87 -9.63
N ALA D 346 51.08 -10.66 -10.14
CA ALA D 346 52.05 -9.74 -9.55
C ALA D 346 51.94 -9.63 -8.03
N GLN D 347 50.72 -9.65 -7.50
CA GLN D 347 50.53 -9.49 -6.05
C GLN D 347 50.49 -10.83 -5.31
N LYS D 348 51.05 -11.85 -5.93
CA LYS D 348 51.34 -13.11 -5.23
C LYS D 348 50.11 -13.85 -4.72
N ALA D 349 49.02 -13.79 -5.47
CA ALA D 349 47.86 -14.61 -5.15
C ALA D 349 48.03 -15.96 -5.85
N ARG D 350 47.72 -17.04 -5.16
CA ARG D 350 47.84 -18.35 -5.80
C ARG D 350 46.80 -18.54 -6.90
N LEU D 351 47.29 -18.85 -8.08
CA LEU D 351 46.45 -19.05 -9.25
C LEU D 351 45.98 -20.48 -9.32
N LEU D 352 44.69 -20.70 -9.08
CA LEU D 352 44.13 -22.05 -9.09
C LEU D 352 43.86 -22.63 -10.50
N CYS D 353 43.49 -21.76 -11.44
CA CYS D 353 43.28 -22.19 -12.83
C CYS D 353 43.08 -20.98 -13.73
N GLY D 354 43.08 -21.20 -15.04
CA GLY D 354 43.00 -20.09 -15.98
C GLY D 354 44.18 -19.14 -15.84
N GLY D 355 43.94 -17.86 -16.10
CA GLY D 355 44.95 -16.84 -15.91
C GLY D 355 45.48 -16.27 -17.21
N GLU D 356 44.96 -16.75 -18.34
CA GLU D 356 45.52 -16.39 -19.64
C GLU D 356 44.47 -16.24 -20.74
N ARG D 357 44.82 -15.48 -21.79
CA ARG D 357 44.03 -15.46 -23.01
C ARG D 357 44.09 -16.80 -23.73
N VAL D 358 42.93 -17.34 -24.08
CA VAL D 358 42.87 -18.58 -24.84
C VAL D 358 43.01 -18.30 -26.33
N THR D 359 44.03 -18.90 -26.97
CA THR D 359 44.36 -18.55 -28.35
C THR D 359 44.47 -19.74 -29.31
N ASP D 360 44.39 -20.96 -28.77
CA ASP D 360 44.33 -22.16 -29.60
C ASP D 360 43.40 -21.98 -30.79
N GLY D 361 43.96 -22.01 -31.99
CA GLY D 361 43.16 -22.03 -33.20
C GLY D 361 42.28 -20.82 -33.40
N ALA D 362 40.99 -21.06 -33.61
CA ALA D 362 40.03 -20.01 -33.93
C ALA D 362 39.94 -18.95 -32.84
N PHE D 363 40.11 -19.39 -31.60
CA PHE D 363 40.04 -18.51 -30.46
C PHE D 363 41.03 -17.36 -30.55
N GLY D 364 42.11 -17.56 -31.29
CA GLY D 364 43.10 -16.51 -31.46
C GLY D 364 42.53 -15.28 -32.13
N LYS D 365 41.46 -15.47 -32.90
CA LYS D 365 40.80 -14.39 -33.63
C LYS D 365 39.70 -13.71 -32.81
N GLY D 366 39.31 -14.35 -31.70
CA GLY D 366 38.33 -13.79 -30.79
C GLY D 366 38.96 -13.29 -29.51
N ALA D 367 38.13 -12.85 -28.56
CA ALA D 367 38.62 -12.27 -27.32
C ALA D 367 38.36 -13.16 -26.11
N TYR D 368 38.84 -14.40 -26.17
CA TYR D 368 38.62 -15.35 -25.08
C TYR D 368 39.63 -15.20 -23.96
N VAL D 369 39.12 -15.28 -22.74
CA VAL D 369 39.90 -15.31 -21.52
C VAL D 369 39.40 -16.49 -20.71
N ALA D 370 40.31 -17.23 -20.10
CA ALA D 370 39.93 -18.48 -19.44
C ALA D 370 39.24 -18.28 -18.08
N PRO D 371 38.38 -19.23 -17.71
CA PRO D 371 37.83 -19.16 -16.35
C PRO D 371 38.99 -19.13 -15.36
N THR D 372 39.05 -18.08 -14.54
CA THR D 372 40.21 -17.86 -13.70
C THR D 372 39.82 -17.82 -12.24
N VAL D 373 40.52 -18.60 -11.43
CA VAL D 373 40.31 -18.60 -10.00
C VAL D 373 41.62 -18.31 -9.28
N PHE D 374 41.64 -17.20 -8.55
CA PHE D 374 42.73 -16.91 -7.63
C PHE D 374 42.31 -17.35 -6.24
N THR D 375 43.26 -17.82 -5.45
CA THR D 375 42.98 -18.18 -4.06
C THR D 375 44.09 -17.66 -3.15
N ASP D 376 44.03 -18.00 -1.86
CA ASP D 376 44.91 -17.37 -0.86
C ASP D 376 44.93 -15.86 -1.06
N CYS D 377 43.80 -15.26 -1.37
CA CYS D 377 43.78 -13.81 -1.60
C CYS D 377 43.76 -13.06 -0.28
N ARG D 378 43.97 -11.77 -0.35
CA ARG D 378 44.02 -10.91 0.79
C ARG D 378 43.22 -9.64 0.51
N ASP D 379 42.67 -8.99 1.52
CA ASP D 379 41.75 -7.89 1.31
C ASP D 379 42.35 -6.64 0.68
N ASP D 380 43.68 -6.53 0.68
CA ASP D 380 44.28 -5.33 0.09
C ASP D 380 44.70 -5.55 -1.37
N MET D 381 44.56 -6.78 -1.84
CA MET D 381 44.85 -7.08 -3.24
C MET D 381 43.95 -6.31 -4.17
N THR D 382 44.55 -5.73 -5.20
CA THR D 382 43.79 -4.97 -6.19
C THR D 382 42.68 -5.81 -6.83
N ILE D 383 42.91 -7.10 -7.02
CA ILE D 383 41.86 -7.95 -7.56
C ILE D 383 40.73 -8.17 -6.55
N VAL D 384 41.00 -7.93 -5.28
CA VAL D 384 39.99 -8.16 -4.27
C VAL D 384 39.17 -6.90 -4.01
N ARG D 385 39.79 -5.75 -4.23
CA ARG D 385 39.13 -4.48 -3.96
C ARG D 385 38.40 -3.91 -5.17
N GLU D 386 38.86 -4.30 -6.35
CA GLU D 386 38.37 -3.71 -7.58
C GLU D 386 37.53 -4.67 -8.42
N GLU D 387 36.54 -4.09 -9.11
CA GLU D 387 35.70 -4.88 -10.01
C GLU D 387 36.42 -5.17 -11.31
N ILE D 388 36.51 -6.45 -11.63
CA ILE D 388 37.18 -6.87 -12.85
C ILE D 388 36.16 -6.94 -14.00
N PHE D 389 34.94 -7.37 -13.67
CA PHE D 389 33.90 -7.58 -14.67
C PHE D 389 34.30 -8.60 -15.73
N GLY D 390 34.93 -9.68 -15.28
CA GLY D 390 35.34 -10.74 -16.17
C GLY D 390 35.44 -12.01 -15.36
N PRO D 391 35.83 -13.10 -16.01
CA PRO D 391 35.81 -14.42 -15.36
C PRO D 391 36.95 -14.58 -14.35
N VAL D 392 36.85 -13.93 -13.19
CA VAL D 392 37.90 -13.98 -12.18
C VAL D 392 37.38 -14.07 -10.75
N MET D 393 37.40 -15.27 -10.17
CA MET D 393 36.95 -15.48 -8.79
C MET D 393 38.12 -15.35 -7.80
N SER D 394 37.96 -14.52 -6.77
CA SER D 394 38.95 -14.45 -5.70
C SER D 394 38.44 -15.16 -4.45
N ILE D 395 39.12 -16.23 -4.06
CA ILE D 395 38.77 -16.99 -2.86
C ILE D 395 39.51 -16.45 -1.64
N LEU D 396 38.76 -16.12 -0.60
CA LEU D 396 39.34 -15.62 0.65
C LEU D 396 39.04 -16.55 1.80
N VAL D 397 40.04 -16.80 2.62
CA VAL D 397 39.89 -17.65 3.79
C VAL D 397 39.53 -16.77 4.97
N TYR D 398 38.70 -17.30 5.88
CA TYR D 398 38.34 -16.60 7.12
C TYR D 398 38.20 -17.62 8.24
N ASP D 399 38.13 -17.14 9.47
CA ASP D 399 38.18 -18.01 10.64
C ASP D 399 36.85 -18.12 11.38
N ASP D 400 36.24 -16.96 11.63
CA ASP D 400 34.96 -16.92 12.35
C ASP D 400 33.90 -16.12 11.59
N GLU D 401 32.66 -16.24 12.06
CA GLU D 401 31.51 -15.70 11.36
C GLU D 401 31.44 -14.17 11.33
N ASP D 402 31.68 -13.52 12.47
CA ASP D 402 31.69 -12.06 12.49
C ASP D 402 32.76 -11.49 11.58
N GLU D 403 33.87 -12.21 11.46
CA GLU D 403 35.00 -11.79 10.65
C GLU D 403 34.62 -11.77 9.17
N ALA D 404 34.06 -12.87 8.69
CA ALA D 404 33.61 -12.93 7.29
C ALA D 404 32.63 -11.80 6.95
N ILE D 405 31.63 -11.60 7.81
CA ILE D 405 30.66 -10.53 7.61
C ILE D 405 31.35 -9.17 7.62
N ARG D 406 32.14 -8.91 8.66
CA ARG D 406 32.82 -7.63 8.75
C ARG D 406 33.61 -7.39 7.46
N ARG D 407 34.23 -8.44 6.94
CA ARG D 407 35.04 -8.31 5.73
C ARG D 407 34.20 -8.20 4.46
N ALA D 408 33.14 -9.00 4.37
CA ALA D 408 32.21 -8.91 3.25
C ALA D 408 31.73 -7.47 3.12
N ASN D 409 31.53 -6.81 4.26
CA ASN D 409 31.06 -5.43 4.29
C ASN D 409 32.12 -4.37 4.07
N ASP D 410 33.39 -4.74 4.16
CA ASP D 410 34.45 -3.74 4.07
C ASP D 410 34.76 -3.37 2.61
N THR D 411 33.88 -2.58 2.01
CA THR D 411 34.01 -2.13 0.62
C THR D 411 33.15 -0.90 0.42
N GLU D 412 33.42 -0.13 -0.64
CA GLU D 412 32.57 1.00 -0.99
C GLU D 412 31.35 0.53 -1.81
N TYR D 413 31.41 -0.72 -2.26
CA TYR D 413 30.35 -1.33 -3.03
C TYR D 413 29.25 -1.90 -2.11
N GLY D 414 28.11 -2.26 -2.71
CA GLY D 414 27.01 -2.86 -1.95
C GLY D 414 25.87 -3.31 -2.84
N LEU D 415 26.20 -3.91 -3.98
CA LEU D 415 25.19 -4.32 -4.94
C LEU D 415 24.52 -5.59 -4.45
N ALA D 416 25.27 -6.69 -4.45
CA ALA D 416 24.75 -7.97 -3.98
C ALA D 416 25.60 -8.57 -2.85
N ALA D 417 25.07 -9.64 -2.27
CA ALA D 417 25.77 -10.41 -1.26
C ALA D 417 25.00 -11.71 -1.14
N GLY D 418 25.64 -12.75 -0.63
CA GLY D 418 24.95 -14.03 -0.56
C GLY D 418 25.59 -14.94 0.45
N VAL D 419 24.79 -15.78 1.10
CA VAL D 419 25.34 -16.74 2.04
C VAL D 419 24.89 -18.15 1.71
N VAL D 420 25.74 -19.12 2.05
CA VAL D 420 25.37 -20.53 1.88
C VAL D 420 25.43 -21.22 3.23
N THR D 421 24.28 -21.70 3.69
CA THR D 421 24.20 -22.35 5.00
C THR D 421 22.90 -23.11 5.07
N GLN D 422 22.88 -24.17 5.88
CA GLN D 422 21.66 -24.95 6.06
C GLN D 422 20.92 -24.51 7.31
N ASP D 423 21.52 -23.60 8.06
CA ASP D 423 21.00 -23.19 9.35
C ASP D 423 20.02 -22.03 9.22
N LEU D 424 18.81 -22.24 9.73
CA LEU D 424 17.77 -21.22 9.71
C LEU D 424 18.23 -19.90 10.30
N ALA D 425 18.71 -19.93 11.54
CA ALA D 425 19.10 -18.68 12.20
C ALA D 425 20.24 -17.97 11.48
N ARG D 426 21.29 -18.71 11.14
CA ARG D 426 22.48 -18.12 10.52
C ARG D 426 22.14 -17.43 9.20
N ALA D 427 21.30 -18.09 8.38
CA ALA D 427 20.92 -17.58 7.06
C ALA D 427 20.33 -16.17 7.13
N HIS D 428 19.30 -16.02 7.94
CA HIS D 428 18.65 -14.73 8.10
C HIS D 428 19.51 -13.73 8.87
N ARG D 429 20.11 -14.17 9.98
N ARG D 429 20.11 -14.20 9.97
CA ARG D 429 20.88 -13.25 10.81
CA ARG D 429 20.93 -13.35 10.83
C ARG D 429 22.11 -12.70 10.09
C ARG D 429 22.05 -12.70 10.03
N ALA D 430 22.69 -13.49 9.19
CA ALA D 430 23.83 -13.03 8.40
C ALA D 430 23.38 -12.08 7.31
N ILE D 431 22.37 -12.49 6.53
CA ILE D 431 21.92 -11.68 5.41
C ILE D 431 21.42 -10.30 5.90
N HIS D 432 20.86 -10.24 7.10
CA HIS D 432 20.37 -8.95 7.62
C HIS D 432 21.52 -8.01 7.95
N ARG D 433 22.72 -8.57 8.15
CA ARG D 433 23.87 -7.74 8.53
C ARG D 433 24.71 -7.33 7.32
N LEU D 434 24.51 -7.99 6.18
CA LEU D 434 25.30 -7.73 4.98
C LEU D 434 24.75 -6.50 4.28
N GLU D 435 25.64 -5.58 3.93
CA GLU D 435 25.22 -4.28 3.42
C GLU D 435 25.11 -4.24 1.90
N ALA D 436 24.10 -4.92 1.37
CA ALA D 436 23.89 -5.03 -0.07
C ALA D 436 22.39 -4.95 -0.34
N GLY D 437 22.01 -4.47 -1.53
CA GLY D 437 20.61 -4.33 -1.88
C GLY D 437 19.98 -5.60 -2.41
N ILE D 438 20.83 -6.50 -2.91
CA ILE D 438 20.40 -7.76 -3.52
C ILE D 438 21.04 -8.95 -2.80
N CYS D 439 20.26 -9.65 -1.99
CA CYS D 439 20.82 -10.69 -1.14
C CYS D 439 20.28 -12.06 -1.44
N TRP D 440 21.17 -13.02 -1.60
CA TRP D 440 20.76 -14.39 -1.90
C TRP D 440 21.11 -15.37 -0.79
N ILE D 441 20.16 -16.27 -0.50
CA ILE D 441 20.40 -17.34 0.46
C ILE D 441 20.35 -18.71 -0.22
N ASN D 442 21.52 -19.32 -0.35
CA ASN D 442 21.62 -20.65 -0.91
C ASN D 442 21.29 -20.69 -2.39
N THR D 443 21.60 -19.60 -3.08
CA THR D 443 21.37 -19.50 -4.52
C THR D 443 22.10 -18.28 -5.02
N TRP D 444 22.08 -18.03 -6.32
CA TRP D 444 22.69 -16.82 -6.83
C TRP D 444 22.14 -16.46 -8.19
N GLY D 445 22.03 -15.15 -8.42
CA GLY D 445 21.79 -14.62 -9.75
C GLY D 445 20.35 -14.44 -10.18
N GLU D 446 19.41 -15.19 -9.60
CA GLU D 446 18.01 -15.06 -10.00
C GLU D 446 17.51 -13.67 -9.65
N SER D 447 16.94 -12.99 -10.65
CA SER D 447 16.49 -11.61 -10.48
C SER D 447 15.05 -11.49 -10.93
N PRO D 448 14.11 -11.96 -10.10
CA PRO D 448 12.68 -12.00 -10.45
C PRO D 448 12.05 -10.61 -10.71
N ALA D 449 11.14 -10.52 -11.67
CA ALA D 449 10.57 -9.23 -12.06
C ALA D 449 9.97 -8.50 -10.87
N GLU D 450 9.48 -9.28 -9.90
CA GLU D 450 8.84 -8.78 -8.69
C GLU D 450 9.81 -8.22 -7.67
N MET D 451 11.10 -8.54 -7.82
CA MET D 451 12.09 -8.25 -6.78
C MET D 451 12.89 -6.99 -7.04
N PRO D 452 12.69 -5.95 -6.21
CA PRO D 452 13.44 -4.70 -6.42
C PRO D 452 14.94 -5.00 -6.37
N VAL D 453 15.70 -4.57 -7.39
CA VAL D 453 17.14 -4.77 -7.42
C VAL D 453 17.93 -3.47 -7.66
N GLY D 454 18.99 -3.29 -6.88
CA GLY D 454 19.77 -2.06 -6.93
C GLY D 454 20.75 -2.04 -5.78
N GLY D 455 21.60 -1.03 -5.73
CA GLY D 455 22.76 -1.07 -4.85
C GLY D 455 22.82 -0.16 -3.64
N TYR D 456 23.38 -0.70 -2.57
CA TYR D 456 23.75 0.10 -1.42
C TYR D 456 24.99 0.92 -1.75
N LYS D 457 25.26 1.94 -0.95
CA LYS D 457 26.49 2.72 -1.05
C LYS D 457 26.77 3.20 -2.47
N GLN D 458 27.96 2.89 -2.97
CA GLN D 458 28.37 3.40 -4.27
C GLN D 458 28.03 2.42 -5.40
N SER D 459 27.27 1.37 -5.07
CA SER D 459 26.78 0.41 -6.07
C SER D 459 25.48 0.83 -6.78
N GLY D 460 24.85 1.93 -6.34
CA GLY D 460 23.68 2.42 -7.05
C GLY D 460 22.89 3.55 -6.41
N VAL D 461 21.87 4.02 -7.12
CA VAL D 461 20.90 4.95 -6.60
C VAL D 461 19.55 4.52 -7.15
N GLY D 462 18.58 4.30 -6.27
CA GLY D 462 17.30 3.81 -6.71
C GLY D 462 17.32 2.33 -7.02
N ARG D 463 16.27 1.85 -7.66
CA ARG D 463 16.09 0.41 -7.86
C ARG D 463 15.49 0.15 -9.23
N GLU D 464 15.57 -1.10 -9.66
CA GLU D 464 14.86 -1.55 -10.85
C GLU D 464 14.03 -2.76 -10.47
N ASN D 465 12.93 -2.94 -11.20
CA ASN D 465 11.98 -4.03 -10.96
C ASN D 465 11.15 -3.88 -9.66
N GLY D 466 10.20 -4.80 -9.47
CA GLY D 466 9.29 -4.74 -8.35
C GLY D 466 8.26 -3.62 -8.46
N LEU D 467 7.31 -3.60 -7.53
CA LEU D 467 6.28 -2.56 -7.51
C LEU D 467 6.84 -1.16 -7.30
N THR D 468 7.79 -1.05 -6.36
CA THR D 468 8.34 0.23 -5.96
C THR D 468 8.90 1.02 -7.14
N THR D 469 9.60 0.34 -8.04
CA THR D 469 10.24 1.01 -9.15
C THR D 469 9.25 1.77 -10.03
N LEU D 470 8.02 1.27 -10.14
CA LEU D 470 7.05 1.86 -11.06
C LEU D 470 6.71 3.26 -10.57
N ALA D 471 6.62 3.37 -9.25
CA ALA D 471 6.29 4.63 -8.62
C ALA D 471 7.31 5.72 -8.91
N HIS D 472 8.58 5.34 -9.05
CA HIS D 472 9.63 6.31 -9.33
C HIS D 472 9.63 6.81 -10.78
N TYR D 473 8.71 6.32 -11.61
CA TYR D 473 8.57 6.91 -12.94
C TYR D 473 7.37 7.86 -13.04
N THR D 474 6.80 8.21 -11.88
CA THR D 474 5.81 9.27 -11.84
C THR D 474 6.26 10.39 -10.87
N ARG D 475 5.72 11.60 -11.03
CA ARG D 475 5.88 12.65 -10.03
C ARG D 475 4.61 12.69 -9.21
N ILE D 476 4.73 12.99 -7.92
CA ILE D 476 3.58 13.24 -7.07
C ILE D 476 3.09 14.70 -7.14
N LYS D 477 1.81 14.88 -7.49
CA LYS D 477 1.19 16.18 -7.32
C LYS D 477 0.17 16.08 -6.18
N SER D 478 0.28 16.97 -5.19
CA SER D 478 -0.73 17.02 -4.12
C SER D 478 -1.74 18.09 -4.44
N VAL D 479 -3.01 17.79 -4.20
CA VAL D 479 -4.10 18.74 -4.43
C VAL D 479 -4.90 18.91 -3.14
N GLN D 480 -4.92 20.11 -2.59
CA GLN D 480 -5.78 20.35 -1.45
C GLN D 480 -7.05 21.00 -1.94
N VAL D 481 -8.20 20.38 -1.67
CA VAL D 481 -9.47 20.97 -1.98
C VAL D 481 -10.06 21.65 -0.74
N GLU D 482 -10.29 22.95 -0.81
CA GLU D 482 -10.91 23.66 0.32
C GLU D 482 -12.40 23.90 0.00
N LEU D 483 -13.27 23.24 0.77
CA LEU D 483 -14.71 23.35 0.53
C LEU D 483 -15.35 24.40 1.43
N GLY D 484 -14.63 24.76 2.50
CA GLY D 484 -15.14 25.67 3.52
C GLY D 484 -14.73 27.12 3.32
N ASP D 485 -14.68 27.90 4.41
CA ASP D 485 -14.31 29.31 4.34
C ASP D 485 -12.79 29.45 4.23
N TYR D 486 -12.32 30.60 3.74
CA TYR D 486 -10.87 30.87 3.78
C TYR D 486 -10.51 31.98 4.76
N ALA D 487 -9.54 31.71 5.63
CA ALA D 487 -9.17 32.67 6.67
C ALA D 487 -7.87 33.38 6.38
N SER D 488 -7.91 34.71 6.41
CA SER D 488 -6.69 35.52 6.29
C SER D 488 -6.39 36.34 7.55
N VAL D 489 -5.11 36.44 7.91
CA VAL D 489 -4.69 37.27 9.04
C VAL D 489 -4.66 38.76 8.70
N PHE D 490 -4.85 39.10 7.43
CA PHE D 490 -4.75 40.51 7.02
C PHE D 490 -6.11 41.13 6.77
C1 GOL E . -36.83 -6.47 -3.97
O1 GOL E . -35.94 -7.34 -3.27
C2 GOL E . -38.14 -6.38 -3.19
O2 GOL E . -38.24 -5.09 -2.60
C3 GOL E . -39.36 -6.70 -4.06
O3 GOL E . -39.12 -6.40 -5.44
C1 GOL F . -25.53 4.05 -16.82
O1 GOL F . -26.74 3.59 -16.19
C2 GOL F . -24.96 3.04 -17.82
O2 GOL F . -23.79 3.62 -18.44
C3 GOL F . -24.58 1.73 -17.12
O3 GOL F . -23.78 0.95 -18.02
C1 GOL G . -25.55 -24.54 -26.21
O1 GOL G . -26.12 -25.81 -26.54
C2 GOL G . -26.36 -23.39 -26.81
O2 GOL G . -26.55 -22.35 -25.83
C3 GOL G . -25.62 -22.81 -28.02
O3 GOL G . -26.17 -21.53 -28.34
C1 GOL H . -23.08 -30.27 -24.38
O1 GOL H . -23.16 -31.36 -23.48
C2 GOL H . -23.75 -29.09 -23.74
O2 GOL H . -24.13 -28.17 -24.74
C3 GOL H . -24.94 -29.57 -22.98
O3 GOL H . -24.89 -28.90 -21.76
O1 PG4 I . -23.52 -6.64 -9.79
C1 PG4 I . -22.85 -5.96 -10.82
C2 PG4 I . -23.79 -5.91 -11.99
O2 PG4 I . -23.56 -4.83 -12.85
C3 PG4 I . -24.72 -4.07 -12.98
C4 PG4 I . -24.25 -2.70 -13.27
O3 PG4 I . -22.95 -2.82 -13.77
C5 PG4 I . -22.95 -2.27 -15.06
C6 PG4 I . -21.50 -2.11 -15.35
O4 PG4 I . -21.28 -1.17 -16.37
C7 PG4 I . -19.95 -0.71 -16.32
C8 PG4 I . -19.82 0.66 -16.97
O5 PG4 I . -18.44 0.94 -17.07
C1 GOL J . -21.74 20.44 -15.11
O1 GOL J . -22.23 21.04 -16.32
C2 GOL J . -20.24 20.47 -15.14
O2 GOL J . -19.86 21.14 -13.94
C3 GOL J . -19.74 19.03 -15.30
O3 GOL J . -19.02 18.43 -14.25
C1 GOL K . -47.03 -3.95 -4.00
O1 GOL K . -47.39 -3.96 -2.62
C2 GOL K . -45.71 -4.63 -4.12
O2 GOL K . -45.23 -4.72 -2.79
C3 GOL K . -45.98 -6.00 -4.71
O3 GOL K . -45.57 -6.23 -6.06
C1 EDO L . -26.49 -4.04 -11.44
O1 EDO L . -27.33 -4.82 -10.60
C2 EDO L . -25.71 -3.03 -10.59
O2 EDO L . -24.87 -2.26 -11.45
C1 GOL M . -21.39 -4.54 -7.76
O1 GOL M . -20.87 -5.72 -8.39
C2 GOL M . -22.81 -4.29 -8.25
O2 GOL M . -23.56 -3.51 -7.30
C3 GOL M . -22.74 -3.56 -9.58
O3 GOL M . -22.26 -2.25 -9.31
PA NDP N . -33.05 -13.47 -5.53
PA NDP N . -32.65 -13.27 -5.61
O1A NDP N . -32.33 -12.29 -4.95
O1A NDP N . -32.29 -12.91 -4.29
O2A NDP N . -33.99 -14.27 -4.67
O2A NDP N . -33.96 -13.80 -5.80
O5B NDP N . -31.93 -14.47 -6.12
O5B NDP N . -31.66 -14.30 -6.10
C5B NDP N . -30.54 -14.22 -5.93
C5B NDP N . -30.27 -14.16 -6.21
C4B NDP N . -29.72 -15.46 -6.27
C4B NDP N . -29.60 -15.51 -6.34
O4B NDP N . -29.49 -16.25 -5.10
O4B NDP N . -29.68 -16.17 -5.12
C3B NDP N . -30.45 -16.35 -7.25
C3B NDP N . -30.27 -16.44 -7.29
O3B NDP N . -29.51 -16.97 -8.14
O3B NDP N . -29.25 -17.12 -8.00
C2B NDP N . -31.08 -17.43 -6.39
C2B NDP N . -31.03 -17.41 -6.44
O2B NDP N . -31.18 -18.64 -7.12
O2B NDP N . -31.24 -18.63 -7.08
C1B NDP N . -30.06 -17.55 -5.27
C1B NDP N . -30.07 -17.50 -5.30
N9A NDP N . -30.69 -18.00 -3.99
N9A NDP N . -30.67 -17.94 -4.04
C8A NDP N . -32.11 -17.71 -3.90
C8A NDP N . -32.04 -17.65 -3.89
N7A NDP N . -32.41 -18.27 -2.57
N7A NDP N . -32.30 -18.21 -2.59
C5A NDP N . -31.28 -18.78 -2.03
C5A NDP N . -31.17 -18.72 -2.10
C6A NDP N . -30.94 -19.46 -0.76
C6A NDP N . -30.78 -19.40 -0.85
N6A NDP N . -31.89 -19.68 0.19
N6A NDP N . -31.66 -19.63 0.11
N1A NDP N . -29.68 -19.85 -0.55
N1A NDP N . -29.54 -19.78 -0.72
C2A NDP N . -28.70 -19.66 -1.47
C2A NDP N . -28.62 -19.57 -1.66
N3A NDP N . -28.90 -19.06 -2.64
N3A NDP N . -28.86 -18.98 -2.80
C4A NDP N . -30.14 -18.61 -2.97
C4A NDP N . -30.08 -18.55 -3.07
O3 NDP N . -33.82 -12.99 -6.87
O3 NDP N . -32.49 -11.95 -6.45
PN NDP N . -35.42 -13.05 -7.08
PN NDP N . -32.77 -11.50 -7.97
O1N NDP N . -36.10 -13.53 -5.82
O1N NDP N . -34.23 -11.71 -8.21
O2N NDP N . -35.67 -13.74 -8.41
O2N NDP N . -31.80 -12.18 -8.85
O5D NDP N . -35.76 -11.49 -7.26
O5D NDP N . -32.52 -9.96 -8.05
C5D NDP N . -36.80 -10.92 -6.47
C5D NDP N . -33.35 -9.06 -7.34
C4D NDP N . -36.34 -9.57 -5.94
C4D NDP N . -32.32 -8.57 -6.35
O4D NDP N . -34.96 -9.59 -5.54
O4D NDP N . -30.97 -8.67 -6.75
C3D NDP N . -36.47 -8.45 -6.96
C3D NDP N . -32.60 -7.11 -6.36
O3D NDP N . -37.74 -7.82 -6.85
O3D NDP N . -32.71 -6.57 -5.06
C2D NDP N . -35.38 -7.49 -6.56
C2D NDP N . -31.33 -6.58 -6.98
O2D NDP N . -35.90 -6.55 -5.60
O2D NDP N . -31.17 -5.19 -6.72
C1D NDP N . -34.34 -8.35 -5.88
C1D NDP N . -30.29 -7.51 -6.43
N1N NDP N . -33.18 -8.57 -6.78
N1N NDP N . -29.14 -7.48 -7.26
C2N NDP N . -32.01 -7.99 -6.48
C2N NDP N . -28.10 -6.83 -6.89
C3N NDP N . -30.88 -8.14 -7.29
C3N NDP N . -26.97 -6.75 -7.66
C7N NDP N . -29.57 -7.49 -6.90
C7N NDP N . -25.78 -6.01 -7.19
O7N NDP N . -28.59 -7.61 -7.61
O7N NDP N . -24.86 -6.00 -7.92
N7N NDP N . -29.52 -6.77 -5.78
N7N NDP N . -25.75 -5.38 -6.05
C4N NDP N . -30.94 -8.96 -8.56
C4N NDP N . -26.88 -7.43 -8.99
C5N NDP N . -32.28 -9.52 -8.78
C5N NDP N . -28.11 -8.11 -9.25
C6N NDP N . -33.34 -9.30 -7.89
C6N NDP N . -29.18 -8.11 -8.39
P2B NDP N . -32.52 -18.90 -7.99
P2B NDP N . -32.45 -18.92 -8.02
O1X NDP N . -31.98 -19.39 -9.31
O1X NDP N . -31.78 -19.33 -9.20
O2X NDP N . -33.29 -19.93 -7.20
O2X NDP N . -33.28 -19.94 -7.46
O3X NDP N . -33.19 -17.56 -8.05
O3X NDP N . -33.11 -17.68 -8.20
K K O . -34.40 -16.67 -19.21
K K P . -23.42 -4.01 5.77
C1 GOL Q . 4.29 -16.72 25.80
O1 GOL Q . 2.91 -17.03 25.60
C2 GOL Q . 4.40 -15.32 26.35
O2 GOL Q . 3.08 -14.82 26.31
C3 GOL Q . 4.94 -15.41 27.77
O3 GOL Q . 5.70 -14.30 28.22
C1 GOL R . -4.26 -13.10 24.23
O1 GOL R . -5.27 -13.20 23.25
C2 GOL R . -3.13 -14.02 23.87
O2 GOL R . -3.59 -14.85 22.85
C3 GOL R . -1.99 -13.22 23.34
O3 GOL R . -1.40 -12.53 24.40
C1 GOL S . -15.37 -1.39 42.03
O1 GOL S . -15.37 -0.03 41.55
C2 GOL S . -13.95 -1.97 42.11
O2 GOL S . -13.59 -2.63 40.89
C3 GOL S . -12.89 -0.91 42.45
O3 GOL S . -11.59 -1.51 42.43
C1 GOL T . -18.53 2.54 40.28
O1 GOL T . -18.28 3.94 40.23
C2 GOL T . -20.00 2.38 40.55
O2 GOL T . -20.66 3.63 40.47
C3 GOL T . -20.59 1.45 39.53
O3 GOL T . -19.64 0.48 39.25
C1 GOL U . -5.77 -13.15 19.88
O1 GOL U . -6.66 -12.60 18.90
C2 GOL U . -5.21 -14.53 19.48
O2 GOL U . -6.21 -15.28 18.73
C3 GOL U . -3.94 -14.37 18.63
O3 GOL U . -2.72 -14.24 19.40
C1 GOL V . -23.50 -19.79 26.06
O1 GOL V . -24.16 -20.60 27.03
C2 GOL V . -23.55 -18.32 26.47
O2 GOL V . -22.32 -17.93 27.08
C3 GOL V . -24.67 -18.10 27.45
O3 GOL V . -25.08 -16.74 27.39
C1 GOL W . -16.94 -33.95 26.52
O1 GOL W . -16.89 -35.32 26.14
C2 GOL W . -15.87 -33.73 27.55
O2 GOL W . -15.28 -34.98 27.75
C3 GOL W . -16.44 -33.29 28.88
O3 GOL W . -16.51 -31.87 28.94
PA NDP X . -18.33 -18.72 24.78
PA NDP X . -18.16 -18.72 24.80
O1A NDP X . -17.60 -18.84 23.54
O1A NDP X . -18.43 -19.13 23.45
O2A NDP X . -19.58 -19.39 24.92
O2A NDP X . -18.67 -19.51 25.92
O5B NDP X . -18.60 -17.22 25.02
O5B NDP X . -18.63 -17.26 24.95
C5B NDP X . -17.73 -16.18 24.57
C5B NDP X . -17.75 -16.19 24.64
C4B NDP X . -18.43 -14.84 24.69
C4B NDP X . -18.44 -14.84 24.71
O4B NDP X . -19.59 -14.84 23.88
O4B NDP X . -19.59 -14.84 23.91
C3B NDP X . -18.93 -14.50 26.06
C3B NDP X . -18.95 -14.48 26.08
O3B NDP X . -18.82 -13.09 26.16
O3B NDP X . -18.84 -13.08 26.16
C2B NDP X . -20.40 -14.85 26.03
C2B NDP X . -20.42 -14.84 26.05
O2B NDP X . -21.15 -14.15 27.01
O2B NDP X . -21.17 -14.14 27.02
C1B NDP X . -20.75 -14.49 24.61
C1B NDP X . -20.76 -14.48 24.62
N9A NDP X . -21.92 -15.21 24.06
N9A NDP X . -21.92 -15.20 24.06
C8A NDP X . -22.13 -16.51 24.60
C8A NDP X . -22.13 -16.51 24.60
N7A NDP X . -23.31 -16.93 23.88
N7A NDP X . -23.32 -16.93 23.88
C5A NDP X . -23.69 -15.94 23.06
C5A NDP X . -23.69 -15.94 23.06
C6A NDP X . -24.77 -15.75 22.09
C6A NDP X . -24.78 -15.75 22.09
N6A NDP X . -25.67 -16.72 21.88
N6A NDP X . -25.67 -16.72 21.88
N1A NDP X . -24.86 -14.62 21.42
N1A NDP X . -24.86 -14.62 21.42
C2A NDP X . -23.98 -13.63 21.59
C2A NDP X . -23.98 -13.63 21.59
N3A NDP X . -22.97 -13.70 22.45
N3A NDP X . -22.97 -13.70 22.45
C4A NDP X . -22.77 -14.80 23.17
C4A NDP X . -22.78 -14.80 23.17
O3 NDP X . -17.47 -19.18 26.02
O3 NDP X . -16.57 -18.58 24.80
PN NDP X . -17.95 -20.19 27.21
PN NDP X . -15.46 -18.74 25.99
O1N NDP X . -19.17 -20.95 26.92
O1N NDP X . -16.07 -19.73 26.95
O2N NDP X . -17.87 -19.43 28.49
O2N NDP X . -15.10 -17.35 26.38
O5D NDP X . -16.85 -21.33 27.20
O5D NDP X . -14.10 -19.39 25.50
C5D NDP X . -17.22 -22.56 26.62
C5D NDP X . -14.04 -20.67 24.90
C4D NDP X . -16.19 -23.09 25.64
C4D NDP X . -13.60 -20.15 23.57
O4D NDP X . -15.89 -22.08 24.70
O4D NDP X . -13.06 -18.87 23.33
C3D NDP X . -14.86 -23.43 26.28
C3D NDP X . -12.49 -21.09 23.19
O3D NDP X . -14.68 -24.84 26.41
O3D NDP X . -12.78 -21.77 21.98
C2D NDP X . -13.82 -22.99 25.30
C2D NDP X . -11.38 -20.12 22.93
O2D NDP X . -13.38 -24.18 24.63
O2D NDP X . -10.35 -20.72 22.14
C1D NDP X . -14.51 -22.06 24.35
C1D NDP X . -12.10 -18.95 22.35
N1N NDP X . -13.97 -20.71 24.50
N1N NDP X . -11.12 -17.89 22.57
C2N NDP X . -13.07 -20.27 23.64
C2N NDP X . -10.50 -17.39 21.54
C3N NDP X . -12.55 -19.01 23.79
C3N NDP X . -9.66 -16.32 21.69
C7N NDP X . -11.54 -18.53 22.81
C7N NDP X . -8.90 -15.71 20.55
O7N NDP X . -11.01 -17.44 22.83
O7N NDP X . -8.22 -14.78 20.85
N7N NDP X . -11.24 -19.39 21.88
N7N NDP X . -8.98 -16.16 19.32
C4N NDP X . -13.00 -18.13 24.93
C4N NDP X . -9.43 -15.67 23.01
C5N NDP X . -14.00 -18.72 25.78
C5N NDP X . -10.21 -16.32 24.03
C6N NDP X . -14.43 -19.99 25.52
C6N NDP X . -11.02 -17.40 23.76
P2B NDP X . -21.39 -14.84 28.42
P2B NDP X . -21.39 -14.83 28.42
O1X NDP X . -20.98 -13.76 29.31
O1X NDP X . -20.98 -13.77 29.30
O2X NDP X . -22.80 -15.17 28.54
O2X NDP X . -22.81 -15.16 28.56
O3X NDP X . -20.50 -16.00 28.29
O3X NDP X . -20.51 -16.00 28.28
K K Y . -13.09 -18.46 7.82
K K Z . -14.42 -14.08 37.74
C1 GOL AA . 21.36 30.06 24.98
O1 GOL AA . 22.76 30.30 24.73
C2 GOL AA . 20.52 31.25 24.51
O2 GOL AA . 20.50 31.33 23.09
C3 GOL AA . 19.09 31.12 25.00
O3 GOL AA . 18.32 32.16 24.40
C1 GOL BA . 6.69 23.45 1.73
O1 GOL BA . 7.44 24.31 2.55
C2 GOL BA . 7.78 22.68 1.06
O2 GOL BA . 8.11 23.41 -0.11
C3 GOL BA . 8.94 22.66 2.02
O3 GOL BA . 9.12 21.41 2.67
C1 GOL CA . 0.73 49.05 12.22
O1 GOL CA . -0.54 49.67 12.01
C2 GOL CA . 0.95 48.75 13.69
O2 GOL CA . -0.07 47.89 14.13
C3 GOL CA . 2.24 48.00 13.92
O3 GOL CA . 2.05 47.04 14.94
C1 GOL DA . 18.22 42.98 -7.94
O1 GOL DA . 18.34 42.06 -6.84
C2 GOL DA . 17.54 42.33 -9.16
O2 GOL DA . 16.90 43.34 -9.94
C3 GOL DA . 18.54 41.58 -10.03
O3 GOL DA . 17.96 41.33 -11.34
PA NDP EA . 21.02 29.64 -0.21
PA NDP EA . 20.59 29.80 -0.38
O1A NDP EA . 20.13 29.09 -1.29
O1A NDP EA . 20.72 29.06 -1.59
O2A NDP EA . 22.51 29.78 -0.44
O2A NDP EA . 21.02 31.22 -0.34
O5B NDP EA . 20.81 28.78 1.14
O5B NDP EA . 21.24 28.81 0.61
C5B NDP EA . 20.47 27.39 1.14
C5B NDP EA . 20.40 28.01 1.41
C4B NDP EA . 21.20 26.69 2.28
C4B NDP EA . 21.17 27.06 2.33
O4B NDP EA . 22.31 25.92 1.78
O4B NDP EA . 22.16 26.34 1.63
C3B NDP EA . 21.81 27.71 3.25
C3B NDP EA . 21.94 27.75 3.41
O3B NDP EA . 21.75 27.21 4.58
O3B NDP EA . 22.07 26.85 4.48
C2B NDP EA . 23.25 27.81 2.83
C2B NDP EA . 23.32 27.89 2.85
O2B NDP EA . 24.04 28.08 3.99
O2B NDP EA . 24.24 28.11 3.88
C1B NDP EA . 23.56 26.44 2.25
C1B NDP EA . 23.47 26.56 2.17
N9A NDP EA . 24.54 26.49 1.13
N9A NDP EA . 24.47 26.58 1.08
C8A NDP EA . 24.69 27.80 0.53
C8A NDP EA . 24.66 27.87 0.48
N7A NDP EA . 25.71 27.52 -0.51
N7A NDP EA . 25.67 27.55 -0.51
C5A NDP EA . 26.05 26.20 -0.45
C5A NDP EA . 25.97 26.25 -0.42
C6A NDP EA . 26.98 25.34 -1.21
C6A NDP EA . 26.90 25.37 -1.14
N6A NDP EA . 27.74 25.83 -2.22
N6A NDP EA . 27.67 25.81 -2.13
N1A NDP EA . 27.07 24.05 -0.87
N1A NDP EA . 26.94 24.09 -0.77
C2A NDP EA . 26.34 23.50 0.12
C2A NDP EA . 26.18 23.59 0.19
N3A NDP EA . 25.46 24.20 0.87
N3A NDP EA . 25.32 24.31 0.89
C4A NDP EA . 25.28 25.52 0.63
C4A NDP EA . 25.19 25.60 0.63
O3 NDP EA . 20.43 31.06 0.27
O3 NDP EA . 19.09 29.68 0.05
PN NDP EA . 20.82 32.49 -0.35
PN NDP EA . 18.24 30.81 0.84
O1N NDP EA . 21.87 32.29 -1.43
O1N NDP EA . 19.00 32.06 0.54
O2N NDP EA . 21.06 33.41 0.82
O2N NDP EA . 18.12 30.25 2.21
O5D NDP EA . 19.45 32.92 -1.06
O5D NDP EA . 16.76 30.91 0.25
C5D NDP EA . 19.47 33.64 -2.28
C5D NDP EA . 16.52 31.57 -0.98
C4D NDP EA . 18.18 33.33 -3.04
C4D NDP EA . 15.89 30.32 -1.58
O4D NDP EA . 17.82 31.96 -2.86
O4D NDP EA . 15.43 29.31 -0.70
C3D NDP EA . 17.01 34.17 -2.55
C3D NDP EA . 14.68 30.74 -2.33
O3D NDP EA . 16.78 35.30 -3.39
O3D NDP EA . 14.71 30.29 -3.67
C2D NDP EA . 15.82 33.24 -2.67
C2D NDP EA . 13.61 29.96 -1.61
O2D NDP EA . 15.19 33.46 -3.93
O2D NDP EA . 12.43 29.85 -2.40
C1D NDP EA . 16.41 31.85 -2.64
C1D NDP EA . 14.31 28.70 -1.25
N1N NDP EA . 16.09 31.18 -1.38
N1N NDP EA . 13.50 28.28 -0.59
C2N NDP EA . 15.25 30.14 -1.38
C2N NDP EA . 12.70 27.25 -0.73
C3N NDP EA . 14.88 29.47 -0.21
C3N NDP EA . 12.13 26.64 0.37
C7N NDP EA . 13.93 28.29 -0.29
C7N NDP EA . 11.19 25.47 0.32
O7N NDP EA . 13.62 27.71 0.74
O7N NDP EA . 10.79 25.07 1.36
N7N NDP EA . 13.46 27.91 -1.47
N7N NDP EA . 10.85 24.91 -0.81
C4N NDP EA . 15.42 29.91 1.12
C4N NDP EA . 12.39 27.13 1.74
C5N NDP EA . 16.31 31.05 0.99
C5N NDP EA . 13.28 28.25 1.71
C6N NDP EA . 16.60 31.64 -0.23
C6N NDP EA . 13.80 28.77 0.57
P2B NDP EA . 24.68 29.52 4.23
P2B NDP EA . 24.58 29.58 4.31
O1X NDP EA . 25.01 29.51 5.70
O1X NDP EA . 24.83 29.25 5.69
O2X NDP EA . 25.88 29.57 3.31
O2X NDP EA . 25.77 29.89 3.52
O3X NDP EA . 23.58 30.49 3.84
O3X NDP EA . 23.40 30.39 4.03
O2' TOE FA . 9.16 24.45 5.40
CA' TOE FA . 8.28 25.49 5.80
CB' TOE FA . 7.75 26.14 4.58
OC' TOE FA . 6.64 26.88 4.91
CD' TOE FA . 5.56 26.03 5.17
CE' TOE FA . 4.59 26.79 6.02
OF' TOE FA . 4.07 25.80 6.85
CG' TOE FA . 2.72 26.02 7.23
CH' TOE FA . 1.99 24.77 7.68
OI' TOE FA . 0.61 24.99 7.42
CK' TOE FA . -0.24 23.91 7.70
C1 EDO GA . 8.37 28.05 2.77
O1 EDO GA . 9.62 28.30 2.13
C2 EDO GA . 7.51 27.14 1.89
O2 EDO GA . 6.27 26.89 2.57
K K HA . 19.38 36.94 11.72
K K IA . 12.99 17.39 -11.25
C1 GOL JA . 19.09 -0.18 -40.52
O1 GOL JA . 19.22 0.92 -39.62
C2 GOL JA . 17.69 -0.13 -41.14
O2 GOL JA . 17.74 0.67 -42.34
C3 GOL JA . 17.19 -1.54 -41.46
O3 GOL JA . 15.78 -1.52 -41.67
C1 GOL KA . 21.43 -8.51 -15.86
O1 GOL KA . 20.98 -7.26 -15.32
C2 GOL KA . 21.46 -9.58 -14.78
O2 GOL KA . 22.00 -9.02 -13.56
C3 GOL KA . 20.05 -10.13 -14.53
O3 GOL KA . 19.83 -11.32 -15.31
C1 GOL LA . 20.61 -7.31 -11.61
O1 GOL LA . 19.99 -8.12 -10.61
C2 GOL LA . 20.44 -5.82 -11.45
O2 GOL LA . 21.60 -5.22 -10.88
C3 GOL LA . 20.34 -5.26 -12.84
O3 GOL LA . 19.44 -4.19 -12.80
C1 GOL MA . 19.37 -5.09 -40.15
O1 GOL MA . 20.24 -3.98 -40.32
C2 GOL MA . 20.19 -6.23 -39.56
O2 GOL MA . 20.78 -5.76 -38.35
C3 GOL MA . 19.32 -7.43 -39.27
O3 GOL MA . 20.10 -8.34 -38.48
C1 GOL NA . 32.77 11.28 -20.27
O1 GOL NA . 31.87 10.41 -19.59
C2 GOL NA . 33.90 10.44 -20.72
O2 GOL NA . 34.99 10.78 -19.89
C3 GOL NA . 33.48 9.01 -20.46
O3 GOL NA . 33.09 8.41 -21.67
PA NDP OA . 30.71 2.51 -18.76
PA NDP OA . 30.76 2.38 -18.76
O1A NDP OA . 30.33 2.37 -17.40
O1A NDP OA . 31.11 3.42 -17.87
O2A NDP OA . 31.56 3.59 -19.04
O2A NDP OA . 31.84 1.97 -19.66
O5B NDP OA . 29.50 2.77 -19.68
O5B NDP OA . 29.57 2.96 -19.53
C5B NDP OA . 28.17 2.55 -19.32
C5B NDP OA . 28.26 2.44 -19.44
C4B NDP OA . 27.25 3.28 -20.24
C4B NDP OA . 27.28 3.21 -20.26
O4B NDP OA . 27.41 4.64 -20.06
O4B NDP OA . 27.43 4.58 -20.07
C3B NDP OA . 27.57 3.04 -21.67
C3B NDP OA . 27.55 3.01 -21.70
O3B NDP OA . 26.33 3.03 -22.32
O3B NDP OA . 26.28 3.01 -22.31
C2B NDP OA . 28.41 4.23 -22.05
C2B NDP OA . 28.38 4.21 -22.07
O2B NDP OA . 28.40 4.48 -23.45
O2B NDP OA . 28.38 4.46 -23.46
C1B NDP OA . 27.68 5.28 -21.29
C1B NDP OA . 27.66 5.24 -21.29
N9A NDP OA . 28.43 6.45 -20.89
N9A NDP OA . 28.42 6.42 -20.88
C8A NDP OA . 29.81 6.20 -20.74
C8A NDP OA . 29.81 6.17 -20.73
N7A NDP OA . 30.25 7.50 -20.33
N7A NDP OA . 30.23 7.46 -20.32
C5A NDP OA . 29.20 8.31 -20.25
C5A NDP OA . 29.19 8.28 -20.24
C6A NDP OA . 29.03 9.71 -19.89
C6A NDP OA . 29.01 9.68 -19.90
N6A NDP OA . 30.06 10.45 -19.55
N6A NDP OA . 30.04 10.43 -19.54
N1A NDP OA . 27.83 10.21 -19.96
N1A NDP OA . 27.82 10.19 -19.95
C2A NDP OA . 26.77 9.51 -20.29
C2A NDP OA . 26.77 9.48 -20.29
N3A NDP OA . 26.84 8.26 -20.62
N3A NDP OA . 26.84 8.23 -20.61
C4A NDP OA . 28.00 7.62 -20.62
C4A NDP OA . 27.99 7.60 -20.62
O3 NDP OA . 31.37 1.18 -19.21
O3 NDP OA . 30.27 1.07 -18.03
PN NDP OA . 32.81 0.98 -19.93
PN NDP OA . 30.51 -0.44 -18.58
O1N NDP OA . 33.68 2.17 -19.83
O1N NDP OA . 31.87 -0.28 -19.23
O2N NDP OA . 32.64 0.40 -21.26
O2N NDP OA . 29.32 -0.86 -19.34
O5D NDP OA . 33.49 -0.10 -19.04
O5D NDP OA . 30.56 -1.57 -17.46
C5D NDP OA . 34.29 0.38 -17.99
C5D NDP OA . 31.60 -1.65 -16.52
C4D NDP OA . 34.00 -0.37 -16.72
C4D NDP OA . 30.50 -1.32 -15.57
O4D NDP OA . 32.66 -0.15 -16.33
O4D NDP OA . 29.11 -1.47 -15.75
C3D NDP OA . 34.09 -1.87 -16.86
C3D NDP OA . 30.84 -2.28 -14.48
O3D NDP OA . 35.40 -2.34 -16.61
O3D NDP OA . 31.14 -1.60 -13.27
C2D NDP OA . 33.18 -2.33 -15.75
C2D NDP OA . 29.53 -2.98 -14.31
O2D NDP OA . 33.98 -2.44 -14.58
O2D NDP OA . 29.46 -3.64 -13.05
C1D NDP OA . 32.15 -1.23 -15.56
C1D NDP OA . 28.54 -1.91 -14.57
N1N NDP OA . 30.89 -1.61 -16.13
N1N NDP OA . 27.59 -2.65 -14.49
C2N NDP OA . 29.89 -1.93 -15.33
C2N NDP OA . 26.56 -2.74 -13.69
C3N NDP OA . 28.66 -2.33 -15.86
C3N NDP OA . 25.36 -3.31 -14.11
C7N NDP OA . 27.49 -2.72 -15.03
C7N NDP OA . 24.09 -3.48 -13.30
O7N NDP OA . 26.46 -3.06 -15.53
O7N NDP OA . 23.17 -3.97 -13.88
N7N NDP OA . 27.54 -2.68 -13.76
N7N NDP OA . 23.95 -3.12 -12.04
C4N NDP OA . 28.52 -2.37 -17.37
C4N NDP OA . 25.23 -3.79 -15.51
C5N NDP OA . 29.70 -1.97 -18.11
C5N NDP OA . 26.44 -3.60 -16.24
C6N NDP OA . 30.83 -1.60 -17.45
C6N NDP OA . 27.55 -3.03 -15.72
P2B NDP OA . 29.40 3.95 -24.49
P2B NDP OA . 29.40 3.95 -24.49
O1X NDP OA . 28.61 4.02 -25.65
O1X NDP OA . 28.61 4.00 -25.66
O2X NDP OA . 30.47 4.90 -24.48
O2X NDP OA . 30.43 4.92 -24.47
O3X NDP OA . 29.72 2.65 -24.00
O3X NDP OA . 29.75 2.65 -23.99
K K PA . 29.99 -5.81 -30.30
K K QA . 23.62 5.01 -2.87
#